data_5HCI
#
_entry.id   5HCI
#
_cell.length_a   107.990
_cell.length_b   119.180
_cell.length_c   347.670
_cell.angle_alpha   90.000
_cell.angle_beta   90.000
_cell.angle_gamma   90.000
#
_symmetry.space_group_name_H-M   'C 2 2 21'
#
loop_
_entity.id
_entity.type
_entity.pdbx_description
1 polymer 'GPN-loop GTPase 1'
2 non-polymer "GUANOSINE-5'-DIPHOSPHATE"
3 non-polymer 'MAGNESIUM ION'
4 non-polymer GLYCEROL
5 water water
#
_entity_poly.entity_id   1
_entity_poly.type   'polypeptide(L)'
_entity_poly.pdbx_seq_one_letter_code
;SLSTIICIGMAGSGKTTFMQRLNSHLRAEKTPPYVINLDPAVLRVPYGANIDIRDSIKYKKVMENYQLGPNGAIVTSLNL
FSTKIDQVIRLVEQKKDKFQNCIIDTPGQIECFVWSASGAIITESFASSFPTVIAYIVDTPRNSSPTTFMSNMLYACSIL
YKTKLPMIVVFNKTDVCKADFAKEWMTDFESFQAAIKEDQDGYMSSLVNSMSLMLEEFYSQLDVVGVSSFTGDGFDEFMQ
CVDKKVDEYDQYYKKHHHHHH
;
_entity_poly.pdbx_strand_id   A,B,C,D,E,F
#
# COMPACT_ATOMS: atom_id res chain seq x y z
N SER A 1 -11.31 8.61 -16.58
CA SER A 1 -10.90 9.40 -17.74
C SER A 1 -11.85 9.25 -18.95
N LEU A 2 -12.53 8.12 -19.01
CA LEU A 2 -13.48 7.82 -20.11
C LEU A 2 -14.65 8.82 -20.23
N SER A 3 -15.01 9.20 -21.45
CA SER A 3 -16.24 9.96 -21.66
C SER A 3 -17.30 9.09 -22.40
N THR A 4 -18.57 9.36 -22.14
CA THR A 4 -19.66 8.57 -22.73
C THR A 4 -20.38 9.35 -23.82
N ILE A 5 -20.53 8.69 -24.96
CA ILE A 5 -21.29 9.21 -26.11
C ILE A 5 -22.60 8.40 -26.28
N ILE A 6 -23.75 9.03 -26.07
CA ILE A 6 -25.02 8.35 -26.28
C ILE A 6 -25.64 8.78 -27.60
N CYS A 7 -25.81 7.82 -28.51
CA CYS A 7 -26.43 8.07 -29.81
C CYS A 7 -27.94 8.01 -29.72
N ILE A 8 -28.56 9.12 -30.05
CA ILE A 8 -29.99 9.32 -29.98
C ILE A 8 -30.47 9.95 -31.29
N GLY A 9 -31.61 9.49 -31.80
CA GLY A 9 -32.10 9.97 -33.08
C GLY A 9 -33.33 9.23 -33.53
N MET A 10 -33.97 9.75 -34.56
CA MET A 10 -35.18 9.16 -35.11
C MET A 10 -34.87 7.76 -35.61
N ALA A 11 -35.87 6.89 -35.61
CA ALA A 11 -35.72 5.57 -36.18
C ALA A 11 -35.30 5.69 -37.65
N GLY A 12 -34.36 4.85 -38.04
CA GLY A 12 -33.83 4.87 -39.39
C GLY A 12 -32.85 6.01 -39.71
N SER A 13 -32.59 6.92 -38.75
CA SER A 13 -31.65 8.03 -39.03
C SER A 13 -30.20 7.54 -39.14
N GLY A 14 -29.94 6.34 -38.64
CA GLY A 14 -28.65 5.70 -38.79
C GLY A 14 -27.84 5.52 -37.50
N LYS A 15 -28.50 5.59 -36.33
CA LYS A 15 -27.80 5.44 -35.04
C LYS A 15 -26.85 4.24 -35.00
N THR A 16 -27.34 3.07 -35.37
CA THR A 16 -26.55 1.84 -35.32
C THR A 16 -25.39 1.82 -36.36
N THR A 17 -25.63 2.37 -37.55
CA THR A 17 -24.62 2.45 -38.59
C THR A 17 -23.51 3.44 -38.22
N PHE A 18 -23.94 4.54 -37.62
CA PHE A 18 -23.09 5.56 -37.06
C PHE A 18 -22.23 4.93 -35.96
N MET A 19 -22.85 4.13 -35.09
CA MET A 19 -22.13 3.43 -34.03
C MET A 19 -21.06 2.48 -34.60
N GLN A 20 -21.44 1.74 -35.62
CA GLN A 20 -20.49 0.84 -36.28
C GLN A 20 -19.28 1.61 -36.84
N ARG A 21 -19.56 2.73 -37.51
CA ARG A 21 -18.48 3.50 -38.16
C ARG A 21 -17.58 4.27 -37.15
N LEU A 22 -18.19 4.87 -36.12
CA LEU A 22 -17.54 5.43 -34.98
C LEU A 22 -16.63 4.41 -34.31
N ASN A 23 -17.14 3.18 -34.13
CA ASN A 23 -16.33 2.12 -33.53
C ASN A 23 -15.10 1.84 -34.39
N SER A 24 -15.29 1.70 -35.70
CA SER A 24 -14.14 1.36 -36.55
C SER A 24 -13.13 2.51 -36.62
N HIS A 25 -13.64 3.72 -36.53
CA HIS A 25 -12.84 4.90 -36.60
C HIS A 25 -12.00 5.03 -35.34
N LEU A 26 -12.60 4.74 -34.20
CA LEU A 26 -11.88 4.85 -32.94
C LEU A 26 -10.84 3.75 -32.85
N ARG A 27 -11.20 2.53 -33.30
CA ARG A 27 -10.21 1.47 -33.32
C ARG A 27 -9.02 1.78 -34.23
N ALA A 28 -9.29 2.45 -35.35
CA ALA A 28 -8.22 2.79 -36.29
C ALA A 28 -7.28 3.83 -35.68
N GLU A 29 -7.82 4.67 -34.79
CA GLU A 29 -7.02 5.62 -34.02
C GLU A 29 -6.35 5.00 -32.79
N LYS A 30 -6.34 3.67 -32.72
CA LYS A 30 -5.81 2.94 -31.57
C LYS A 30 -6.48 3.32 -30.26
N THR A 31 -7.72 3.81 -30.32
CA THR A 31 -8.45 4.13 -29.10
C THR A 31 -9.82 3.48 -29.09
N PRO A 32 -9.84 2.15 -29.07
CA PRO A 32 -11.12 1.41 -29.19
C PRO A 32 -12.02 1.72 -28.01
N PRO A 33 -13.31 1.98 -28.28
CA PRO A 33 -14.28 2.30 -27.21
C PRO A 33 -14.81 1.06 -26.49
N TYR A 34 -15.45 1.30 -25.36
CA TYR A 34 -16.28 0.32 -24.68
C TYR A 34 -17.71 0.44 -25.23
N VAL A 35 -18.23 -0.63 -25.78
CA VAL A 35 -19.45 -0.53 -26.59
C VAL A 35 -20.68 -1.12 -25.88
N ILE A 36 -21.74 -0.32 -25.77
CA ILE A 36 -23.00 -0.76 -25.18
C ILE A 36 -24.15 -0.67 -26.19
N ASN A 37 -24.96 -1.73 -26.26
CA ASN A 37 -26.21 -1.70 -27.02
C ASN A 37 -27.42 -1.75 -26.10
N LEU A 38 -28.31 -0.78 -26.22
CA LEU A 38 -29.48 -0.73 -25.38
C LEU A 38 -30.77 -0.89 -26.20
N ASP A 39 -30.64 -1.30 -27.46
CA ASP A 39 -31.81 -1.65 -28.27
C ASP A 39 -32.11 -3.14 -28.11
N PRO A 40 -33.17 -3.46 -27.37
CA PRO A 40 -33.56 -4.87 -27.14
C PRO A 40 -34.20 -5.54 -28.36
N ALA A 41 -34.72 -4.75 -29.28
CA ALA A 41 -35.46 -5.28 -30.44
C ALA A 41 -34.58 -5.61 -31.62
N VAL A 42 -33.30 -5.20 -31.61
CA VAL A 42 -32.49 -5.29 -32.83
C VAL A 42 -32.13 -6.75 -33.08
N LEU A 43 -32.08 -7.13 -34.35
CA LEU A 43 -31.85 -8.53 -34.71
C LEU A 43 -30.40 -8.98 -34.70
N ARG A 44 -29.55 -8.25 -35.41
CA ARG A 44 -28.13 -8.43 -35.24
C ARG A 44 -27.47 -7.08 -35.04
N VAL A 45 -26.42 -7.08 -34.25
CA VAL A 45 -25.64 -5.89 -34.04
C VAL A 45 -24.36 -5.97 -34.90
N PRO A 46 -24.19 -5.04 -35.84
CA PRO A 46 -23.09 -5.08 -36.81
C PRO A 46 -21.76 -4.51 -36.26
N TYR A 47 -21.55 -4.65 -34.95
CA TYR A 47 -20.28 -4.39 -34.29
C TYR A 47 -20.23 -5.24 -33.02
N GLY A 48 -19.07 -5.30 -32.37
CA GLY A 48 -18.92 -6.04 -31.12
C GLY A 48 -19.40 -5.20 -29.96
N ALA A 49 -20.42 -5.65 -29.23
CA ALA A 49 -20.82 -4.93 -28.02
C ALA A 49 -20.28 -5.62 -26.76
N ASN A 50 -19.79 -4.80 -25.83
CA ASN A 50 -19.34 -5.28 -24.52
C ASN A 50 -20.49 -5.55 -23.59
N ILE A 51 -21.51 -4.71 -23.67
CA ILE A 51 -22.75 -4.91 -22.91
C ILE A 51 -23.89 -4.79 -23.89
N ASP A 52 -24.73 -5.83 -23.95
CA ASP A 52 -25.89 -5.89 -24.82
C ASP A 52 -27.12 -6.20 -23.99
N ILE A 53 -28.13 -5.34 -24.10
CA ILE A 53 -29.32 -5.46 -23.30
C ILE A 53 -30.02 -6.80 -23.63
N ARG A 54 -29.79 -7.30 -24.84
CA ARG A 54 -30.44 -8.50 -25.35
C ARG A 54 -29.99 -9.77 -24.65
N ASP A 55 -28.81 -9.69 -24.04
CA ASP A 55 -28.28 -10.80 -23.27
C ASP A 55 -29.14 -11.10 -22.04
N SER A 56 -29.28 -10.10 -21.16
CA SER A 56 -30.06 -10.26 -19.95
C SER A 56 -31.56 -10.36 -20.23
N ILE A 57 -31.98 -9.78 -21.34
CA ILE A 57 -33.40 -9.66 -21.66
C ILE A 57 -33.74 -10.20 -23.05
N LYS A 58 -34.63 -11.19 -23.11
CA LYS A 58 -35.05 -11.72 -24.39
C LYS A 58 -36.34 -10.98 -24.82
N TYR A 59 -36.22 -10.08 -25.80
CA TYR A 59 -37.26 -9.11 -26.21
C TYR A 59 -38.64 -9.69 -26.64
N LYS A 60 -38.57 -10.76 -27.42
CA LYS A 60 -39.74 -11.51 -27.78
C LYS A 60 -40.40 -12.03 -26.50
N LYS A 61 -39.55 -12.55 -25.59
CA LYS A 61 -40.07 -13.16 -24.38
C LYS A 61 -40.82 -12.13 -23.53
N VAL A 62 -40.32 -10.89 -23.48
CA VAL A 62 -40.97 -9.89 -22.63
C VAL A 62 -42.25 -9.44 -23.30
N MET A 63 -42.25 -9.46 -24.64
CA MET A 63 -43.47 -9.19 -25.38
C MET A 63 -44.55 -10.18 -24.93
N GLU A 64 -44.21 -11.46 -24.94
CA GLU A 64 -45.21 -12.49 -24.66
C GLU A 64 -45.63 -12.52 -23.18
N ASN A 65 -44.65 -12.51 -22.27
CA ASN A 65 -44.91 -12.58 -20.84
C ASN A 65 -45.60 -11.33 -20.25
N TYR A 66 -45.50 -10.18 -20.88
CA TYR A 66 -46.02 -8.95 -20.26
C TYR A 66 -47.26 -8.48 -20.98
N GLN A 67 -47.50 -9.12 -22.13
CA GLN A 67 -48.65 -8.87 -23.00
C GLN A 67 -48.76 -7.43 -23.45
N LEU A 68 -47.71 -6.95 -24.12
CA LEU A 68 -47.73 -5.59 -24.64
C LEU A 68 -47.21 -5.56 -26.09
N GLY A 69 -47.46 -4.44 -26.77
CA GLY A 69 -46.94 -4.22 -28.12
C GLY A 69 -45.50 -3.75 -28.16
N PRO A 70 -44.94 -3.55 -29.38
CA PRO A 70 -43.56 -3.09 -29.63
C PRO A 70 -43.06 -2.05 -28.61
N ASN A 71 -43.70 -0.90 -28.54
CA ASN A 71 -43.23 0.19 -27.67
C ASN A 71 -43.19 -0.16 -26.20
N GLY A 72 -44.25 -0.82 -25.75
CA GLY A 72 -44.25 -1.44 -24.47
C GLY A 72 -43.18 -2.45 -24.19
N ALA A 73 -42.89 -3.36 -25.11
CA ALA A 73 -41.90 -4.39 -24.84
C ALA A 73 -40.51 -3.74 -24.78
N ILE A 74 -40.30 -2.71 -25.61
CA ILE A 74 -39.04 -2.00 -25.61
C ILE A 74 -38.84 -1.31 -24.27
N VAL A 75 -39.84 -0.54 -23.85
CA VAL A 75 -39.76 0.13 -22.56
C VAL A 75 -39.64 -0.84 -21.36
N THR A 76 -40.29 -2.00 -21.45
CA THR A 76 -40.22 -3.03 -20.40
C THR A 76 -38.81 -3.60 -20.32
N SER A 77 -38.22 -3.89 -21.49
CA SER A 77 -36.85 -4.36 -21.54
C SER A 77 -35.94 -3.33 -20.88
N LEU A 78 -36.16 -2.06 -21.19
CA LEU A 78 -35.39 -0.98 -20.59
C LEU A 78 -35.57 -0.90 -19.06
N ASN A 79 -36.78 -1.11 -18.57
CA ASN A 79 -37.05 -1.19 -17.13
C ASN A 79 -36.21 -2.29 -16.45
N LEU A 80 -36.32 -3.49 -17.03
CA LEU A 80 -35.56 -4.63 -16.51
C LEU A 80 -34.07 -4.32 -16.49
N PHE A 81 -33.55 -3.82 -17.60
CA PHE A 81 -32.14 -3.42 -17.65
C PHE A 81 -31.81 -2.40 -16.56
N SER A 82 -32.67 -1.39 -16.40
CA SER A 82 -32.37 -0.27 -15.53
C SER A 82 -32.29 -0.73 -14.08
N THR A 83 -32.90 -1.87 -13.81
CA THR A 83 -32.75 -2.50 -12.50
C THR A 83 -31.29 -2.77 -12.10
N LYS A 84 -30.44 -3.03 -13.10
CA LYS A 84 -29.04 -3.40 -12.88
C LYS A 84 -28.04 -2.26 -13.17
N ILE A 85 -28.58 -1.04 -13.27
CA ILE A 85 -27.81 0.11 -13.73
C ILE A 85 -26.58 0.40 -12.84
N ASP A 86 -26.69 0.24 -11.53
CA ASP A 86 -25.54 0.38 -10.61
C ASP A 86 -24.38 -0.53 -10.98
N GLN A 87 -24.68 -1.82 -11.17
CA GLN A 87 -23.72 -2.78 -11.67
C GLN A 87 -23.08 -2.35 -12.98
N VAL A 88 -23.92 -1.90 -13.92
CA VAL A 88 -23.41 -1.50 -15.23
C VAL A 88 -22.40 -0.35 -15.10
N ILE A 89 -22.81 0.68 -14.36
CA ILE A 89 -21.99 1.86 -14.15
C ILE A 89 -20.65 1.47 -13.50
N ARG A 90 -20.71 0.60 -12.51
CA ARG A 90 -19.48 0.11 -11.89
C ARG A 90 -18.57 -0.65 -12.85
N LEU A 91 -19.19 -1.42 -13.75
CA LEU A 91 -18.44 -2.13 -14.76
C LEU A 91 -17.69 -1.13 -15.64
N VAL A 92 -18.38 -0.05 -16.03
CA VAL A 92 -17.76 0.90 -16.93
C VAL A 92 -16.65 1.61 -16.17
N GLU A 93 -16.93 1.92 -14.90
CA GLU A 93 -15.98 2.58 -13.99
C GLU A 93 -14.68 1.81 -13.89
N GLN A 94 -14.77 0.49 -13.73
CA GLN A 94 -13.59 -0.37 -13.76
C GLN A 94 -12.77 -0.20 -15.03
N LYS A 95 -13.43 0.09 -16.14
CA LYS A 95 -12.76 0.14 -17.45
C LYS A 95 -12.36 1.56 -17.81
N LYS A 96 -12.64 2.51 -16.91
CA LYS A 96 -12.57 3.92 -17.28
C LYS A 96 -11.17 4.47 -17.60
N ASP A 97 -10.13 3.68 -17.37
CA ASP A 97 -8.81 4.09 -17.77
C ASP A 97 -8.24 3.19 -18.85
N LYS A 98 -9.07 2.28 -19.35
CA LYS A 98 -8.62 1.36 -20.38
C LYS A 98 -9.23 1.74 -21.71
N PHE A 99 -10.30 2.52 -21.65
CA PHE A 99 -11.03 2.91 -22.85
C PHE A 99 -11.21 4.41 -22.86
N GLN A 100 -10.95 5.02 -24.01
CA GLN A 100 -11.06 6.47 -24.12
C GLN A 100 -12.53 6.87 -24.07
N ASN A 101 -13.37 6.14 -24.79
CA ASN A 101 -14.79 6.40 -24.79
C ASN A 101 -15.64 5.17 -24.54
N CYS A 102 -16.79 5.40 -23.91
CA CYS A 102 -17.88 4.46 -23.95
C CYS A 102 -18.92 4.99 -24.95
N ILE A 103 -19.29 4.20 -25.95
CA ILE A 103 -20.33 4.57 -26.89
C ILE A 103 -21.59 3.66 -26.77
N ILE A 104 -22.76 4.31 -26.79
CA ILE A 104 -24.04 3.69 -26.50
C ILE A 104 -25.07 3.86 -27.62
N ASP A 105 -25.49 2.73 -28.17
CA ASP A 105 -26.63 2.64 -29.10
C ASP A 105 -27.96 2.48 -28.34
N THR A 106 -29.02 3.11 -28.83
CA THR A 106 -30.29 3.14 -28.16
C THR A 106 -31.41 2.46 -28.98
N PRO A 107 -32.60 2.26 -28.38
CA PRO A 107 -33.74 1.75 -29.18
C PRO A 107 -33.99 2.61 -30.42
N GLY A 108 -34.60 2.01 -31.44
CA GLY A 108 -34.88 2.68 -32.70
C GLY A 108 -35.69 3.95 -32.47
N GLN A 109 -36.67 3.86 -31.58
CA GLN A 109 -37.61 4.95 -31.33
C GLN A 109 -37.06 5.81 -30.22
N ILE A 110 -36.94 7.11 -30.52
CA ILE A 110 -36.33 8.07 -29.64
C ILE A 110 -37.04 8.26 -28.29
N GLU A 111 -38.37 8.19 -28.31
CA GLU A 111 -39.18 8.44 -27.11
C GLU A 111 -39.20 7.25 -26.15
N CYS A 112 -38.90 6.07 -26.67
CA CYS A 112 -38.79 4.87 -25.82
C CYS A 112 -37.61 5.08 -24.87
N PHE A 113 -36.60 5.80 -25.34
CA PHE A 113 -35.41 6.03 -24.53
C PHE A 113 -35.42 7.33 -23.75
N VAL A 114 -35.81 8.47 -24.34
CA VAL A 114 -35.67 9.68 -23.54
C VAL A 114 -36.96 10.08 -22.82
N TRP A 115 -38.12 9.63 -23.28
CA TRP A 115 -39.33 9.87 -22.48
C TRP A 115 -39.87 8.63 -21.77
N SER A 116 -39.01 7.69 -21.45
CA SER A 116 -39.37 6.65 -20.49
C SER A 116 -38.62 6.92 -19.19
N ALA A 117 -39.21 6.53 -18.06
CA ALA A 117 -38.56 6.69 -16.77
C ALA A 117 -37.24 5.94 -16.70
N SER A 118 -37.24 4.73 -17.26
CA SER A 118 -36.05 3.90 -17.21
C SER A 118 -34.91 4.42 -18.11
N GLY A 119 -35.25 4.93 -19.29
CA GLY A 119 -34.26 5.50 -20.19
C GLY A 119 -33.63 6.75 -19.56
N ALA A 120 -34.46 7.60 -19.00
CA ALA A 120 -34.00 8.77 -18.25
C ALA A 120 -33.09 8.36 -17.07
N ILE A 121 -33.46 7.31 -16.34
CA ILE A 121 -32.60 6.83 -15.26
C ILE A 121 -31.25 6.34 -15.77
N ILE A 122 -31.26 5.61 -16.89
CA ILE A 122 -30.02 5.10 -17.46
C ILE A 122 -29.09 6.29 -17.86
N THR A 123 -29.70 7.27 -18.54
CA THR A 123 -28.98 8.44 -19.00
C THR A 123 -28.39 9.21 -17.81
N GLU A 124 -29.23 9.43 -16.80
CA GLU A 124 -28.85 10.14 -15.58
C GLU A 124 -27.69 9.43 -14.86
N SER A 125 -27.74 8.10 -14.86
CA SER A 125 -26.66 7.32 -14.24
C SER A 125 -25.33 7.58 -14.94
N PHE A 126 -25.35 7.49 -16.27
CA PHE A 126 -24.13 7.76 -17.01
C PHE A 126 -23.63 9.21 -16.83
N ALA A 127 -24.52 10.18 -16.99
CA ALA A 127 -24.25 11.60 -16.78
C ALA A 127 -23.67 11.89 -15.40
N SER A 128 -24.11 11.13 -14.41
CA SER A 128 -23.65 11.32 -13.04
C SER A 128 -22.30 10.69 -12.79
N SER A 129 -21.90 9.73 -13.62
CA SER A 129 -20.59 9.13 -13.38
C SER A 129 -19.46 9.54 -14.38
N PHE A 130 -19.82 9.96 -15.58
CA PHE A 130 -18.80 10.32 -16.57
C PHE A 130 -19.22 11.56 -17.36
N PRO A 131 -18.25 12.27 -17.94
CA PRO A 131 -18.67 13.23 -18.96
C PRO A 131 -19.51 12.49 -19.99
N THR A 132 -20.72 12.99 -20.26
CA THR A 132 -21.58 12.33 -21.23
C THR A 132 -22.12 13.32 -22.25
N VAL A 133 -22.03 12.91 -23.52
CA VAL A 133 -22.45 13.72 -24.65
C VAL A 133 -23.55 13.04 -25.48
N ILE A 134 -24.58 13.79 -25.85
CA ILE A 134 -25.60 13.27 -26.75
C ILE A 134 -25.22 13.53 -28.20
N ALA A 135 -25.01 12.47 -28.96
CA ALA A 135 -24.90 12.60 -30.41
C ALA A 135 -26.32 12.44 -31.00
N TYR A 136 -26.94 13.56 -31.35
CA TYR A 136 -28.28 13.56 -31.93
C TYR A 136 -28.21 13.35 -33.44
N ILE A 137 -28.56 12.14 -33.87
CA ILE A 137 -28.46 11.74 -35.26
C ILE A 137 -29.64 12.20 -36.12
N VAL A 138 -29.35 12.94 -37.18
CA VAL A 138 -30.35 13.46 -38.08
C VAL A 138 -30.31 12.78 -39.44
N ASP A 139 -31.47 12.27 -39.86
CA ASP A 139 -31.60 11.66 -41.16
C ASP A 139 -31.71 12.75 -42.22
N THR A 140 -30.55 13.18 -42.72
CA THR A 140 -30.42 14.39 -43.55
C THR A 140 -31.27 14.35 -44.81
N PRO A 141 -31.20 13.25 -45.59
CA PRO A 141 -32.04 13.22 -46.79
C PRO A 141 -33.53 13.46 -46.52
N ARG A 142 -33.99 13.20 -45.30
CA ARG A 142 -35.42 13.35 -45.00
C ARG A 142 -35.76 14.71 -44.42
N ASN A 143 -34.77 15.57 -44.24
CA ASN A 143 -35.02 16.85 -43.60
C ASN A 143 -34.72 18.05 -44.49
N SER A 144 -35.04 17.93 -45.77
CA SER A 144 -34.86 19.04 -46.72
C SER A 144 -36.00 20.04 -46.72
N SER A 145 -37.18 19.61 -46.32
CA SER A 145 -38.27 20.55 -46.14
C SER A 145 -37.93 21.39 -44.92
N PRO A 146 -38.04 22.72 -45.03
CA PRO A 146 -37.73 23.61 -43.91
C PRO A 146 -38.61 23.37 -42.67
N THR A 147 -39.89 23.04 -42.86
CA THR A 147 -40.75 22.77 -41.71
C THR A 147 -40.39 21.46 -41.03
N THR A 148 -40.07 20.43 -41.82
CA THR A 148 -39.59 19.16 -41.27
C THR A 148 -38.31 19.37 -40.47
N PHE A 149 -37.36 20.06 -41.10
CA PHE A 149 -36.10 20.41 -40.45
C PHE A 149 -36.31 21.12 -39.13
N MET A 150 -37.16 22.14 -39.14
CA MET A 150 -37.42 22.90 -37.92
C MET A 150 -38.07 22.08 -36.81
N SER A 151 -39.07 21.25 -37.17
CA SER A 151 -39.71 20.38 -36.18
C SER A 151 -38.65 19.48 -35.56
N ASN A 152 -37.76 18.95 -36.41
CA ASN A 152 -36.74 18.03 -35.95
C ASN A 152 -35.83 18.75 -34.96
N MET A 153 -35.51 20.00 -35.27
CA MET A 153 -34.68 20.80 -34.43
C MET A 153 -35.32 21.18 -33.10
N LEU A 154 -36.61 21.49 -33.12
CA LEU A 154 -37.38 21.70 -31.90
C LEU A 154 -37.35 20.44 -31.02
N TYR A 155 -37.48 19.29 -31.67
CA TYR A 155 -37.42 18.03 -30.95
C TYR A 155 -36.04 17.88 -30.26
N ALA A 156 -34.97 18.11 -31.02
CA ALA A 156 -33.60 18.09 -30.46
C ALA A 156 -33.45 19.07 -29.30
N CYS A 157 -34.08 20.23 -29.41
CA CYS A 157 -34.05 21.18 -28.31
C CYS A 157 -34.71 20.62 -27.05
N SER A 158 -35.91 20.05 -27.22
CA SER A 158 -36.62 19.47 -26.09
C SER A 158 -35.79 18.37 -25.44
N ILE A 159 -35.05 17.62 -26.25
CA ILE A 159 -34.16 16.58 -25.74
C ILE A 159 -32.99 17.17 -24.96
N LEU A 160 -32.38 18.21 -25.54
CA LEU A 160 -31.31 18.96 -24.88
C LEU A 160 -31.75 19.33 -23.48
N TYR A 161 -32.94 19.92 -23.38
CA TYR A 161 -33.49 20.34 -22.09
C TYR A 161 -33.80 19.20 -21.13
N LYS A 162 -34.40 18.15 -21.68
CA LYS A 162 -34.84 17.00 -20.90
C LYS A 162 -33.63 16.30 -20.25
N THR A 163 -32.58 16.12 -21.05
CA THR A 163 -31.41 15.38 -20.61
C THR A 163 -30.40 16.21 -19.84
N LYS A 164 -30.40 17.54 -20.08
CA LYS A 164 -29.42 18.45 -19.48
C LYS A 164 -27.98 18.00 -19.76
N LEU A 165 -27.77 17.55 -20.99
CA LEU A 165 -26.47 17.11 -21.45
C LEU A 165 -26.05 17.91 -22.68
N PRO A 166 -24.73 18.06 -22.89
CA PRO A 166 -24.29 18.70 -24.12
C PRO A 166 -24.76 17.91 -25.35
N MET A 167 -25.13 18.65 -26.40
CA MET A 167 -25.55 18.00 -27.65
C MET A 167 -24.70 18.35 -28.90
N ILE A 168 -24.37 17.29 -29.61
CA ILE A 168 -23.81 17.38 -30.94
C ILE A 168 -24.87 16.93 -32.00
N VAL A 169 -25.35 17.84 -32.81
CA VAL A 169 -26.21 17.46 -33.92
C VAL A 169 -25.35 16.92 -35.04
N VAL A 170 -25.67 15.70 -35.43
CA VAL A 170 -24.95 14.97 -36.44
C VAL A 170 -25.86 14.77 -37.66
N PHE A 171 -25.64 15.52 -38.72
CA PHE A 171 -26.33 15.26 -39.97
C PHE A 171 -25.70 14.08 -40.68
N ASN A 172 -26.37 12.95 -40.56
CA ASN A 172 -25.86 11.68 -41.09
C ASN A 172 -26.25 11.52 -42.58
N LYS A 173 -25.64 10.53 -43.25
CA LYS A 173 -25.90 10.17 -44.66
C LYS A 173 -25.52 11.23 -45.71
N THR A 174 -24.44 11.96 -45.46
CA THR A 174 -24.05 13.06 -46.36
C THR A 174 -23.64 12.55 -47.72
N ASP A 175 -23.36 11.26 -47.81
CA ASP A 175 -23.09 10.64 -49.10
C ASP A 175 -24.35 10.63 -50.03
N VAL A 176 -25.54 10.75 -49.45
CA VAL A 176 -26.77 10.82 -50.21
C VAL A 176 -27.15 12.28 -50.37
N CYS A 177 -27.13 12.98 -49.24
CA CYS A 177 -27.48 14.39 -49.23
C CYS A 177 -26.51 15.20 -48.36
N LYS A 178 -25.78 16.14 -48.97
CA LYS A 178 -24.88 16.98 -48.18
C LYS A 178 -25.66 17.83 -47.16
N ALA A 179 -24.99 18.20 -46.08
CA ALA A 179 -25.58 18.96 -44.99
C ALA A 179 -25.31 20.48 -45.03
N ASP A 180 -24.73 20.96 -46.13
CA ASP A 180 -24.55 22.41 -46.34
C ASP A 180 -25.81 23.23 -46.05
N PHE A 181 -26.94 22.83 -46.62
CA PHE A 181 -28.18 23.59 -46.50
C PHE A 181 -28.59 23.78 -45.05
N ALA A 182 -28.37 22.76 -44.24
CA ALA A 182 -28.81 22.77 -42.86
C ALA A 182 -27.86 23.63 -42.02
N LYS A 183 -26.56 23.43 -42.23
CA LYS A 183 -25.56 24.26 -41.58
C LYS A 183 -25.84 25.73 -41.86
N GLU A 184 -26.20 26.04 -43.10
CA GLU A 184 -26.54 27.40 -43.48
C GLU A 184 -27.78 27.89 -42.75
N TRP A 185 -28.81 27.04 -42.72
CA TRP A 185 -30.04 27.39 -42.03
C TRP A 185 -29.82 27.69 -40.54
N MET A 186 -28.84 27.03 -39.95
CA MET A 186 -28.56 27.18 -38.53
C MET A 186 -27.63 28.36 -38.29
N THR A 187 -26.85 28.68 -39.32
CA THR A 187 -25.86 29.73 -39.24
C THR A 187 -26.40 31.08 -39.68
N ASP A 188 -26.99 31.12 -40.86
CA ASP A 188 -27.54 32.35 -41.40
C ASP A 188 -29.06 32.23 -41.43
N PHE A 189 -29.70 32.78 -40.41
CA PHE A 189 -31.12 32.53 -40.21
C PHE A 189 -31.99 33.14 -41.28
N GLU A 190 -31.53 34.21 -41.90
CA GLU A 190 -32.29 34.83 -42.97
C GLU A 190 -32.48 33.88 -44.16
N SER A 191 -31.53 32.95 -44.34
CA SER A 191 -31.66 31.93 -45.39
C SER A 191 -32.82 30.97 -45.07
N PHE A 192 -32.95 30.64 -43.77
CA PHE A 192 -34.02 29.78 -43.31
C PHE A 192 -35.34 30.50 -43.46
N GLN A 193 -35.34 31.81 -43.18
CA GLN A 193 -36.57 32.60 -43.34
C GLN A 193 -36.98 32.62 -44.79
N ALA A 194 -35.99 32.71 -45.68
CA ALA A 194 -36.26 32.68 -47.11
C ALA A 194 -36.83 31.35 -47.59
N ALA A 195 -36.23 30.26 -47.11
CA ALA A 195 -36.69 28.93 -47.47
C ALA A 195 -38.13 28.72 -46.99
N ILE A 196 -38.42 29.18 -45.77
CA ILE A 196 -39.75 29.07 -45.20
C ILE A 196 -40.77 29.89 -45.99
N LYS A 197 -40.43 31.13 -46.33
CA LYS A 197 -41.34 32.02 -47.05
C LYS A 197 -41.68 31.44 -48.42
N GLU A 198 -40.67 30.95 -49.12
CA GLU A 198 -40.92 30.27 -50.38
C GLU A 198 -41.79 29.03 -50.21
N ASP A 199 -41.37 28.12 -49.33
CA ASP A 199 -42.04 26.84 -49.14
C ASP A 199 -43.45 26.98 -48.58
N GLN A 200 -43.58 27.78 -47.52
CA GLN A 200 -44.81 27.85 -46.77
C GLN A 200 -45.44 29.24 -46.81
N ASP A 201 -46.75 29.26 -46.67
CA ASP A 201 -47.48 30.52 -46.68
C ASP A 201 -47.52 31.23 -45.34
N GLY A 202 -47.18 32.50 -45.44
CA GLY A 202 -47.68 33.52 -44.55
C GLY A 202 -47.29 33.39 -43.11
N TYR A 203 -48.24 32.92 -42.31
CA TYR A 203 -48.10 32.96 -40.85
C TYR A 203 -46.82 32.27 -40.42
N MET A 204 -46.53 31.12 -41.01
CA MET A 204 -45.27 30.40 -40.78
C MET A 204 -44.10 31.35 -40.77
N SER A 205 -43.94 32.10 -41.86
CA SER A 205 -42.83 33.05 -41.98
C SER A 205 -42.79 33.90 -40.73
N SER A 206 -43.90 34.59 -40.49
CA SER A 206 -44.01 35.47 -39.33
C SER A 206 -43.66 34.72 -38.06
N LEU A 207 -44.22 33.51 -37.91
CA LEU A 207 -43.95 32.68 -36.74
C LEU A 207 -42.44 32.47 -36.64
N VAL A 208 -41.90 31.86 -37.67
CA VAL A 208 -40.48 31.59 -37.78
C VAL A 208 -39.67 32.86 -37.49
N ASN A 209 -40.21 34.03 -37.84
CA ASN A 209 -39.51 35.29 -37.53
C ASN A 209 -39.21 35.45 -36.05
N SER A 210 -40.22 35.38 -35.21
CA SER A 210 -39.98 35.56 -33.79
C SER A 210 -39.03 34.46 -33.28
N MET A 211 -39.28 33.26 -33.81
CA MET A 211 -38.56 32.10 -33.36
C MET A 211 -37.09 32.27 -33.72
N SER A 212 -36.81 33.20 -34.64
CA SER A 212 -35.44 33.47 -35.03
C SER A 212 -34.59 33.65 -33.79
N LEU A 213 -35.01 34.55 -32.91
CA LEU A 213 -34.19 34.77 -31.72
C LEU A 213 -34.09 33.48 -30.88
N MET A 214 -35.24 32.84 -30.63
CA MET A 214 -35.23 31.62 -29.81
C MET A 214 -34.30 30.54 -30.41
N LEU A 215 -34.48 30.29 -31.70
CA LEU A 215 -33.71 29.26 -32.38
C LEU A 215 -32.22 29.57 -32.36
N GLU A 216 -31.87 30.85 -32.49
CA GLU A 216 -30.47 31.21 -32.51
C GLU A 216 -29.88 30.83 -31.17
N GLU A 217 -30.60 31.14 -30.11
CA GLU A 217 -30.14 30.77 -28.77
C GLU A 217 -29.96 29.25 -28.61
N PHE A 218 -30.82 28.46 -29.28
CA PHE A 218 -30.65 27.00 -29.23
C PHE A 218 -29.39 26.60 -29.99
N TYR A 219 -29.24 27.12 -31.21
CA TYR A 219 -28.16 26.67 -32.08
C TYR A 219 -26.77 27.02 -31.52
N SER A 220 -26.71 28.09 -30.74
CA SER A 220 -25.42 28.49 -30.18
C SER A 220 -24.92 27.47 -29.17
N GLN A 221 -25.83 26.67 -28.62
CA GLN A 221 -25.46 25.64 -27.66
C GLN A 221 -24.91 24.39 -28.30
N LEU A 222 -25.28 24.17 -29.55
CA LEU A 222 -24.96 22.92 -30.22
C LEU A 222 -23.59 22.91 -30.82
N ASP A 223 -23.01 21.73 -30.94
CA ASP A 223 -22.01 21.58 -31.98
C ASP A 223 -22.64 20.79 -33.13
N VAL A 224 -22.15 21.00 -34.35
CA VAL A 224 -22.77 20.53 -35.57
C VAL A 224 -21.78 19.91 -36.55
N VAL A 225 -22.03 18.70 -37.00
CA VAL A 225 -21.16 18.03 -37.95
C VAL A 225 -21.97 17.28 -38.98
N GLY A 226 -21.39 17.11 -40.15
CA GLY A 226 -21.97 16.28 -41.16
C GLY A 226 -21.10 15.06 -41.31
N VAL A 227 -21.73 13.89 -41.35
CA VAL A 227 -20.99 12.65 -41.53
C VAL A 227 -21.69 11.73 -42.48
N SER A 228 -20.91 10.84 -43.08
CA SER A 228 -21.45 9.67 -43.74
C SER A 228 -20.99 8.47 -42.94
N SER A 229 -21.95 7.75 -42.35
CA SER A 229 -21.63 6.50 -41.66
C SER A 229 -21.26 5.41 -42.65
N PHE A 230 -21.59 5.60 -43.93
CA PHE A 230 -21.09 4.67 -44.96
C PHE A 230 -19.60 4.81 -45.32
N THR A 231 -19.14 6.04 -45.45
CA THR A 231 -17.77 6.28 -45.94
C THR A 231 -16.77 6.68 -44.84
N GLY A 232 -17.28 7.05 -43.66
CA GLY A 232 -16.47 7.50 -42.54
C GLY A 232 -16.09 8.98 -42.67
N ASP A 233 -16.61 9.64 -43.69
CA ASP A 233 -16.35 11.05 -43.85
C ASP A 233 -16.97 11.80 -42.70
N GLY A 234 -16.21 12.78 -42.19
CA GLY A 234 -16.66 13.67 -41.13
C GLY A 234 -16.48 13.21 -39.71
N PHE A 235 -15.98 11.99 -39.49
CA PHE A 235 -15.92 11.45 -38.13
C PHE A 235 -14.79 12.04 -37.28
N ASP A 236 -13.64 12.34 -37.90
CA ASP A 236 -12.58 13.11 -37.22
C ASP A 236 -13.14 14.40 -36.63
N GLU A 237 -13.95 15.08 -37.44
CA GLU A 237 -14.59 16.31 -37.00
C GLU A 237 -15.58 16.07 -35.85
N PHE A 238 -16.32 14.97 -35.93
CA PHE A 238 -17.24 14.62 -34.85
C PHE A 238 -16.45 14.42 -33.54
N MET A 239 -15.35 13.70 -33.60
CA MET A 239 -14.57 13.45 -32.38
C MET A 239 -13.97 14.77 -31.82
N GLN A 240 -13.67 15.72 -32.70
CA GLN A 240 -13.30 17.04 -32.21
C GLN A 240 -14.45 17.68 -31.46
N CYS A 241 -15.66 17.53 -32.00
CA CYS A 241 -16.85 18.04 -31.29
C CYS A 241 -17.09 17.33 -29.98
N VAL A 242 -16.68 16.06 -29.92
CA VAL A 242 -16.80 15.31 -28.69
C VAL A 242 -15.84 15.94 -27.66
N ASP A 243 -14.57 16.12 -28.02
CA ASP A 243 -13.59 16.68 -27.04
C ASP A 243 -14.05 18.05 -26.54
N LYS A 244 -14.54 18.87 -27.46
CA LYS A 244 -15.11 20.14 -27.05
C LYS A 244 -16.24 19.98 -26.03
N LYS A 245 -17.17 19.07 -26.33
CA LYS A 245 -18.32 18.89 -25.45
C LYS A 245 -17.98 18.25 -24.11
N VAL A 246 -16.94 17.43 -24.07
CA VAL A 246 -16.41 16.93 -22.80
C VAL A 246 -15.87 18.08 -21.95
N ASP A 247 -15.15 19.01 -22.59
CA ASP A 247 -14.69 20.20 -21.88
C ASP A 247 -15.90 20.98 -21.30
N GLU A 248 -16.81 21.32 -22.18
CA GLU A 248 -17.96 22.10 -21.76
C GLU A 248 -18.68 21.41 -20.61
N TYR A 249 -18.92 20.11 -20.80
CA TYR A 249 -19.50 19.25 -19.77
C TYR A 249 -18.85 19.50 -18.41
N ASP A 250 -17.52 19.40 -18.36
CA ASP A 250 -16.79 19.67 -17.10
C ASP A 250 -17.26 20.98 -16.51
N GLN A 251 -17.08 22.08 -17.24
CA GLN A 251 -17.44 23.38 -16.68
C GLN A 251 -18.93 23.57 -16.40
N TYR A 252 -19.70 23.61 -17.48
CA TYR A 252 -21.12 23.97 -17.45
C TYR A 252 -22.07 22.89 -16.96
N TYR A 253 -21.88 21.65 -17.43
CA TYR A 253 -22.91 20.62 -17.24
C TYR A 253 -22.73 19.73 -16.00
N LYS A 254 -21.51 19.58 -15.49
CA LYS A 254 -21.26 18.63 -14.39
C LYS A 254 -22.10 18.96 -13.15
N LYS A 255 -22.46 20.23 -12.98
CA LYS A 255 -23.20 20.69 -11.81
C LYS A 255 -24.64 20.20 -11.78
N HIS A 256 -25.15 19.70 -12.89
CA HIS A 256 -26.54 19.28 -12.98
C HIS A 256 -26.72 17.79 -12.73
N HIS A 257 -25.67 17.11 -12.30
CA HIS A 257 -25.73 15.65 -12.19
C HIS A 257 -25.03 15.09 -10.94
N SER B 1 -7.55 -3.11 -13.67
CA SER B 1 -7.95 -3.10 -15.07
C SER B 1 -7.31 -4.23 -15.88
N LEU B 2 -6.16 -4.70 -15.44
CA LEU B 2 -5.43 -5.78 -16.11
C LEU B 2 -6.22 -7.11 -16.18
N SER B 3 -6.07 -7.83 -17.29
CA SER B 3 -6.57 -9.18 -17.41
C SER B 3 -5.41 -10.18 -17.57
N THR B 4 -5.62 -11.39 -17.06
CA THR B 4 -4.62 -12.44 -17.09
C THR B 4 -4.87 -13.55 -18.11
N ILE B 5 -3.86 -13.86 -18.90
CA ILE B 5 -3.89 -14.86 -19.94
C ILE B 5 -2.92 -15.95 -19.52
N ILE B 6 -3.42 -17.14 -19.24
CA ILE B 6 -2.56 -18.27 -18.88
C ILE B 6 -2.46 -19.27 -20.03
N CYS B 7 -1.24 -19.53 -20.46
CA CYS B 7 -1.01 -20.38 -21.60
C CYS B 7 -0.81 -21.79 -21.15
N ILE B 8 -1.67 -22.65 -21.67
CA ILE B 8 -1.72 -24.05 -21.27
C ILE B 8 -1.84 -24.91 -22.51
N GLY B 9 -1.05 -25.96 -22.57
CA GLY B 9 -0.99 -26.76 -23.78
C GLY B 9 -0.07 -27.94 -23.61
N MET B 10 -0.13 -28.85 -24.57
CA MET B 10 0.71 -30.04 -24.57
C MET B 10 2.18 -29.64 -24.73
N ALA B 11 3.09 -30.48 -24.28
CA ALA B 11 4.51 -30.17 -24.33
C ALA B 11 4.83 -30.08 -25.80
N GLY B 12 5.55 -29.03 -26.17
CA GLY B 12 5.92 -28.94 -27.56
C GLY B 12 4.90 -28.26 -28.45
N SER B 13 3.77 -27.85 -27.89
CA SER B 13 2.75 -27.25 -28.73
C SER B 13 3.09 -25.80 -29.05
N GLY B 14 3.98 -25.22 -28.25
CA GLY B 14 4.50 -23.90 -28.54
C GLY B 14 4.09 -22.82 -27.55
N LYS B 15 3.70 -23.22 -26.34
CA LYS B 15 3.34 -22.25 -25.28
C LYS B 15 4.37 -21.10 -25.11
N THR B 16 5.66 -21.46 -25.04
CA THR B 16 6.71 -20.46 -24.79
C THR B 16 6.93 -19.55 -26.01
N THR B 17 6.92 -20.16 -27.21
CA THR B 17 7.07 -19.41 -28.46
C THR B 17 5.86 -18.47 -28.65
N PHE B 18 4.69 -18.99 -28.31
CA PHE B 18 3.45 -18.22 -28.36
C PHE B 18 3.54 -17.04 -27.40
N MET B 19 4.07 -17.28 -26.21
CA MET B 19 4.31 -16.22 -25.21
C MET B 19 5.28 -15.15 -25.71
N GLN B 20 6.37 -15.57 -26.33
CA GLN B 20 7.33 -14.64 -26.91
C GLN B 20 6.68 -13.74 -27.98
N ARG B 21 5.96 -14.36 -28.91
CA ARG B 21 5.29 -13.61 -29.96
C ARG B 21 4.17 -12.72 -29.42
N LEU B 22 3.42 -13.21 -28.44
CA LEU B 22 2.35 -12.40 -27.82
C LEU B 22 2.92 -11.18 -27.14
N ASN B 23 4.05 -11.39 -26.48
CA ASN B 23 4.77 -10.32 -25.81
C ASN B 23 5.21 -9.26 -26.81
N SER B 24 5.82 -9.69 -27.92
CA SER B 24 6.27 -8.72 -28.95
C SER B 24 5.09 -8.00 -29.62
N HIS B 25 4.00 -8.72 -29.81
CA HIS B 25 2.82 -8.16 -30.45
C HIS B 25 2.20 -7.10 -29.56
N LEU B 26 2.18 -7.36 -28.25
CA LEU B 26 1.55 -6.42 -27.34
C LEU B 26 2.42 -5.19 -27.18
N ARG B 27 3.73 -5.39 -27.17
CA ARG B 27 4.64 -4.24 -27.08
C ARG B 27 4.59 -3.37 -28.35
N ALA B 28 4.37 -3.99 -29.50
CA ALA B 28 4.21 -3.24 -30.73
C ALA B 28 2.93 -2.41 -30.69
N GLU B 29 1.91 -2.90 -29.97
CA GLU B 29 0.66 -2.16 -29.81
C GLU B 29 0.73 -1.16 -28.67
N LYS B 30 1.95 -0.90 -28.20
CA LYS B 30 2.20 0.03 -27.08
C LYS B 30 1.44 -0.39 -25.81
N THR B 31 1.20 -1.68 -25.68
CA THR B 31 0.53 -2.20 -24.50
C THR B 31 1.29 -3.40 -23.96
N PRO B 32 2.52 -3.16 -23.48
CA PRO B 32 3.39 -4.26 -23.04
C PRO B 32 2.83 -4.96 -21.79
N PRO B 33 2.87 -6.29 -21.76
CA PRO B 33 2.25 -7.03 -20.65
C PRO B 33 3.18 -7.19 -19.47
N TYR B 34 2.63 -7.63 -18.35
CA TYR B 34 3.43 -8.07 -17.21
C TYR B 34 3.68 -9.54 -17.45
N VAL B 35 4.93 -9.98 -17.43
CA VAL B 35 5.23 -11.34 -17.87
C VAL B 35 5.61 -12.26 -16.68
N ILE B 36 4.99 -13.44 -16.63
CA ILE B 36 5.33 -14.43 -15.61
C ILE B 36 5.70 -15.78 -16.24
N ASN B 37 6.81 -16.36 -15.79
CA ASN B 37 7.18 -17.72 -16.18
C ASN B 37 7.05 -18.68 -15.01
N LEU B 38 6.25 -19.73 -15.21
CA LEU B 38 6.05 -20.72 -14.14
C LEU B 38 6.63 -22.09 -14.49
N ASP B 39 7.37 -22.17 -15.58
CA ASP B 39 8.13 -23.39 -15.92
C ASP B 39 9.51 -23.37 -15.23
N PRO B 40 9.71 -24.22 -14.21
CA PRO B 40 10.96 -24.23 -13.43
C PRO B 40 12.06 -24.99 -14.14
N ALA B 41 11.69 -25.75 -15.17
CA ALA B 41 12.64 -26.62 -15.85
C ALA B 41 13.25 -25.99 -17.10
N VAL B 42 12.78 -24.80 -17.48
CA VAL B 42 13.18 -24.26 -18.79
C VAL B 42 14.59 -23.65 -18.64
N LEU B 43 15.39 -23.78 -19.70
CA LEU B 43 16.81 -23.43 -19.67
C LEU B 43 17.04 -21.94 -19.93
N ARG B 44 16.50 -21.45 -21.02
CA ARG B 44 16.43 -20.02 -21.18
C ARG B 44 15.03 -19.59 -21.58
N VAL B 45 14.67 -18.41 -21.14
CA VAL B 45 13.39 -17.85 -21.53
C VAL B 45 13.64 -16.79 -22.60
N PRO B 46 13.03 -16.98 -23.79
CA PRO B 46 13.28 -16.12 -24.97
C PRO B 46 12.48 -14.81 -24.94
N TYR B 47 12.13 -14.34 -23.75
CA TYR B 47 11.50 -13.05 -23.54
C TYR B 47 11.86 -12.60 -22.12
N GLY B 48 11.59 -11.34 -21.80
CA GLY B 48 11.90 -10.82 -20.49
C GLY B 48 10.75 -11.09 -19.54
N ALA B 49 11.02 -11.81 -18.46
CA ALA B 49 9.97 -12.14 -17.48
C ALA B 49 10.09 -11.28 -16.22
N ASN B 50 8.97 -10.73 -15.77
CA ASN B 50 8.90 -9.94 -14.55
C ASN B 50 8.96 -10.81 -13.31
N ILE B 51 8.29 -11.97 -13.39
CA ILE B 51 8.36 -12.96 -12.32
C ILE B 51 8.71 -14.30 -12.93
N ASP B 52 9.78 -14.91 -12.43
CA ASP B 52 10.27 -16.16 -12.97
C ASP B 52 10.43 -17.10 -11.80
N ILE B 53 9.73 -18.24 -11.87
CA ILE B 53 9.75 -19.22 -10.81
C ILE B 53 11.18 -19.74 -10.55
N ARG B 54 12.01 -19.75 -11.59
CA ARG B 54 13.42 -20.20 -11.47
C ARG B 54 14.28 -19.31 -10.57
N ASP B 55 13.87 -18.07 -10.35
CA ASP B 55 14.61 -17.19 -9.44
C ASP B 55 14.57 -17.69 -8.00
N SER B 56 13.36 -17.83 -7.47
CA SER B 56 13.18 -18.27 -6.09
C SER B 56 13.55 -19.75 -5.91
N ILE B 57 13.46 -20.50 -6.99
CA ILE B 57 13.62 -21.96 -6.92
C ILE B 57 14.65 -22.44 -7.93
N LYS B 58 15.68 -23.14 -7.45
CA LYS B 58 16.68 -23.68 -8.34
C LYS B 58 16.36 -25.13 -8.66
N TYR B 59 16.22 -25.38 -9.95
CA TYR B 59 15.61 -26.60 -10.43
C TYR B 59 16.37 -27.86 -10.05
N LYS B 60 17.66 -27.92 -10.37
CA LYS B 60 18.45 -29.11 -10.06
C LYS B 60 18.68 -29.20 -8.57
N LYS B 61 18.72 -28.07 -7.89
CA LYS B 61 18.80 -28.07 -6.44
C LYS B 61 17.58 -28.79 -5.84
N VAL B 62 16.42 -28.58 -6.45
CA VAL B 62 15.20 -29.31 -6.09
C VAL B 62 15.36 -30.82 -6.38
N MET B 63 15.79 -31.11 -7.62
CA MET B 63 15.95 -32.45 -8.14
C MET B 63 16.88 -33.32 -7.31
N GLU B 64 17.89 -32.68 -6.70
CA GLU B 64 18.92 -33.39 -5.97
C GLU B 64 18.68 -33.38 -4.47
N ASN B 65 18.31 -32.22 -3.93
CA ASN B 65 18.03 -32.11 -2.49
C ASN B 65 16.76 -32.86 -2.09
N TYR B 66 15.89 -33.13 -3.06
CA TYR B 66 14.66 -33.89 -2.77
C TYR B 66 14.67 -35.29 -3.34
N GLN B 67 15.66 -35.61 -4.17
CA GLN B 67 15.71 -36.89 -4.90
C GLN B 67 14.48 -37.05 -5.78
N LEU B 68 13.92 -35.94 -6.22
CA LEU B 68 12.78 -35.99 -7.10
C LEU B 68 13.27 -36.20 -8.53
N GLY B 69 12.51 -36.95 -9.31
CA GLY B 69 12.70 -37.02 -10.75
C GLY B 69 12.16 -35.74 -11.37
N PRO B 70 12.34 -35.56 -12.71
CA PRO B 70 11.97 -34.31 -13.40
C PRO B 70 10.56 -33.78 -13.09
N ASN B 71 9.53 -34.62 -13.09
CA ASN B 71 8.16 -34.11 -12.92
C ASN B 71 7.68 -33.90 -11.49
N GLY B 72 7.97 -34.86 -10.60
CA GLY B 72 8.09 -34.55 -9.20
C GLY B 72 8.79 -33.24 -8.93
N ALA B 73 9.96 -33.00 -9.54
CA ALA B 73 10.68 -31.76 -9.27
C ALA B 73 9.90 -30.54 -9.78
N ILE B 74 9.25 -30.69 -10.92
CA ILE B 74 8.40 -29.59 -11.44
C ILE B 74 7.27 -29.26 -10.45
N VAL B 75 6.51 -30.27 -10.05
CA VAL B 75 5.43 -30.10 -9.06
C VAL B 75 5.91 -29.58 -7.72
N THR B 76 7.09 -30.02 -7.28
CA THR B 76 7.73 -29.49 -6.07
C THR B 76 8.04 -28.01 -6.18
N SER B 77 8.57 -27.61 -7.34
CA SER B 77 8.94 -26.21 -7.58
C SER B 77 7.66 -25.40 -7.54
N LEU B 78 6.59 -25.97 -8.10
CA LEU B 78 5.31 -25.27 -8.13
C LEU B 78 4.73 -25.13 -6.72
N ASN B 79 4.88 -26.16 -5.90
CA ASN B 79 4.50 -26.08 -4.47
C ASN B 79 5.18 -24.94 -3.73
N LEU B 80 6.52 -24.93 -3.84
CA LEU B 80 7.34 -23.87 -3.22
C LEU B 80 6.86 -22.50 -3.68
N PHE B 81 6.72 -22.35 -5.00
CA PHE B 81 6.24 -21.09 -5.55
C PHE B 81 4.88 -20.70 -4.99
N SER B 82 3.97 -21.67 -4.94
CA SER B 82 2.59 -21.43 -4.54
C SER B 82 2.52 -20.95 -3.09
N THR B 83 3.55 -21.31 -2.32
CA THR B 83 3.72 -20.73 -0.98
C THR B 83 3.69 -19.19 -0.93
N LYS B 84 4.17 -18.54 -2.00
CA LYS B 84 4.29 -17.08 -2.01
C LYS B 84 3.23 -16.40 -2.88
N ILE B 85 2.17 -17.15 -3.17
CA ILE B 85 1.17 -16.73 -4.13
C ILE B 85 0.49 -15.43 -3.73
N ASP B 86 0.29 -15.20 -2.43
CA ASP B 86 -0.33 -13.98 -1.94
C ASP B 86 0.48 -12.77 -2.37
N GLN B 87 1.78 -12.86 -2.13
CA GLN B 87 2.74 -11.83 -2.49
C GLN B 87 2.74 -11.58 -3.99
N VAL B 88 2.76 -12.67 -4.76
CA VAL B 88 2.72 -12.56 -6.20
C VAL B 88 1.47 -11.81 -6.70
N ILE B 89 0.31 -12.20 -6.20
CA ILE B 89 -0.93 -11.57 -6.56
C ILE B 89 -0.88 -10.09 -6.20
N ARG B 90 -0.40 -9.76 -5.02
CA ARG B 90 -0.31 -8.36 -4.64
C ARG B 90 0.63 -7.56 -5.55
N LEU B 91 1.72 -8.20 -5.97
CA LEU B 91 2.62 -7.57 -6.93
C LEU B 91 1.93 -7.27 -8.26
N VAL B 92 1.11 -8.21 -8.72
CA VAL B 92 0.39 -7.96 -9.97
C VAL B 92 -0.65 -6.87 -9.75
N GLU B 93 -1.31 -6.90 -8.61
CA GLU B 93 -2.32 -5.93 -8.24
C GLU B 93 -1.76 -4.51 -8.28
N GLN B 94 -0.56 -4.34 -7.74
CA GLN B 94 0.14 -3.04 -7.76
C GLN B 94 0.35 -2.51 -9.17
N LYS B 95 0.60 -3.40 -10.11
CA LYS B 95 0.80 -3.04 -11.51
C LYS B 95 -0.47 -3.03 -12.37
N LYS B 96 -1.63 -3.32 -11.77
CA LYS B 96 -2.84 -3.62 -12.56
C LYS B 96 -3.35 -2.47 -13.40
N ASP B 97 -2.87 -1.26 -13.17
CA ASP B 97 -3.27 -0.14 -14.01
C ASP B 97 -2.14 0.32 -14.91
N LYS B 98 -0.99 -0.35 -14.82
CA LYS B 98 0.16 0.03 -15.62
C LYS B 98 0.35 -0.92 -16.81
N PHE B 99 -0.27 -2.09 -16.72
CA PHE B 99 -0.16 -3.09 -17.77
C PHE B 99 -1.56 -3.53 -18.18
N GLN B 100 -1.76 -3.72 -19.47
CA GLN B 100 -3.06 -4.10 -20.00
C GLN B 100 -3.31 -5.57 -19.69
N ASN B 101 -2.27 -6.38 -19.87
CA ASN B 101 -2.37 -7.80 -19.57
C ASN B 101 -1.19 -8.34 -18.74
N CYS B 102 -1.50 -9.35 -17.96
CA CYS B 102 -0.50 -10.25 -17.39
C CYS B 102 -0.55 -11.56 -18.17
N ILE B 103 0.59 -11.96 -18.74
CA ILE B 103 0.65 -13.22 -19.46
C ILE B 103 1.57 -14.22 -18.75
N ILE B 104 1.09 -15.48 -18.70
CA ILE B 104 1.70 -16.52 -17.91
C ILE B 104 2.05 -17.76 -18.72
N ASP B 105 3.33 -18.13 -18.69
CA ASP B 105 3.82 -19.36 -19.29
C ASP B 105 3.83 -20.46 -18.21
N THR B 106 3.57 -21.69 -18.62
CA THR B 106 3.47 -22.78 -17.65
C THR B 106 4.47 -23.94 -17.94
N PRO B 107 4.57 -24.92 -17.01
CA PRO B 107 5.45 -26.07 -17.27
C PRO B 107 5.14 -26.76 -18.60
N GLY B 108 6.15 -27.41 -19.18
CA GLY B 108 5.97 -28.09 -20.46
C GLY B 108 4.75 -29.03 -20.42
N GLN B 109 4.66 -29.77 -19.33
CA GLN B 109 3.66 -30.79 -19.17
C GLN B 109 2.38 -30.19 -18.58
N ILE B 110 1.26 -30.45 -19.25
CA ILE B 110 -0.01 -29.84 -18.88
C ILE B 110 -0.59 -30.27 -17.52
N GLU B 111 -0.39 -31.54 -17.14
CA GLU B 111 -0.92 -32.04 -15.86
C GLU B 111 -0.11 -31.61 -14.66
N CYS B 112 1.18 -31.36 -14.84
CA CYS B 112 2.03 -30.71 -13.81
C CYS B 112 1.33 -29.46 -13.29
N PHE B 113 0.71 -28.70 -14.20
CA PHE B 113 0.06 -27.44 -13.83
C PHE B 113 -1.42 -27.56 -13.49
N VAL B 114 -2.22 -28.25 -14.31
CA VAL B 114 -3.64 -28.14 -13.96
C VAL B 114 -4.11 -29.29 -13.07
N TRP B 115 -3.44 -30.44 -13.06
CA TRP B 115 -3.79 -31.47 -12.06
C TRP B 115 -2.82 -31.61 -10.89
N SER B 116 -2.12 -30.54 -10.52
CA SER B 116 -1.44 -30.49 -9.23
C SER B 116 -2.23 -29.55 -8.33
N ALA B 117 -2.26 -29.84 -7.04
CA ALA B 117 -2.88 -28.93 -6.07
C ALA B 117 -2.28 -27.50 -6.13
N SER B 118 -0.97 -27.39 -6.26
CA SER B 118 -0.34 -26.06 -6.29
C SER B 118 -0.66 -25.29 -7.60
N GLY B 119 -0.74 -26.00 -8.71
CA GLY B 119 -1.06 -25.36 -9.98
C GLY B 119 -2.49 -24.82 -9.97
N ALA B 120 -3.37 -25.63 -9.41
CA ALA B 120 -4.76 -25.25 -9.25
C ALA B 120 -4.89 -24.05 -8.30
N ILE B 121 -4.14 -24.03 -7.20
CA ILE B 121 -4.14 -22.88 -6.31
C ILE B 121 -3.66 -21.60 -7.05
N ILE B 122 -2.63 -21.73 -7.88
CA ILE B 122 -2.08 -20.56 -8.52
C ILE B 122 -3.12 -20.00 -9.49
N THR B 123 -3.71 -20.90 -10.27
CA THR B 123 -4.76 -20.55 -11.22
C THR B 123 -6.00 -19.93 -10.55
N GLU B 124 -6.40 -20.51 -9.44
CA GLU B 124 -7.50 -19.98 -8.65
C GLU B 124 -7.20 -18.59 -8.10
N SER B 125 -5.97 -18.36 -7.66
CA SER B 125 -5.62 -17.06 -7.11
C SER B 125 -5.75 -16.01 -8.21
N PHE B 126 -5.23 -16.33 -9.38
CA PHE B 126 -5.33 -15.36 -10.44
C PHE B 126 -6.79 -15.13 -10.88
N ALA B 127 -7.54 -16.21 -11.05
CA ALA B 127 -8.96 -16.13 -11.37
C ALA B 127 -9.76 -15.34 -10.34
N SER B 128 -9.31 -15.37 -9.09
CA SER B 128 -10.02 -14.70 -8.02
C SER B 128 -9.69 -13.22 -7.98
N SER B 129 -8.55 -12.84 -8.55
CA SER B 129 -8.16 -11.43 -8.44
C SER B 129 -8.32 -10.63 -9.74
N PHE B 130 -8.29 -11.29 -10.89
CA PHE B 130 -8.40 -10.60 -12.18
C PHE B 130 -9.24 -11.41 -13.14
N PRO B 131 -9.82 -10.75 -14.17
CA PRO B 131 -10.32 -11.53 -15.29
C PRO B 131 -9.20 -12.39 -15.84
N THR B 132 -9.42 -13.69 -15.94
CA THR B 132 -8.37 -14.61 -16.36
C THR B 132 -8.91 -15.55 -17.45
N VAL B 133 -8.11 -15.71 -18.50
CA VAL B 133 -8.47 -16.49 -19.67
C VAL B 133 -7.44 -17.57 -19.97
N ILE B 134 -7.89 -18.78 -20.26
CA ILE B 134 -6.97 -19.84 -20.63
C ILE B 134 -6.74 -19.90 -22.13
N ALA B 135 -5.49 -19.72 -22.54
CA ALA B 135 -5.16 -19.90 -23.95
C ALA B 135 -4.67 -21.32 -24.11
N TYR B 136 -5.56 -22.17 -24.58
CA TYR B 136 -5.24 -23.58 -24.75
C TYR B 136 -4.56 -23.82 -26.09
N ILE B 137 -3.27 -24.14 -26.05
CA ILE B 137 -2.44 -24.14 -27.23
C ILE B 137 -2.44 -25.51 -27.85
N VAL B 138 -2.74 -25.58 -29.13
CA VAL B 138 -2.81 -26.85 -29.84
C VAL B 138 -1.71 -26.96 -30.90
N ASP B 139 -0.95 -28.05 -30.84
CA ASP B 139 0.07 -28.32 -31.83
C ASP B 139 -0.62 -28.85 -33.11
N THR B 140 -1.05 -27.92 -33.96
CA THR B 140 -1.86 -28.21 -35.13
C THR B 140 -1.28 -29.28 -36.08
N PRO B 141 0.01 -29.19 -36.43
CA PRO B 141 0.52 -30.26 -37.30
C PRO B 141 0.35 -31.69 -36.74
N ARG B 142 0.25 -31.82 -35.42
CA ARG B 142 0.18 -33.14 -34.79
C ARG B 142 -1.23 -33.59 -34.57
N ASN B 143 -2.19 -32.72 -34.88
CA ASN B 143 -3.58 -33.07 -34.65
C ASN B 143 -4.41 -33.21 -35.92
N SER B 144 -3.83 -33.82 -36.96
CA SER B 144 -4.55 -34.05 -38.20
C SER B 144 -5.35 -35.33 -38.21
N SER B 145 -4.95 -36.30 -37.40
CA SER B 145 -5.77 -37.50 -37.18
C SER B 145 -7.03 -37.07 -36.44
N PRO B 146 -8.22 -37.50 -36.91
CA PRO B 146 -9.46 -37.07 -36.26
C PRO B 146 -9.50 -37.54 -34.80
N THR B 147 -8.98 -38.73 -34.54
CA THR B 147 -9.08 -39.30 -33.19
C THR B 147 -8.13 -38.56 -32.24
N THR B 148 -6.96 -38.21 -32.73
CA THR B 148 -6.00 -37.41 -31.96
C THR B 148 -6.50 -35.99 -31.65
N PHE B 149 -7.00 -35.31 -32.68
CA PHE B 149 -7.75 -34.09 -32.48
C PHE B 149 -8.84 -34.22 -31.40
N MET B 150 -9.71 -35.24 -31.51
CA MET B 150 -10.81 -35.38 -30.55
C MET B 150 -10.28 -35.56 -29.13
N SER B 151 -9.29 -36.43 -28.97
CA SER B 151 -8.76 -36.69 -27.65
C SER B 151 -8.20 -35.41 -27.05
N ASN B 152 -7.54 -34.65 -27.90
CA ASN B 152 -7.05 -33.36 -27.50
C ASN B 152 -8.19 -32.42 -27.05
N MET B 153 -9.29 -32.45 -27.80
CA MET B 153 -10.43 -31.60 -27.50
C MET B 153 -11.12 -32.01 -26.20
N LEU B 154 -11.20 -33.32 -25.95
CA LEU B 154 -11.76 -33.87 -24.72
C LEU B 154 -10.93 -33.39 -23.55
N TYR B 155 -9.63 -33.43 -23.75
CA TYR B 155 -8.70 -32.96 -22.75
C TYR B 155 -8.94 -31.48 -22.43
N ALA B 156 -9.06 -30.67 -23.49
CA ALA B 156 -9.35 -29.25 -23.33
C ALA B 156 -10.65 -29.03 -22.58
N CYS B 157 -11.62 -29.89 -22.84
CA CYS B 157 -12.91 -29.77 -22.18
C CYS B 157 -12.75 -30.04 -20.69
N SER B 158 -12.04 -31.11 -20.35
CA SER B 158 -11.80 -31.43 -18.95
C SER B 158 -11.09 -30.29 -18.25
N ILE B 159 -10.19 -29.59 -18.98
CA ILE B 159 -9.52 -28.44 -18.40
C ILE B 159 -10.50 -27.27 -18.21
N LEU B 160 -11.33 -27.02 -19.21
CA LEU B 160 -12.37 -26.00 -19.13
C LEU B 160 -13.20 -26.18 -17.86
N TYR B 161 -13.55 -27.41 -17.57
CA TYR B 161 -14.33 -27.72 -16.39
C TYR B 161 -13.56 -27.60 -15.09
N LYS B 162 -12.37 -28.20 -15.08
CA LYS B 162 -11.48 -28.16 -13.93
C LYS B 162 -11.19 -26.73 -13.45
N THR B 163 -10.89 -25.84 -14.40
CA THR B 163 -10.45 -24.48 -14.07
C THR B 163 -11.60 -23.49 -13.89
N LYS B 164 -12.75 -23.81 -14.49
CA LYS B 164 -13.90 -22.91 -14.50
C LYS B 164 -13.51 -21.51 -15.01
N LEU B 165 -12.71 -21.49 -16.07
CA LEU B 165 -12.29 -20.26 -16.71
C LEU B 165 -12.62 -20.27 -18.20
N PRO B 166 -12.88 -19.09 -18.77
CA PRO B 166 -13.08 -19.02 -20.23
C PRO B 166 -11.89 -19.55 -21.02
N MET B 167 -12.16 -20.22 -22.12
CA MET B 167 -11.11 -20.85 -22.91
C MET B 167 -11.09 -20.37 -24.37
N ILE B 168 -9.88 -20.05 -24.81
CA ILE B 168 -9.60 -19.81 -26.19
C ILE B 168 -8.73 -20.95 -26.71
N VAL B 169 -9.24 -21.72 -27.65
CA VAL B 169 -8.42 -22.71 -28.32
C VAL B 169 -7.59 -21.99 -29.39
N VAL B 170 -6.30 -22.25 -29.32
CA VAL B 170 -5.36 -21.61 -30.21
C VAL B 170 -4.63 -22.65 -31.04
N PHE B 171 -4.99 -22.76 -32.31
CA PHE B 171 -4.29 -23.69 -33.17
C PHE B 171 -3.03 -23.06 -33.66
N ASN B 172 -1.92 -23.50 -33.07
CA ASN B 172 -0.63 -22.86 -33.26
C ASN B 172 0.09 -23.48 -34.47
N LYS B 173 1.19 -22.84 -34.89
CA LYS B 173 2.03 -23.30 -36.02
C LYS B 173 1.33 -23.36 -37.38
N THR B 174 0.40 -22.44 -37.65
CA THR B 174 -0.32 -22.44 -38.93
C THR B 174 0.56 -22.23 -40.13
N ASP B 175 1.80 -21.83 -39.90
CA ASP B 175 2.76 -21.72 -40.99
C ASP B 175 3.21 -23.11 -41.44
N VAL B 176 3.15 -24.09 -40.56
CA VAL B 176 3.41 -25.48 -40.97
C VAL B 176 2.14 -26.15 -41.51
N CYS B 177 1.06 -26.00 -40.76
CA CYS B 177 -0.21 -26.61 -41.08
C CYS B 177 -1.37 -25.69 -40.76
N LYS B 178 -2.14 -25.32 -41.80
CA LYS B 178 -3.28 -24.43 -41.58
C LYS B 178 -4.35 -25.11 -40.73
N ALA B 179 -5.14 -24.31 -40.02
CA ALA B 179 -6.12 -24.84 -39.06
C ALA B 179 -7.52 -24.91 -39.63
N ASP B 180 -7.67 -24.71 -40.94
CA ASP B 180 -8.97 -24.78 -41.61
C ASP B 180 -9.73 -26.09 -41.28
N PHE B 181 -9.10 -27.22 -41.50
CA PHE B 181 -9.69 -28.53 -41.22
C PHE B 181 -10.28 -28.64 -39.79
N ALA B 182 -9.58 -28.09 -38.80
CA ALA B 182 -10.05 -28.18 -37.43
C ALA B 182 -11.22 -27.25 -37.18
N LYS B 183 -11.13 -26.02 -37.67
CA LYS B 183 -12.22 -25.06 -37.56
C LYS B 183 -13.49 -25.67 -38.18
N GLU B 184 -13.31 -26.37 -39.29
CA GLU B 184 -14.41 -27.01 -39.96
C GLU B 184 -14.97 -28.13 -39.10
N TRP B 185 -14.08 -28.95 -38.55
CA TRP B 185 -14.50 -30.04 -37.68
C TRP B 185 -15.30 -29.56 -36.47
N MET B 186 -14.95 -28.39 -35.96
CA MET B 186 -15.65 -27.85 -34.80
C MET B 186 -16.95 -27.15 -35.21
N THR B 187 -16.98 -26.67 -36.45
CA THR B 187 -18.10 -25.88 -36.93
C THR B 187 -19.16 -26.75 -37.58
N ASP B 188 -18.73 -27.57 -38.53
CA ASP B 188 -19.64 -28.43 -39.26
C ASP B 188 -19.36 -29.86 -38.85
N PHE B 189 -20.15 -30.37 -37.90
CA PHE B 189 -19.81 -31.64 -37.29
C PHE B 189 -19.94 -32.82 -38.22
N GLU B 190 -20.78 -32.72 -39.24
CA GLU B 190 -20.93 -33.80 -40.20
C GLU B 190 -19.60 -34.05 -40.92
N SER B 191 -18.78 -33.01 -41.05
CA SER B 191 -17.48 -33.17 -41.69
C SER B 191 -16.58 -34.01 -40.80
N PHE B 192 -16.70 -33.81 -39.50
CA PHE B 192 -15.90 -34.56 -38.53
C PHE B 192 -16.36 -36.01 -38.47
N GLN B 193 -17.67 -36.22 -38.58
CA GLN B 193 -18.21 -37.57 -38.67
C GLN B 193 -17.67 -38.26 -39.93
N ALA B 194 -17.62 -37.54 -41.06
CA ALA B 194 -17.08 -38.09 -42.31
C ALA B 194 -15.60 -38.48 -42.17
N ALA B 195 -14.81 -37.58 -41.58
CA ALA B 195 -13.38 -37.85 -41.34
C ALA B 195 -13.18 -39.07 -40.46
N ILE B 196 -14.01 -39.19 -39.43
CA ILE B 196 -13.96 -40.35 -38.54
C ILE B 196 -14.37 -41.64 -39.24
N LYS B 197 -15.43 -41.60 -40.03
CA LYS B 197 -15.92 -42.79 -40.72
C LYS B 197 -14.88 -43.31 -41.69
N GLU B 198 -14.27 -42.39 -42.43
CA GLU B 198 -13.21 -42.76 -43.35
C GLU B 198 -12.00 -43.31 -42.61
N ASP B 199 -11.52 -42.57 -41.62
CA ASP B 199 -10.30 -42.92 -40.89
C ASP B 199 -10.43 -44.19 -40.06
N GLN B 200 -11.53 -44.26 -39.32
CA GLN B 200 -11.72 -45.30 -38.32
C GLN B 200 -12.94 -46.14 -38.62
N ASP B 201 -12.85 -47.42 -38.26
CA ASP B 201 -14.00 -48.32 -38.36
C ASP B 201 -14.87 -47.91 -37.22
N GLY B 202 -15.48 -46.74 -37.39
CA GLY B 202 -15.85 -45.89 -36.27
C GLY B 202 -15.51 -46.56 -34.96
N TYR B 203 -14.21 -46.66 -34.66
CA TYR B 203 -13.76 -47.42 -33.49
C TYR B 203 -14.59 -46.86 -32.38
N MET B 204 -15.63 -47.61 -32.05
CA MET B 204 -16.67 -47.18 -31.13
C MET B 204 -17.35 -45.92 -31.71
N SER B 205 -17.89 -46.06 -32.93
CA SER B 205 -18.52 -44.99 -33.73
C SER B 205 -19.71 -44.37 -33.03
N SER B 206 -20.36 -45.28 -32.32
CA SER B 206 -21.31 -44.97 -31.29
C SER B 206 -20.98 -43.64 -30.62
N LEU B 207 -19.81 -43.65 -29.99
CA LEU B 207 -19.24 -42.48 -29.37
C LEU B 207 -19.29 -41.28 -30.36
N VAL B 208 -18.72 -41.26 -31.58
CA VAL B 208 -18.71 -39.94 -32.27
C VAL B 208 -20.10 -39.36 -32.66
N ASN B 209 -21.04 -40.18 -33.13
CA ASN B 209 -22.39 -39.62 -33.39
C ASN B 209 -23.07 -38.97 -32.12
N SER B 210 -23.20 -39.80 -31.09
CA SER B 210 -23.86 -39.28 -29.88
C SER B 210 -23.09 -38.05 -29.31
N MET B 211 -21.79 -38.24 -29.31
CA MET B 211 -20.92 -37.20 -28.87
C MET B 211 -21.11 -35.95 -29.71
N SER B 212 -21.69 -36.06 -30.91
CA SER B 212 -21.96 -34.86 -31.73
C SER B 212 -22.65 -33.88 -30.87
N LEU B 213 -23.76 -34.35 -30.31
CA LEU B 213 -24.44 -33.32 -29.45
C LEU B 213 -23.56 -32.83 -28.30
N MET B 214 -22.91 -33.76 -27.59
CA MET B 214 -22.08 -33.25 -26.45
C MET B 214 -20.94 -32.25 -26.84
N LEU B 215 -20.23 -32.59 -27.90
CA LEU B 215 -19.12 -31.80 -28.41
C LEU B 215 -19.58 -30.46 -28.92
N GLU B 216 -20.75 -30.40 -29.56
CA GLU B 216 -21.25 -29.11 -30.03
C GLU B 216 -21.41 -28.16 -28.85
N GLU B 217 -21.94 -28.70 -27.76
CA GLU B 217 -22.13 -27.93 -26.54
C GLU B 217 -20.80 -27.45 -25.98
N PHE B 218 -19.77 -28.29 -26.07
CA PHE B 218 -18.43 -27.82 -25.68
C PHE B 218 -17.94 -26.68 -26.60
N TYR B 219 -17.93 -26.90 -27.90
CA TYR B 219 -17.38 -25.94 -28.84
C TYR B 219 -18.06 -24.57 -28.78
N SER B 220 -19.33 -24.55 -28.43
CA SER B 220 -20.07 -23.28 -28.38
C SER B 220 -19.51 -22.36 -27.30
N GLN B 221 -18.84 -22.94 -26.31
CA GLN B 221 -18.26 -22.18 -25.21
C GLN B 221 -16.92 -21.54 -25.61
N LEU B 222 -16.23 -22.18 -26.53
CA LEU B 222 -14.88 -21.78 -26.88
C LEU B 222 -14.79 -20.58 -27.78
N ASP B 223 -13.71 -19.81 -27.67
CA ASP B 223 -13.35 -19.05 -28.86
C ASP B 223 -12.17 -19.75 -29.52
N VAL B 224 -12.03 -19.59 -30.82
CA VAL B 224 -11.07 -20.37 -31.60
C VAL B 224 -10.26 -19.47 -32.54
N VAL B 225 -8.94 -19.65 -32.56
CA VAL B 225 -8.10 -18.87 -33.47
C VAL B 225 -6.96 -19.70 -34.00
N GLY B 226 -6.50 -19.37 -35.19
CA GLY B 226 -5.31 -19.96 -35.74
C GLY B 226 -4.22 -18.91 -35.68
N VAL B 227 -3.04 -19.31 -35.21
CA VAL B 227 -1.90 -18.41 -35.22
C VAL B 227 -0.66 -19.13 -35.69
N SER B 228 0.32 -18.32 -36.10
CA SER B 228 1.68 -18.79 -36.21
C SER B 228 2.47 -17.94 -35.25
N SER B 229 3.01 -18.57 -34.21
CA SER B 229 3.92 -17.88 -33.30
C SER B 229 5.24 -17.48 -34.00
N PHE B 230 5.57 -18.13 -35.12
CA PHE B 230 6.76 -17.78 -35.89
C PHE B 230 6.59 -16.46 -36.62
N THR B 231 5.45 -16.29 -37.30
CA THR B 231 5.22 -15.11 -38.15
C THR B 231 4.37 -14.02 -37.53
N GLY B 232 3.69 -14.33 -36.42
CA GLY B 232 2.80 -13.37 -35.78
C GLY B 232 1.41 -13.31 -36.42
N ASP B 233 1.19 -14.15 -37.43
CA ASP B 233 -0.10 -14.21 -38.06
C ASP B 233 -1.15 -14.69 -37.05
N GLY B 234 -2.27 -14.00 -37.01
CA GLY B 234 -3.41 -14.42 -36.22
C GLY B 234 -3.52 -13.80 -34.83
N PHE B 235 -2.50 -13.04 -34.42
CA PHE B 235 -2.46 -12.62 -33.02
C PHE B 235 -3.41 -11.47 -32.71
N ASP B 236 -3.59 -10.54 -33.64
CA ASP B 236 -4.65 -9.55 -33.55
C ASP B 236 -5.99 -10.20 -33.22
N GLU B 237 -6.29 -11.25 -33.97
CA GLU B 237 -7.53 -12.01 -33.78
C GLU B 237 -7.56 -12.66 -32.40
N PHE B 238 -6.46 -13.30 -32.02
CA PHE B 238 -6.34 -13.81 -30.66
C PHE B 238 -6.68 -12.79 -29.58
N MET B 239 -6.12 -11.58 -29.69
CA MET B 239 -6.41 -10.54 -28.69
C MET B 239 -7.86 -10.09 -28.73
N GLN B 240 -8.48 -10.07 -29.91
CA GLN B 240 -9.93 -9.86 -29.95
C GLN B 240 -10.68 -10.94 -29.13
N CYS B 241 -10.28 -12.19 -29.31
CA CYS B 241 -10.87 -13.27 -28.52
C CYS B 241 -10.66 -13.06 -27.03
N VAL B 242 -9.48 -12.54 -26.67
CA VAL B 242 -9.20 -12.24 -25.27
C VAL B 242 -10.17 -11.19 -24.75
N ASP B 243 -10.38 -10.11 -25.48
CA ASP B 243 -11.29 -9.06 -25.02
C ASP B 243 -12.71 -9.61 -24.85
N LYS B 244 -13.17 -10.38 -25.83
CA LYS B 244 -14.47 -11.03 -25.73
C LYS B 244 -14.55 -11.89 -24.45
N LYS B 245 -13.53 -12.71 -24.23
CA LYS B 245 -13.51 -13.58 -23.05
C LYS B 245 -13.45 -12.80 -21.75
N VAL B 246 -12.79 -11.65 -21.73
CA VAL B 246 -12.79 -10.82 -20.53
C VAL B 246 -14.21 -10.31 -20.22
N ASP B 247 -14.94 -9.91 -21.27
CA ASP B 247 -16.38 -9.57 -21.10
C ASP B 247 -17.27 -10.70 -20.55
N GLU B 248 -17.14 -11.86 -21.20
CA GLU B 248 -17.80 -13.07 -20.71
C GLU B 248 -17.43 -13.33 -19.24
N TYR B 249 -16.12 -13.32 -18.96
CA TYR B 249 -15.60 -13.52 -17.61
C TYR B 249 -16.34 -12.67 -16.62
N ASP B 250 -16.45 -11.38 -16.92
CA ASP B 250 -17.20 -10.50 -16.05
C ASP B 250 -18.57 -11.09 -15.76
N GLN B 251 -19.38 -11.23 -16.79
CA GLN B 251 -20.74 -11.75 -16.58
C GLN B 251 -20.82 -13.17 -15.99
N TYR B 252 -20.41 -14.15 -16.80
CA TYR B 252 -20.61 -15.57 -16.50
C TYR B 252 -19.65 -16.16 -15.47
N TYR B 253 -18.38 -15.82 -15.58
CA TYR B 253 -17.36 -16.57 -14.85
C TYR B 253 -16.95 -16.00 -13.48
N LYS B 254 -17.11 -14.68 -13.29
CA LYS B 254 -16.64 -14.06 -12.05
C LYS B 254 -17.29 -14.66 -10.80
N LYS B 255 -18.51 -15.18 -10.94
CA LYS B 255 -19.25 -15.76 -9.80
C LYS B 255 -18.64 -17.05 -9.26
N HIS B 256 -17.74 -17.67 -10.02
CA HIS B 256 -17.17 -18.94 -9.57
C HIS B 256 -15.85 -18.78 -8.83
N HIS B 257 -15.49 -17.55 -8.51
CA HIS B 257 -14.13 -17.29 -7.98
C HIS B 257 -13.99 -16.21 -6.90
N HIS B 258 -13.77 -16.61 -5.65
CA HIS B 258 -13.28 -15.71 -4.58
C HIS B 258 -13.29 -16.49 -3.28
N SER C 1 9.30 9.79 -8.49
CA SER C 1 8.86 8.72 -9.39
C SER C 1 9.91 8.35 -10.44
N LEU C 2 10.75 9.31 -10.83
CA LEU C 2 11.83 9.08 -11.79
C LEU C 2 12.84 7.99 -11.38
N SER C 3 13.26 7.16 -12.33
CA SER C 3 14.39 6.27 -12.13
C SER C 3 15.62 6.69 -12.95
N THR C 4 16.81 6.36 -12.46
CA THR C 4 18.07 6.77 -13.11
C THR C 4 18.80 5.63 -13.80
N ILE C 5 19.15 5.83 -15.07
CA ILE C 5 19.88 4.86 -15.87
C ILE C 5 21.31 5.41 -16.12
N ILE C 6 22.32 4.75 -15.60
CA ILE C 6 23.67 5.20 -15.83
C ILE C 6 24.30 4.29 -16.85
N CYS C 7 24.79 4.87 -17.93
CA CYS C 7 25.44 4.11 -18.98
C CYS C 7 26.93 4.02 -18.75
N ILE C 8 27.40 2.78 -18.70
CA ILE C 8 28.77 2.46 -18.35
C ILE C 8 29.24 1.36 -19.28
N GLY C 9 30.47 1.50 -19.77
CA GLY C 9 31.03 0.52 -20.69
C GLY C 9 32.37 0.94 -21.21
N MET C 10 33.02 0.03 -21.90
CA MET C 10 34.33 0.27 -22.47
C MET C 10 34.32 1.44 -23.46
N ALA C 11 35.45 2.09 -23.64
CA ALA C 11 35.55 3.19 -24.58
C ALA C 11 35.24 2.69 -25.99
N GLY C 12 34.44 3.46 -26.74
CA GLY C 12 34.04 3.02 -28.07
C GLY C 12 32.89 1.98 -28.16
N SER C 13 32.39 1.49 -27.02
CA SER C 13 31.33 0.46 -27.03
C SER C 13 30.00 1.05 -27.46
N GLY C 14 29.87 2.37 -27.36
CA GLY C 14 28.73 3.09 -27.88
C GLY C 14 27.83 3.74 -26.82
N LYS C 15 28.38 4.02 -25.65
CA LYS C 15 27.61 4.61 -24.56
C LYS C 15 26.84 5.85 -25.03
N THR C 16 27.54 6.77 -25.72
CA THR C 16 26.97 8.04 -26.15
C THR C 16 25.92 7.89 -27.28
N THR C 17 26.21 7.02 -28.24
CA THR C 17 25.28 6.73 -29.32
C THR C 17 24.02 6.03 -28.73
N PHE C 18 24.24 5.14 -27.76
CA PHE C 18 23.14 4.44 -27.08
C PHE C 18 22.30 5.47 -26.34
N MET C 19 22.94 6.47 -25.75
CA MET C 19 22.26 7.55 -25.04
C MET C 19 21.42 8.37 -25.98
N GLN C 20 21.99 8.69 -27.14
CA GLN C 20 21.26 9.45 -28.16
C GLN C 20 19.99 8.68 -28.61
N ARG C 21 20.16 7.40 -28.94
CA ARG C 21 19.04 6.58 -29.37
C ARG C 21 18.00 6.37 -28.26
N LEU C 22 18.47 6.20 -27.03
CA LEU C 22 17.58 5.98 -25.89
C LEU C 22 16.73 7.22 -25.68
N ASN C 23 17.40 8.37 -25.78
CA ASN C 23 16.73 9.66 -25.69
C ASN C 23 15.64 9.81 -26.76
N SER C 24 15.96 9.49 -28.00
CA SER C 24 15.00 9.66 -29.08
C SER C 24 13.82 8.68 -28.93
N HIS C 25 14.14 7.48 -28.46
CA HIS C 25 13.14 6.44 -28.22
C HIS C 25 12.18 6.86 -27.13
N LEU C 26 12.70 7.42 -26.04
CA LEU C 26 11.84 7.79 -24.94
C LEU C 26 10.99 8.98 -25.35
N ARG C 27 11.56 9.91 -26.12
CA ARG C 27 10.76 11.06 -26.54
C ARG C 27 9.64 10.64 -27.48
N ALA C 28 9.90 9.62 -28.29
CA ALA C 28 8.91 9.13 -29.22
C ALA C 28 7.75 8.47 -28.43
N GLU C 29 8.05 7.93 -27.23
CA GLU C 29 7.06 7.34 -26.33
C GLU C 29 6.40 8.40 -25.45
N LYS C 30 6.58 9.67 -25.83
CA LYS C 30 6.08 10.80 -25.05
C LYS C 30 6.58 10.81 -23.58
N THR C 31 7.75 10.22 -23.33
CA THR C 31 8.31 10.17 -21.99
C THR C 31 9.79 10.65 -22.01
N PRO C 32 10.00 11.90 -22.42
CA PRO C 32 11.37 12.42 -22.59
C PRO C 32 12.14 12.46 -21.28
N PRO C 33 13.35 11.89 -21.26
CA PRO C 33 14.14 11.83 -20.03
C PRO C 33 14.84 13.15 -19.66
N TYR C 34 15.34 13.21 -18.43
CA TYR C 34 16.23 14.29 -18.00
C TYR C 34 17.65 13.82 -18.29
N VAL C 35 18.39 14.60 -19.07
CA VAL C 35 19.64 14.11 -19.62
C VAL C 35 20.87 14.72 -18.92
N ILE C 36 21.82 13.88 -18.55
CA ILE C 36 23.05 14.32 -17.92
C ILE C 36 24.27 13.75 -18.65
N ASN C 37 25.24 14.63 -18.93
CA ASN C 37 26.51 14.19 -19.50
C ASN C 37 27.66 14.41 -18.52
N LEU C 38 28.37 13.34 -18.21
CA LEU C 38 29.46 13.44 -17.25
C LEU C 38 30.82 13.17 -17.89
N ASP C 39 30.86 13.10 -19.22
CA ASP C 39 32.13 13.01 -19.95
C ASP C 39 32.65 14.44 -20.24
N PRO C 40 33.71 14.87 -19.53
CA PRO C 40 34.25 16.23 -19.67
C PRO C 40 35.07 16.41 -20.93
N ALA C 41 35.54 15.29 -21.48
CA ALA C 41 36.44 15.31 -22.63
C ALA C 41 35.72 15.30 -23.99
N VAL C 42 34.40 15.10 -24.01
CA VAL C 42 33.70 14.93 -25.30
C VAL C 42 33.55 16.26 -26.02
N LEU C 43 33.70 16.22 -27.33
CA LEU C 43 33.77 17.42 -28.15
C LEU C 43 32.40 18.00 -28.46
N ARG C 44 31.51 17.17 -28.97
CA ARG C 44 30.14 17.58 -29.09
C ARG C 44 29.27 16.47 -28.57
N VAL C 45 28.16 16.85 -27.97
CA VAL C 45 27.18 15.88 -27.52
C VAL C 45 26.01 15.83 -28.52
N PRO C 46 25.74 14.64 -29.10
CA PRO C 46 24.75 14.47 -30.18
C PRO C 46 23.31 14.35 -29.67
N TYR C 47 23.03 14.93 -28.51
CA TYR C 47 21.71 15.07 -27.95
C TYR C 47 21.69 16.31 -27.08
N GLY C 48 20.52 16.76 -26.65
CA GLY C 48 20.48 17.89 -25.74
C GLY C 48 20.64 17.42 -24.28
N ALA C 49 21.68 17.91 -23.59
CA ALA C 49 21.87 17.59 -22.17
C ALA C 49 21.35 18.69 -21.25
N ASN C 50 20.58 18.30 -20.22
CA ASN C 50 20.08 19.21 -19.18
C ASN C 50 21.19 19.64 -18.21
N ILE C 51 22.13 18.74 -17.98
CA ILE C 51 23.25 18.97 -17.11
C ILE C 51 24.46 18.37 -17.82
N ASP C 52 25.45 19.23 -18.07
CA ASP C 52 26.64 18.85 -18.80
C ASP C 52 27.85 19.26 -17.98
N ILE C 53 28.77 18.35 -17.76
CA ILE C 53 29.84 18.56 -16.83
C ILE C 53 30.78 19.60 -17.44
N ARG C 54 30.79 19.69 -18.76
CA ARG C 54 31.64 20.61 -19.51
C ARG C 54 31.28 22.07 -19.27
N ASP C 55 30.05 22.32 -18.81
CA ASP C 55 29.62 23.69 -18.55
C ASP C 55 30.40 24.28 -17.39
N SER C 56 30.29 23.65 -16.23
CA SER C 56 30.99 24.11 -15.04
C SER C 56 32.50 23.93 -15.13
N ILE C 57 32.95 22.99 -15.95
CA ILE C 57 34.35 22.63 -16.02
C ILE C 57 34.88 22.65 -17.45
N LYS C 58 35.91 23.45 -17.69
CA LYS C 58 36.52 23.49 -19.02
C LYS C 58 37.73 22.56 -19.09
N PRO C 70 47.01 15.33 -9.26
CA PRO C 70 47.76 14.31 -10.02
C PRO C 70 46.87 13.18 -10.54
N ASN C 71 46.18 13.39 -11.66
CA ASN C 71 45.31 12.37 -12.28
C ASN C 71 45.19 12.62 -13.79
N GLY C 72 44.41 11.82 -14.53
CA GLY C 72 43.60 12.51 -15.42
C GLY C 72 42.98 13.81 -15.03
N ALA C 73 43.02 14.61 -16.07
CA ALA C 73 42.10 15.70 -16.25
C ALA C 73 40.65 15.20 -16.15
N ILE C 74 40.38 13.99 -16.62
CA ILE C 74 39.01 13.48 -16.57
C ILE C 74 38.59 13.28 -15.09
N VAL C 75 39.44 12.60 -14.33
CA VAL C 75 39.17 12.40 -12.91
C VAL C 75 39.11 13.72 -12.13
N THR C 76 39.95 14.70 -12.51
CA THR C 76 39.88 16.03 -11.92
C THR C 76 38.58 16.79 -12.20
N SER C 77 38.14 16.74 -13.45
CA SER C 77 36.82 17.29 -13.82
C SER C 77 35.70 16.61 -13.02
N LEU C 78 35.81 15.30 -12.88
CA LEU C 78 34.82 14.56 -12.09
C LEU C 78 34.83 15.00 -10.62
N ASN C 79 36.02 15.20 -10.05
CA ASN C 79 36.14 15.73 -8.68
C ASN C 79 35.40 17.05 -8.51
N LEU C 80 35.72 17.98 -9.41
CA LEU C 80 35.16 19.32 -9.34
C LEU C 80 33.65 19.19 -9.40
N PHE C 81 33.18 18.42 -10.36
CA PHE C 81 31.74 18.20 -10.48
C PHE C 81 31.10 17.59 -9.22
N SER C 82 31.74 16.58 -8.66
CA SER C 82 31.24 15.90 -7.46
C SER C 82 31.12 16.83 -6.28
N THR C 83 31.85 17.93 -6.31
CA THR C 83 31.73 18.98 -5.29
C THR C 83 30.31 19.55 -5.21
N LYS C 84 29.61 19.56 -6.35
CA LYS C 84 28.28 20.16 -6.42
C LYS C 84 27.15 19.10 -6.45
N ILE C 85 27.50 17.88 -6.06
CA ILE C 85 26.62 16.74 -6.25
C ILE C 85 25.29 16.91 -5.51
N ASP C 86 25.29 17.56 -4.34
CA ASP C 86 24.08 17.84 -3.59
C ASP C 86 23.10 18.65 -4.39
N GLN C 87 23.62 19.74 -4.95
CA GLN C 87 22.86 20.61 -5.82
C GLN C 87 22.28 19.85 -7.01
N VAL C 88 23.11 18.98 -7.59
CA VAL C 88 22.69 18.24 -8.75
C VAL C 88 21.50 17.33 -8.42
N ILE C 89 21.66 16.57 -7.34
CA ILE C 89 20.64 15.65 -6.86
C ILE C 89 19.36 16.41 -6.57
N ARG C 90 19.46 17.57 -5.93
CA ARG C 90 18.26 18.35 -5.68
C ARG C 90 17.57 18.83 -6.94
N LEU C 91 18.37 19.21 -7.94
CA LEU C 91 17.81 19.58 -9.24
C LEU C 91 16.98 18.41 -9.83
N VAL C 92 17.53 17.20 -9.76
CA VAL C 92 16.86 16.08 -10.35
C VAL C 92 15.61 15.78 -9.53
N GLU C 93 15.73 15.89 -8.21
CA GLU C 93 14.62 15.72 -7.29
C GLU C 93 13.44 16.62 -7.60
N GLN C 94 13.74 17.90 -7.86
CA GLN C 94 12.73 18.86 -8.28
C GLN C 94 11.98 18.35 -9.51
N LYS C 95 12.70 17.70 -10.42
CA LYS C 95 12.14 17.30 -11.72
C LYS C 95 11.56 15.89 -11.68
N LYS C 96 11.61 15.25 -10.53
CA LYS C 96 11.35 13.81 -10.45
C LYS C 96 9.94 13.37 -10.85
N ASP C 97 9.01 14.30 -10.93
CA ASP C 97 7.65 13.92 -11.34
C ASP C 97 7.35 14.49 -12.70
N LYS C 98 8.37 15.11 -13.31
CA LYS C 98 8.20 15.71 -14.63
C LYS C 98 8.90 14.90 -15.70
N PHE C 99 9.74 13.97 -15.27
CA PHE C 99 10.47 13.09 -16.18
C PHE C 99 10.41 11.64 -15.72
N GLN C 100 10.28 10.74 -16.66
CA GLN C 100 10.10 9.34 -16.29
C GLN C 100 11.46 8.81 -15.89
N ASN C 101 12.45 9.13 -16.69
CA ASN C 101 13.82 8.73 -16.42
C ASN C 101 14.86 9.87 -16.43
N CYS C 102 15.90 9.68 -15.64
CA CYS C 102 17.13 10.44 -15.79
C CYS C 102 18.15 9.50 -16.41
N ILE C 103 18.72 9.90 -17.54
CA ILE C 103 19.75 9.08 -18.18
C ILE C 103 21.09 9.80 -18.17
N ILE C 104 22.15 9.03 -17.92
CA ILE C 104 23.47 9.58 -17.63
C ILE C 104 24.57 8.97 -18.53
N ASP C 105 25.24 9.83 -19.28
CA ASP C 105 26.39 9.39 -20.06
C ASP C 105 27.66 9.61 -19.22
N THR C 106 28.65 8.75 -19.38
CA THR C 106 29.85 8.81 -18.55
C THR C 106 31.13 9.00 -19.38
N PRO C 107 32.29 9.23 -18.71
CA PRO C 107 33.56 9.31 -19.46
C PRO C 107 33.79 8.12 -20.38
N GLY C 108 34.53 8.32 -21.47
CA GLY C 108 34.90 7.24 -22.37
C GLY C 108 35.40 5.99 -21.65
N GLN C 109 36.28 6.21 -20.66
CA GLN C 109 37.01 5.17 -19.97
C GLN C 109 36.22 4.80 -18.74
N ILE C 110 35.97 3.51 -18.60
CA ILE C 110 35.15 2.98 -17.52
C ILE C 110 35.75 3.18 -16.09
N GLU C 111 37.05 2.99 -15.92
CA GLU C 111 37.67 3.10 -14.59
C GLU C 111 37.75 4.52 -14.08
N CYS C 112 37.77 5.48 -14.99
CA CYS C 112 37.72 6.93 -14.65
C CYS C 112 36.48 7.15 -13.80
N PHE C 113 35.42 6.46 -14.15
CA PHE C 113 34.13 6.71 -13.50
C PHE C 113 33.85 5.76 -12.34
N VAL C 114 34.07 4.45 -12.50
CA VAL C 114 33.69 3.61 -11.36
C VAL C 114 34.85 3.37 -10.37
N TRP C 115 36.10 3.46 -10.79
CA TRP C 115 37.18 3.34 -9.82
C TRP C 115 37.87 4.66 -9.45
N SER C 116 37.12 5.76 -9.50
CA SER C 116 37.57 7.01 -8.90
C SER C 116 36.69 7.30 -7.70
N ALA C 117 37.21 8.02 -6.72
CA ALA C 117 36.41 8.36 -5.54
C ALA C 117 35.22 9.23 -5.91
N SER C 118 35.45 10.19 -6.79
CA SER C 118 34.41 11.13 -7.17
C SER C 118 33.30 10.46 -8.00
N GLY C 119 33.64 9.57 -8.91
CA GLY C 119 32.66 8.85 -9.71
C GLY C 119 31.79 7.92 -8.85
N ALA C 120 32.43 7.22 -7.92
CA ALA C 120 31.76 6.41 -6.89
C ALA C 120 30.81 7.25 -6.04
N ILE C 121 31.24 8.44 -5.64
CA ILE C 121 30.36 9.36 -4.92
C ILE C 121 29.14 9.78 -5.76
N ILE C 122 29.37 10.07 -7.04
CA ILE C 122 28.30 10.56 -7.89
C ILE C 122 27.25 9.46 -8.05
N THR C 123 27.73 8.25 -8.37
CA THR C 123 26.89 7.05 -8.46
C THR C 123 26.11 6.76 -7.17
N GLU C 124 26.81 6.82 -6.04
CA GLU C 124 26.20 6.59 -4.72
C GLU C 124 25.10 7.59 -4.43
N SER C 125 25.31 8.84 -4.83
CA SER C 125 24.36 9.92 -4.58
C SER C 125 23.07 9.63 -5.35
N PHE C 126 23.24 9.20 -6.60
CA PHE C 126 22.09 8.91 -7.40
C PHE C 126 21.38 7.66 -6.83
N ALA C 127 22.14 6.62 -6.50
CA ALA C 127 21.58 5.37 -5.96
C ALA C 127 20.84 5.60 -4.64
N SER C 128 21.25 6.61 -3.91
CA SER C 128 20.66 6.91 -2.63
C SER C 128 19.41 7.76 -2.80
N SER C 129 19.26 8.40 -3.96
CA SER C 129 18.06 9.23 -4.05
C SER C 129 16.94 8.68 -4.97
N PHE C 130 17.30 7.81 -5.90
CA PHE C 130 16.37 7.29 -6.89
C PHE C 130 16.68 5.83 -7.19
N PRO C 131 15.67 5.08 -7.65
CA PRO C 131 16.03 3.80 -8.25
C PRO C 131 17.04 4.06 -9.38
N THR C 132 18.16 3.35 -9.33
CA THR C 132 19.21 3.56 -10.30
C THR C 132 19.69 2.23 -10.86
N VAL C 133 19.90 2.21 -12.17
CA VAL C 133 20.21 1.00 -12.91
C VAL C 133 21.42 1.22 -13.78
N ILE C 134 22.33 0.25 -13.81
CA ILE C 134 23.51 0.38 -14.65
C ILE C 134 23.29 -0.29 -15.98
N ALA C 135 23.34 0.49 -17.07
CA ALA C 135 23.35 -0.09 -18.40
C ALA C 135 24.78 -0.32 -18.80
N TYR C 136 25.22 -1.56 -18.68
CA TYR C 136 26.59 -1.91 -19.01
C TYR C 136 26.70 -2.22 -20.50
N ILE C 137 27.36 -1.31 -21.24
CA ILE C 137 27.38 -1.37 -22.69
C ILE C 137 28.53 -2.21 -23.21
N VAL C 138 28.21 -3.21 -24.02
CA VAL C 138 29.19 -4.13 -24.57
C VAL C 138 29.36 -3.92 -26.06
N ASP C 139 30.61 -3.83 -26.47
CA ASP C 139 30.93 -3.69 -27.88
C ASP C 139 30.92 -5.08 -28.49
N THR C 140 29.75 -5.49 -28.98
CA THR C 140 29.52 -6.88 -29.41
C THR C 140 30.45 -7.37 -30.49
N PRO C 141 30.61 -6.60 -31.59
CA PRO C 141 31.57 -7.07 -32.59
C PRO C 141 32.98 -7.38 -32.06
N ARG C 142 33.40 -6.77 -30.95
CA ARG C 142 34.75 -6.97 -30.42
C ARG C 142 34.84 -8.09 -29.40
N ASN C 143 33.71 -8.67 -29.06
CA ASN C 143 33.69 -9.70 -28.02
C ASN C 143 33.29 -11.07 -28.53
N SER C 144 33.80 -11.45 -29.72
CA SER C 144 33.50 -12.75 -30.29
C SER C 144 34.46 -13.83 -29.83
N SER C 145 35.66 -13.43 -29.43
CA SER C 145 36.56 -14.36 -28.78
C SER C 145 36.00 -14.73 -27.41
N PRO C 146 35.91 -16.03 -27.10
CA PRO C 146 35.35 -16.47 -25.82
C PRO C 146 36.13 -15.90 -24.62
N THR C 147 37.45 -15.80 -24.73
CA THR C 147 38.26 -15.27 -23.62
C THR C 147 38.06 -13.76 -23.43
N THR C 148 37.96 -13.02 -24.53
CA THR C 148 37.67 -11.59 -24.47
C THR C 148 36.31 -11.31 -23.85
N PHE C 149 35.32 -12.08 -24.33
CA PHE C 149 33.97 -12.04 -23.78
C PHE C 149 34.02 -12.27 -22.28
N MET C 150 34.69 -13.34 -21.86
CA MET C 150 34.70 -13.69 -20.44
C MET C 150 35.37 -12.62 -19.60
N SER C 151 36.47 -12.08 -20.09
CA SER C 151 37.17 -11.00 -19.37
C SER C 151 36.25 -9.81 -19.20
N ASN C 152 35.59 -9.46 -20.28
CA ASN C 152 34.62 -8.38 -20.25
C ASN C 152 33.49 -8.65 -19.22
N MET C 153 33.04 -9.90 -19.16
CA MET C 153 31.97 -10.29 -18.22
C MET C 153 32.47 -10.24 -16.77
N LEU C 154 33.75 -10.60 -16.56
CA LEU C 154 34.35 -10.56 -15.24
C LEU C 154 34.39 -9.13 -14.76
N TYR C 155 34.73 -8.27 -15.71
CA TYR C 155 34.79 -6.83 -15.47
C TYR C 155 33.42 -6.30 -15.06
N ALA C 156 32.39 -6.70 -15.82
CA ALA C 156 31.01 -6.31 -15.50
C ALA C 156 30.64 -6.80 -14.11
N CYS C 157 31.14 -7.96 -13.73
CA CYS C 157 30.77 -8.51 -12.44
C CYS C 157 31.41 -7.68 -11.33
N SER C 158 32.69 -7.39 -11.50
CA SER C 158 33.35 -6.51 -10.53
C SER C 158 32.63 -5.17 -10.40
N ILE C 159 32.05 -4.69 -11.50
CA ILE C 159 31.30 -3.44 -11.45
C ILE C 159 29.99 -3.59 -10.70
N LEU C 160 29.29 -4.68 -10.98
CA LEU C 160 28.08 -5.03 -10.26
C LEU C 160 28.31 -4.98 -8.77
N TYR C 161 29.44 -5.55 -8.35
CA TYR C 161 29.76 -5.63 -6.93
C TYR C 161 30.13 -4.30 -6.35
N LYS C 162 30.98 -3.58 -7.10
CA LYS C 162 31.49 -2.27 -6.70
C LYS C 162 30.35 -1.27 -6.48
N THR C 163 29.37 -1.27 -7.37
CA THR C 163 28.31 -0.27 -7.36
C THR C 163 27.09 -0.67 -6.54
N LYS C 164 26.94 -1.99 -6.32
CA LYS C 164 25.81 -2.55 -5.61
C LYS C 164 24.48 -2.07 -6.22
N LEU C 165 24.47 -2.05 -7.56
CA LEU C 165 23.30 -1.61 -8.32
C LEU C 165 22.87 -2.71 -9.28
N PRO C 166 21.59 -2.77 -9.59
CA PRO C 166 21.12 -3.70 -10.62
C PRO C 166 21.78 -3.45 -11.97
N MET C 167 22.08 -4.53 -12.69
CA MET C 167 22.76 -4.39 -13.97
C MET C 167 22.01 -5.01 -15.17
N ILE C 168 21.97 -4.21 -16.23
CA ILE C 168 21.51 -4.68 -17.51
C ILE C 168 22.68 -4.72 -18.47
N VAL C 169 23.06 -5.92 -18.92
CA VAL C 169 24.09 -6.00 -19.94
C VAL C 169 23.42 -5.77 -21.28
N VAL C 170 23.99 -4.82 -22.01
CA VAL C 170 23.46 -4.39 -23.29
C VAL C 170 24.47 -4.68 -24.38
N PHE C 171 24.21 -5.71 -25.17
CA PHE C 171 25.06 -6.01 -26.31
C PHE C 171 24.69 -5.09 -27.44
N ASN C 172 25.51 -4.06 -27.62
CA ASN C 172 25.21 -3.00 -28.57
C ASN C 172 25.67 -3.40 -29.97
N LYS C 173 25.28 -2.62 -30.98
CA LYS C 173 25.78 -2.73 -32.38
C LYS C 173 25.35 -4.00 -33.07
N THR C 174 24.18 -4.53 -32.71
CA THR C 174 23.69 -5.80 -33.28
C THR C 174 23.47 -5.70 -34.79
N ASP C 175 23.46 -4.48 -35.33
CA ASP C 175 23.39 -4.33 -36.77
C ASP C 175 24.70 -4.76 -37.46
N VAL C 176 25.79 -4.78 -36.70
CA VAL C 176 27.07 -5.25 -37.22
C VAL C 176 27.25 -6.73 -36.88
N CYS C 177 26.93 -7.07 -35.64
CA CYS C 177 27.11 -8.43 -35.14
C CYS C 177 25.98 -8.78 -34.16
N LYS C 178 25.17 -9.78 -34.51
CA LYS C 178 24.08 -10.19 -33.65
C LYS C 178 24.61 -10.77 -32.34
N ALA C 179 23.81 -10.67 -31.29
CA ALA C 179 24.21 -11.05 -29.95
C ALA C 179 23.76 -12.45 -29.53
N ASP C 180 23.22 -13.20 -30.49
CA ASP C 180 22.81 -14.58 -30.25
C ASP C 180 23.89 -15.42 -29.55
N PHE C 181 25.08 -15.45 -30.13
CA PHE C 181 26.19 -16.22 -29.56
C PHE C 181 26.43 -15.94 -28.06
N ALA C 182 26.30 -14.67 -27.65
CA ALA C 182 26.59 -14.31 -26.27
C ALA C 182 25.43 -14.72 -25.37
N LYS C 183 24.22 -14.43 -25.80
CA LYS C 183 23.03 -14.87 -25.07
C LYS C 183 23.09 -16.37 -24.82
N GLU C 184 23.52 -17.11 -25.85
CA GLU C 184 23.70 -18.54 -25.72
C GLU C 184 24.78 -18.89 -24.70
N TRP C 185 25.93 -18.23 -24.80
CA TRP C 185 27.04 -18.47 -23.86
C TRP C 185 26.60 -18.24 -22.41
N MET C 186 25.79 -17.23 -22.19
CA MET C 186 25.34 -16.90 -20.85
C MET C 186 24.23 -17.84 -20.40
N THR C 187 23.51 -18.39 -21.37
CA THR C 187 22.35 -19.22 -21.08
C THR C 187 22.71 -20.69 -20.97
N ASP C 188 23.40 -21.19 -21.99
CA ASP C 188 23.77 -22.59 -22.03
C ASP C 188 25.27 -22.67 -21.89
N PHE C 189 25.72 -22.92 -20.66
CA PHE C 189 27.14 -22.78 -20.38
C PHE C 189 28.01 -23.83 -21.09
N GLU C 190 27.45 -25.00 -21.38
CA GLU C 190 28.21 -26.00 -22.10
C GLU C 190 28.64 -25.51 -23.47
N SER C 191 27.87 -24.60 -24.07
CA SER C 191 28.24 -24.02 -25.36
C SER C 191 29.48 -23.15 -25.20
N PHE C 192 29.54 -22.43 -24.09
CA PHE C 192 30.70 -21.60 -23.79
C PHE C 192 31.92 -22.47 -23.51
N GLN C 193 31.71 -23.57 -22.81
CA GLN C 193 32.82 -24.49 -22.55
C GLN C 193 33.33 -25.05 -23.88
N ALA C 194 32.42 -25.35 -24.80
CA ALA C 194 32.80 -25.85 -26.13
C ALA C 194 33.61 -24.80 -26.91
N ALA C 195 33.13 -23.57 -26.92
CA ALA C 195 33.82 -22.48 -27.60
C ALA C 195 35.22 -22.26 -27.02
N ILE C 196 35.34 -22.36 -25.70
CA ILE C 196 36.64 -22.21 -25.04
C ILE C 196 37.58 -23.35 -25.38
N LYS C 197 37.07 -24.59 -25.34
CA LYS C 197 37.88 -25.78 -25.61
C LYS C 197 38.43 -25.73 -27.03
N GLU C 198 37.57 -25.37 -27.97
CA GLU C 198 38.01 -25.21 -29.35
C GLU C 198 39.04 -24.08 -29.49
N ASP C 199 38.69 -22.90 -28.99
CA ASP C 199 39.54 -21.70 -29.13
C ASP C 199 40.85 -21.82 -28.35
N GLN C 200 40.75 -22.24 -27.09
CA GLN C 200 41.91 -22.21 -26.21
C GLN C 200 42.29 -23.60 -25.72
N ASP C 201 43.57 -23.77 -25.44
CA ASP C 201 44.11 -25.03 -24.91
C ASP C 201 43.96 -25.05 -23.42
N GLY C 202 43.52 -26.11 -22.75
CA GLY C 202 43.51 -26.07 -21.30
C GLY C 202 44.24 -24.98 -20.46
N TYR C 203 44.36 -23.76 -21.02
CA TYR C 203 45.12 -22.64 -20.43
C TYR C 203 44.31 -22.08 -19.31
N MET C 204 44.53 -22.65 -18.12
CA MET C 204 43.74 -22.34 -16.94
C MET C 204 42.28 -22.74 -17.21
N SER C 205 42.10 -23.76 -18.04
CA SER C 205 40.78 -24.30 -18.38
C SER C 205 39.98 -24.68 -17.15
N SER C 206 40.74 -25.28 -16.23
CA SER C 206 40.33 -25.57 -14.85
C SER C 206 39.36 -24.50 -14.38
N LEU C 207 39.81 -23.26 -14.62
CA LEU C 207 38.95 -22.13 -14.41
C LEU C 207 37.67 -22.30 -15.22
N VAL C 208 37.62 -22.33 -16.55
CA VAL C 208 36.29 -22.15 -17.15
C VAL C 208 35.27 -23.20 -16.64
N ASN C 209 35.68 -24.45 -16.44
CA ASN C 209 34.72 -25.41 -15.84
C ASN C 209 34.21 -24.97 -14.40
N SER C 210 35.17 -24.82 -13.49
CA SER C 210 34.79 -24.44 -12.12
C SER C 210 33.98 -23.10 -12.10
N MET C 211 34.53 -22.18 -12.88
CA MET C 211 33.91 -20.91 -13.05
C MET C 211 32.51 -21.06 -13.62
N SER C 212 32.18 -22.22 -14.21
CA SER C 212 30.81 -22.44 -14.70
C SER C 212 29.90 -22.13 -13.58
N LEU C 213 30.13 -22.81 -12.47
CA LEU C 213 29.16 -22.48 -11.37
C LEU C 213 29.20 -20.98 -10.98
N MET C 214 30.41 -20.45 -10.80
CA MET C 214 30.45 -19.02 -10.40
C MET C 214 29.76 -18.01 -11.37
N LEU C 215 30.03 -18.22 -12.66
CA LEU C 215 29.51 -17.38 -13.72
C LEU C 215 28.01 -17.51 -13.85
N GLU C 216 27.48 -18.72 -13.65
CA GLU C 216 26.03 -18.91 -13.70
C GLU C 216 25.40 -18.06 -12.63
N GLU C 217 25.99 -18.08 -11.43
CA GLU C 217 25.48 -17.23 -10.37
C GLU C 217 25.50 -15.74 -10.75
N PHE C 218 26.55 -15.31 -11.45
CA PHE C 218 26.59 -13.91 -11.93
C PHE C 218 25.47 -13.62 -12.93
N TYR C 219 25.37 -14.44 -13.96
CA TYR C 219 24.44 -14.19 -15.04
C TYR C 219 22.98 -14.17 -14.58
N SER C 220 22.66 -14.91 -13.52
CA SER C 220 21.29 -14.99 -13.04
C SER C 220 20.83 -13.64 -12.46
N GLN C 221 21.79 -12.81 -12.08
CA GLN C 221 21.50 -11.50 -11.56
C GLN C 221 21.21 -10.48 -12.65
N LEU C 222 21.75 -10.73 -13.83
CA LEU C 222 21.69 -9.74 -14.90
C LEU C 222 20.38 -9.76 -15.65
N ASP C 223 20.00 -8.63 -16.21
CA ASP C 223 19.13 -8.74 -17.38
C ASP C 223 19.98 -8.47 -18.62
N VAL C 224 19.55 -9.01 -19.76
CA VAL C 224 20.38 -9.02 -20.96
C VAL C 224 19.56 -8.64 -22.19
N VAL C 225 20.05 -7.69 -22.96
CA VAL C 225 19.37 -7.28 -24.18
C VAL C 225 20.37 -7.06 -25.30
N GLY C 226 19.94 -7.25 -26.54
CA GLY C 226 20.72 -6.84 -27.69
C GLY C 226 20.07 -5.61 -28.29
N VAL C 227 20.86 -4.58 -28.58
CA VAL C 227 20.33 -3.42 -29.27
C VAL C 227 21.23 -3.01 -30.41
N SER C 228 20.67 -2.25 -31.35
CA SER C 228 21.47 -1.46 -32.25
C SER C 228 21.10 -0.03 -31.97
N SER C 229 22.08 0.76 -31.53
CA SER C 229 21.88 2.18 -31.30
C SER C 229 21.72 2.92 -32.63
N PHE C 230 22.21 2.32 -33.73
CA PHE C 230 22.02 2.91 -35.05
C PHE C 230 20.56 2.82 -35.51
N THR C 231 19.92 1.65 -35.34
CA THR C 231 18.58 1.43 -35.89
C THR C 231 17.47 1.54 -34.86
N GLY C 232 17.81 1.50 -33.58
CA GLY C 232 16.81 1.58 -32.53
C GLY C 232 16.22 0.22 -32.19
N ASP C 233 16.69 -0.81 -32.88
CA ASP C 233 16.25 -2.17 -32.60
C ASP C 233 16.65 -2.56 -31.18
N GLY C 234 15.73 -3.18 -30.45
CA GLY C 234 16.02 -3.67 -29.12
C GLY C 234 15.69 -2.77 -27.96
N PHE C 235 15.32 -1.53 -28.24
CA PHE C 235 15.25 -0.56 -27.15
C PHE C 235 13.98 -0.69 -26.31
N ASP C 236 12.85 -0.98 -26.94
CA ASP C 236 11.64 -1.38 -26.23
C ASP C 236 11.97 -2.44 -25.16
N GLU C 237 12.69 -3.47 -25.60
CA GLU C 237 13.10 -4.57 -24.72
C GLU C 237 13.96 -4.05 -23.59
N PHE C 238 14.93 -3.19 -23.94
CA PHE C 238 15.81 -2.59 -22.93
C PHE C 238 15.00 -1.87 -21.89
N MET C 239 13.96 -1.14 -22.32
CA MET C 239 13.14 -0.40 -21.34
C MET C 239 12.33 -1.34 -20.47
N GLN C 240 11.98 -2.50 -21.01
CA GLN C 240 11.29 -3.49 -20.17
C GLN C 240 12.24 -3.98 -19.10
N CYS C 241 13.48 -4.27 -19.50
CA CYS C 241 14.49 -4.63 -18.50
C CYS C 241 14.66 -3.52 -17.47
N VAL C 242 14.60 -2.26 -17.89
CA VAL C 242 14.71 -1.16 -16.94
C VAL C 242 13.58 -1.22 -15.92
N ASP C 243 12.35 -1.39 -16.39
CA ASP C 243 11.22 -1.44 -15.45
C ASP C 243 11.37 -2.60 -14.46
N LYS C 244 11.76 -3.77 -14.98
CA LYS C 244 11.99 -4.93 -14.10
C LYS C 244 13.06 -4.59 -13.02
N LYS C 245 14.16 -3.97 -13.46
CA LYS C 245 15.24 -3.65 -12.55
C LYS C 245 14.80 -2.60 -11.54
N VAL C 246 13.96 -1.66 -11.93
CA VAL C 246 13.45 -0.68 -10.97
C VAL C 246 12.62 -1.35 -9.88
N ASP C 247 11.85 -2.38 -10.27
CA ASP C 247 11.14 -3.23 -9.27
C ASP C 247 12.06 -3.99 -8.29
N GLU C 248 13.00 -4.73 -8.87
CA GLU C 248 14.08 -5.38 -8.11
C GLU C 248 14.77 -4.40 -7.17
N TYR C 249 15.21 -3.25 -7.71
CA TYR C 249 15.84 -2.19 -6.95
C TYR C 249 15.05 -1.90 -5.71
N ASP C 250 13.75 -1.67 -5.88
CA ASP C 250 12.93 -1.40 -4.71
C ASP C 250 13.16 -2.47 -3.66
N GLN C 251 12.85 -3.71 -4.01
CA GLN C 251 13.00 -4.79 -3.02
C GLN C 251 14.43 -5.03 -2.50
N TYR C 252 15.27 -5.55 -3.39
CA TYR C 252 16.62 -6.05 -3.06
C TYR C 252 17.66 -4.95 -2.83
N TYR C 253 17.70 -3.95 -3.70
CA TYR C 253 18.84 -3.02 -3.74
C TYR C 253 18.71 -1.76 -2.89
N LYS C 254 17.49 -1.30 -2.61
CA LYS C 254 17.32 -0.04 -1.89
C LYS C 254 17.97 -0.05 -0.50
N LYS C 255 18.10 -1.22 0.10
CA LYS C 255 18.67 -1.35 1.45
C LYS C 255 20.16 -1.06 1.52
N HIS C 256 20.83 -1.04 0.38
CA HIS C 256 22.27 -0.80 0.35
C HIS C 256 22.66 0.64 0.13
N HIS C 257 21.69 1.55 0.20
CA HIS C 257 21.97 2.94 -0.15
C HIS C 257 21.25 3.96 0.75
N SER D 1 -9.27 3.30 50.66
CA SER D 1 -9.96 4.09 49.64
C SER D 1 -9.11 4.27 48.37
N LEU D 2 -7.80 4.23 48.52
CA LEU D 2 -6.85 4.37 47.41
C LEU D 2 -7.00 3.31 46.31
N SER D 3 -6.86 3.71 45.05
CA SER D 3 -6.76 2.74 43.96
C SER D 3 -5.37 2.78 43.34
N THR D 4 -4.93 1.64 42.80
CA THR D 4 -3.58 1.53 42.21
C THR D 4 -3.59 1.46 40.69
N ILE D 5 -2.77 2.30 40.08
CA ILE D 5 -2.59 2.36 38.64
C ILE D 5 -1.19 1.85 38.31
N ILE D 6 -1.09 0.72 37.60
CA ILE D 6 0.21 0.21 37.19
C ILE D 6 0.46 0.50 35.71
N CYS D 7 1.52 1.26 35.44
CA CYS D 7 1.87 1.61 34.07
C CYS D 7 2.72 0.52 33.42
N ILE D 8 2.22 0.03 32.30
CA ILE D 8 2.82 -1.11 31.62
C ILE D 8 2.80 -0.84 30.13
N GLY D 9 3.89 -1.15 29.45
CA GLY D 9 3.97 -0.87 28.02
C GLY D 9 5.33 -1.14 27.46
N MET D 10 5.43 -1.07 26.15
CA MET D 10 6.68 -1.34 25.45
C MET D 10 7.79 -0.35 25.88
N ALA D 11 9.03 -0.79 25.82
CA ALA D 11 10.15 0.09 26.10
C ALA D 11 10.07 1.30 25.17
N GLY D 12 10.21 2.50 25.74
CA GLY D 12 10.15 3.71 24.97
C GLY D 12 8.77 4.25 24.64
N SER D 13 7.73 3.56 25.07
CA SER D 13 6.39 4.00 24.75
C SER D 13 6.01 5.23 25.59
N GLY D 14 6.71 5.43 26.69
CA GLY D 14 6.50 6.62 27.50
C GLY D 14 5.97 6.41 28.90
N LYS D 15 6.14 5.20 29.45
CA LYS D 15 5.64 4.87 30.78
C LYS D 15 6.08 5.90 31.81
N THR D 16 7.37 6.22 31.82
CA THR D 16 7.95 7.09 32.84
C THR D 16 7.53 8.54 32.67
N THR D 17 7.45 9.00 31.42
CA THR D 17 6.99 10.35 31.10
C THR D 17 5.52 10.50 31.44
N PHE D 18 4.76 9.45 31.12
CA PHE D 18 3.33 9.36 31.44
C PHE D 18 3.14 9.43 32.95
N MET D 19 3.98 8.72 33.69
CA MET D 19 3.99 8.78 35.15
C MET D 19 4.26 10.19 35.67
N GLN D 20 5.26 10.86 35.10
CA GLN D 20 5.58 12.23 35.48
C GLN D 20 4.40 13.18 35.29
N ARG D 21 3.80 13.12 34.11
CA ARG D 21 2.66 13.98 33.79
C ARG D 21 1.41 13.64 34.62
N LEU D 22 1.17 12.35 34.85
CA LEU D 22 0.04 11.91 35.67
C LEU D 22 0.20 12.40 37.10
N ASN D 23 1.44 12.34 37.59
CA ASN D 23 1.76 12.87 38.90
C ASN D 23 1.47 14.37 39.00
N SER D 24 1.99 15.15 38.05
CA SER D 24 1.75 16.60 38.07
C SER D 24 0.26 16.92 37.94
N HIS D 25 -0.45 16.14 37.13
CA HIS D 25 -1.87 16.36 36.89
C HIS D 25 -2.67 16.12 38.16
N LEU D 26 -2.33 15.04 38.86
CA LEU D 26 -3.04 14.71 40.09
C LEU D 26 -2.74 15.73 41.18
N ARG D 27 -1.48 16.16 41.27
CA ARG D 27 -1.13 17.19 42.26
C ARG D 27 -1.82 18.52 41.98
N ALA D 28 -2.02 18.83 40.70
CA ALA D 28 -2.74 20.05 40.33
C ALA D 28 -4.21 19.95 40.75
N GLU D 29 -4.74 18.72 40.77
CA GLU D 29 -6.12 18.49 41.22
C GLU D 29 -6.21 18.35 42.73
N LYS D 30 -5.13 18.72 43.42
CA LYS D 30 -5.05 18.62 44.87
C LYS D 30 -5.23 17.18 45.36
N THR D 31 -4.90 16.21 44.51
CA THR D 31 -5.00 14.80 44.89
C THR D 31 -3.70 14.06 44.56
N PRO D 32 -2.60 14.46 45.22
CA PRO D 32 -1.29 13.91 44.90
C PRO D 32 -1.22 12.41 45.20
N PRO D 33 -0.67 11.62 44.27
CA PRO D 33 -0.61 10.17 44.45
C PRO D 33 0.56 9.72 45.32
N TYR D 34 0.51 8.46 45.72
CA TYR D 34 1.65 7.78 46.32
C TYR D 34 2.43 7.14 45.18
N VAL D 35 3.70 7.48 45.05
CA VAL D 35 4.44 7.11 43.85
C VAL D 35 5.45 5.98 44.09
N ILE D 36 5.40 4.96 43.23
CA ILE D 36 6.34 3.84 43.32
C ILE D 36 7.07 3.63 41.99
N ASN D 37 8.39 3.46 42.05
CA ASN D 37 9.18 3.09 40.87
C ASN D 37 9.76 1.70 40.99
N LEU D 38 9.50 0.87 39.99
CA LEU D 38 9.93 -0.52 40.06
C LEU D 38 10.91 -0.83 38.95
N ASP D 39 11.37 0.22 38.26
CA ASP D 39 12.45 0.06 37.28
C ASP D 39 13.79 0.24 37.98
N PRO D 40 14.55 -0.86 38.15
CA PRO D 40 15.84 -0.82 38.84
C PRO D 40 16.96 -0.27 37.96
N ALA D 41 16.72 -0.24 36.66
CA ALA D 41 17.75 0.15 35.71
C ALA D 41 17.74 1.63 35.39
N VAL D 42 16.72 2.36 35.82
CA VAL D 42 16.58 3.75 35.37
C VAL D 42 17.61 4.64 36.09
N LEU D 43 18.14 5.61 35.36
CA LEU D 43 19.25 6.43 35.83
C LEU D 43 18.79 7.56 36.74
N ARG D 44 17.85 8.36 36.25
CA ARG D 44 17.19 9.31 37.13
C ARG D 44 15.70 9.19 36.94
N VAL D 45 14.98 9.42 38.02
CA VAL D 45 13.53 9.46 37.97
C VAL D 45 13.04 10.90 37.97
N PRO D 46 12.31 11.32 36.91
CA PRO D 46 11.88 12.72 36.72
C PRO D 46 10.63 13.09 37.51
N TYR D 47 10.43 12.41 38.64
CA TYR D 47 9.39 12.75 39.60
C TYR D 47 9.84 12.24 40.97
N GLY D 48 9.14 12.64 42.03
CA GLY D 48 9.47 12.17 43.36
C GLY D 48 8.80 10.85 43.66
N ALA D 49 9.60 9.82 43.95
CA ALA D 49 9.06 8.51 44.27
C ALA D 49 9.09 8.25 45.77
N ASN D 50 7.96 7.76 46.31
CA ASN D 50 7.86 7.38 47.71
C ASN D 50 8.56 6.06 47.99
N ILE D 51 8.48 5.14 47.02
CA ILE D 51 9.17 3.87 47.10
C ILE D 51 9.89 3.66 45.78
N ASP D 52 11.20 3.48 45.85
CA ASP D 52 12.03 3.27 44.68
C ASP D 52 12.81 1.98 44.85
N ILE D 53 12.66 1.08 43.89
CA ILE D 53 13.32 -0.22 43.98
C ILE D 53 14.84 -0.04 44.04
N ARG D 54 15.33 1.04 43.45
CA ARG D 54 16.76 1.32 43.38
C ARG D 54 17.40 1.59 44.74
N ASP D 55 16.57 1.97 45.71
CA ASP D 55 17.06 2.21 47.07
C ASP D 55 17.57 0.93 47.71
N SER D 56 16.68 -0.06 47.83
CA SER D 56 17.02 -1.34 48.44
C SER D 56 17.98 -2.16 47.58
N ILE D 57 17.96 -1.91 46.27
CA ILE D 57 18.71 -2.72 45.32
C ILE D 57 19.59 -1.87 44.42
N LYS D 58 20.90 -2.11 44.43
CA LYS D 58 21.81 -1.39 43.56
C LYS D 58 22.06 -2.17 42.27
N TYR D 59 21.71 -1.55 41.15
CA TYR D 59 21.60 -2.26 39.86
C TYR D 59 22.93 -2.57 39.17
N LYS D 60 23.96 -1.76 39.41
CA LYS D 60 25.29 -2.05 38.87
C LYS D 60 25.92 -3.23 39.62
N LYS D 61 25.83 -3.15 40.95
CA LYS D 61 26.21 -4.24 41.84
C LYS D 61 25.56 -5.55 41.37
N VAL D 62 24.24 -5.53 41.21
CA VAL D 62 23.50 -6.70 40.71
C VAL D 62 23.86 -7.02 39.25
N MET D 63 24.41 -6.05 38.54
CA MET D 63 24.78 -6.24 37.14
C MET D 63 26.01 -7.12 36.98
N GLU D 64 27.03 -6.89 37.80
CA GLU D 64 28.24 -7.72 37.68
C GLU D 64 28.35 -8.84 38.73
N ASN D 65 27.61 -8.75 39.83
CA ASN D 65 27.72 -9.73 40.91
C ASN D 65 26.85 -10.98 40.72
N TYR D 66 25.71 -10.84 40.04
CA TYR D 66 24.89 -12.00 39.66
C TYR D 66 25.30 -12.49 38.28
N GLN D 67 26.10 -11.68 37.59
CA GLN D 67 26.73 -12.03 36.31
C GLN D 67 25.73 -12.42 35.21
N LEU D 68 24.50 -11.93 35.34
CA LEU D 68 23.46 -12.16 34.35
C LEU D 68 23.45 -11.02 33.32
N GLY D 69 22.57 -11.13 32.31
CA GLY D 69 22.39 -10.06 31.34
C GLY D 69 21.47 -9.00 31.90
N PRO D 70 21.33 -7.85 31.19
CA PRO D 70 20.49 -6.72 31.60
C PRO D 70 19.07 -7.14 31.96
N ASN D 71 18.53 -8.09 31.21
CA ASN D 71 17.22 -8.64 31.51
C ASN D 71 17.25 -9.44 32.80
N GLY D 72 18.16 -10.42 32.89
CA GLY D 72 18.49 -11.06 34.14
C GLY D 72 18.64 -10.17 35.35
N ALA D 73 19.42 -9.09 35.26
CA ALA D 73 19.65 -8.21 36.41
C ALA D 73 18.34 -7.51 36.80
N ILE D 74 17.55 -7.15 35.78
CA ILE D 74 16.28 -6.52 36.07
C ILE D 74 15.36 -7.48 36.84
N VAL D 75 15.20 -8.69 36.31
CA VAL D 75 14.39 -9.70 36.98
C VAL D 75 14.90 -10.05 38.38
N THR D 76 16.24 -10.08 38.55
CA THR D 76 16.83 -10.37 39.85
C THR D 76 16.51 -9.27 40.87
N SER D 77 16.59 -8.01 40.42
CA SER D 77 16.23 -6.88 41.26
C SER D 77 14.77 -7.01 41.67
N LEU D 78 13.93 -7.40 40.71
CA LEU D 78 12.51 -7.59 41.00
C LEU D 78 12.27 -8.71 42.01
N ASN D 79 12.99 -9.82 41.88
CA ASN D 79 12.97 -10.89 42.88
C ASN D 79 13.27 -10.39 44.29
N LEU D 80 14.41 -9.72 44.42
CA LEU D 80 14.85 -9.19 45.69
C LEU D 80 13.76 -8.29 46.26
N PHE D 81 13.26 -7.38 45.44
CA PHE D 81 12.20 -6.48 45.88
C PHE D 81 10.94 -7.23 46.33
N SER D 82 10.57 -8.25 45.57
CA SER D 82 9.33 -8.98 45.81
C SER D 82 9.42 -9.72 47.16
N THR D 83 10.64 -10.00 47.60
CA THR D 83 10.85 -10.51 48.96
C THR D 83 10.20 -9.65 50.06
N LYS D 84 10.12 -8.34 49.84
CA LYS D 84 9.63 -7.40 50.85
C LYS D 84 8.20 -6.91 50.58
N ILE D 85 7.50 -7.64 49.69
CA ILE D 85 6.25 -7.16 49.15
C ILE D 85 5.18 -6.97 50.25
N ASP D 86 5.16 -7.84 51.25
CA ASP D 86 4.24 -7.68 52.38
C ASP D 86 4.39 -6.33 53.05
N GLN D 87 5.64 -6.00 53.36
CA GLN D 87 5.98 -4.71 53.95
C GLN D 87 5.53 -3.56 53.06
N VAL D 88 5.80 -3.68 51.77
CA VAL D 88 5.40 -2.63 50.83
C VAL D 88 3.89 -2.40 50.84
N ILE D 89 3.14 -3.50 50.72
CA ILE D 89 1.69 -3.45 50.72
C ILE D 89 1.17 -2.82 52.01
N ARG D 90 1.75 -3.20 53.14
CA ARG D 90 1.33 -2.60 54.40
C ARG D 90 1.61 -1.11 54.47
N LEU D 91 2.74 -0.70 53.90
CA LEU D 91 3.07 0.72 53.81
C LEU D 91 2.02 1.48 53.02
N VAL D 92 1.60 0.92 51.89
CA VAL D 92 0.60 1.60 51.08
C VAL D 92 -0.73 1.61 51.83
N GLU D 93 -1.04 0.50 52.50
CA GLU D 93 -2.25 0.35 53.30
C GLU D 93 -2.35 1.45 54.36
N GLN D 94 -1.26 1.71 55.06
CA GLN D 94 -1.19 2.81 56.02
C GLN D 94 -1.60 4.14 55.39
N LYS D 95 -1.21 4.35 54.14
CA LYS D 95 -1.44 5.64 53.46
C LYS D 95 -2.76 5.66 52.69
N LYS D 96 -3.54 4.60 52.77
CA LYS D 96 -4.64 4.40 51.82
C LYS D 96 -5.79 5.41 51.94
N ASP D 97 -5.79 6.21 53.01
CA ASP D 97 -6.80 7.24 53.14
C ASP D 97 -6.17 8.63 53.03
N LYS D 98 -4.86 8.67 52.76
CA LYS D 98 -4.17 9.95 52.62
C LYS D 98 -3.87 10.27 51.16
N PHE D 99 -3.95 9.25 50.32
CA PHE D 99 -3.69 9.41 48.89
C PHE D 99 -4.83 8.81 48.08
N GLN D 100 -5.26 9.53 47.05
CA GLN D 100 -6.34 9.05 46.20
C GLN D 100 -5.88 7.87 45.37
N ASN D 101 -4.68 7.98 44.82
CA ASN D 101 -4.10 6.90 44.02
C ASN D 101 -2.69 6.54 44.41
N CYS D 102 -2.36 5.27 44.19
CA CYS D 102 -0.97 4.85 44.12
C CYS D 102 -0.61 4.59 42.66
N ILE D 103 0.44 5.24 42.17
CA ILE D 103 0.83 5.02 40.77
C ILE D 103 2.22 4.38 40.70
N ILE D 104 2.36 3.43 39.77
CA ILE D 104 3.51 2.56 39.71
C ILE D 104 4.14 2.51 38.33
N ASP D 105 5.43 2.84 38.29
CA ASP D 105 6.26 2.73 37.08
C ASP D 105 6.99 1.40 37.09
N THR D 106 7.18 0.81 35.92
CA THR D 106 7.71 -0.54 35.82
C THR D 106 8.99 -0.56 34.98
N PRO D 107 9.76 -1.68 34.99
CA PRO D 107 10.92 -1.79 34.08
C PRO D 107 10.58 -1.40 32.64
N GLY D 108 11.59 -0.95 31.89
CA GLY D 108 11.40 -0.61 30.49
C GLY D 108 10.76 -1.73 29.70
N GLN D 109 11.28 -2.94 29.89
CA GLN D 109 10.83 -4.12 29.16
C GLN D 109 9.60 -4.75 29.80
N ILE D 110 8.57 -4.96 29.00
CA ILE D 110 7.27 -5.35 29.51
C ILE D 110 7.29 -6.77 30.11
N GLU D 111 8.02 -7.68 29.48
CA GLU D 111 8.06 -9.08 29.89
C GLU D 111 8.86 -9.31 31.17
N CYS D 112 9.81 -8.41 31.44
CA CYS D 112 10.53 -8.43 32.72
C CYS D 112 9.55 -8.34 33.87
N PHE D 113 8.49 -7.58 33.68
CA PHE D 113 7.52 -7.36 34.74
C PHE D 113 6.32 -8.30 34.68
N VAL D 114 5.67 -8.51 33.53
CA VAL D 114 4.48 -9.35 33.59
C VAL D 114 4.75 -10.85 33.35
N TRP D 115 5.83 -11.22 32.65
CA TRP D 115 6.18 -12.64 32.57
C TRP D 115 7.39 -13.06 33.43
N SER D 116 7.59 -12.38 34.55
CA SER D 116 8.46 -12.92 35.58
C SER D 116 7.59 -13.33 36.76
N ALA D 117 8.03 -14.34 37.50
CA ALA D 117 7.32 -14.75 38.70
C ALA D 117 7.18 -13.61 39.70
N SER D 118 8.27 -12.85 39.89
CA SER D 118 8.28 -11.81 40.91
C SER D 118 7.41 -10.61 40.52
N GLY D 119 7.41 -10.28 39.23
CA GLY D 119 6.54 -9.22 38.74
C GLY D 119 5.08 -9.57 38.90
N ALA D 120 4.74 -10.81 38.53
CA ALA D 120 3.38 -11.33 38.74
C ALA D 120 2.99 -11.33 40.23
N ILE D 121 3.92 -11.72 41.12
CA ILE D 121 3.66 -11.66 42.57
C ILE D 121 3.39 -10.23 43.04
N ILE D 122 4.17 -9.28 42.55
CA ILE D 122 3.99 -7.89 42.96
C ILE D 122 2.62 -7.38 42.51
N THR D 123 2.29 -7.67 41.25
CA THR D 123 1.00 -7.25 40.68
C THR D 123 -0.17 -7.90 41.43
N GLU D 124 -0.06 -9.19 41.70
CA GLU D 124 -1.06 -9.94 42.46
C GLU D 124 -1.25 -9.37 43.87
N SER D 125 -0.16 -8.93 44.49
CA SER D 125 -0.25 -8.37 45.84
C SER D 125 -1.05 -7.08 45.82
N PHE D 126 -0.71 -6.22 44.87
CA PHE D 126 -1.47 -4.98 44.78
C PHE D 126 -2.94 -5.23 44.43
N ALA D 127 -3.20 -6.11 43.45
CA ALA D 127 -4.56 -6.48 43.06
C ALA D 127 -5.37 -7.06 44.21
N SER D 128 -4.68 -7.76 45.10
CA SER D 128 -5.34 -8.39 46.23
C SER D 128 -5.63 -7.41 47.35
N SER D 129 -4.92 -6.28 47.39
CA SER D 129 -5.19 -5.34 48.47
C SER D 129 -5.97 -4.06 48.08
N PHE D 130 -5.92 -3.66 46.81
CA PHE D 130 -6.59 -2.44 46.39
C PHE D 130 -7.22 -2.63 45.03
N PRO D 131 -8.22 -1.79 44.68
CA PRO D 131 -8.59 -1.74 43.27
C PRO D 131 -7.37 -1.41 42.45
N THR D 132 -7.04 -2.23 41.46
CA THR D 132 -5.85 -2.00 40.65
C THR D 132 -6.14 -2.04 39.15
N VAL D 133 -5.63 -1.03 38.45
CA VAL D 133 -5.90 -0.84 37.03
C VAL D 133 -4.61 -0.82 36.22
N ILE D 134 -4.57 -1.54 35.09
CA ILE D 134 -3.41 -1.50 34.22
C ILE D 134 -3.55 -0.42 33.17
N ALA D 135 -2.64 0.56 33.20
CA ALA D 135 -2.55 1.54 32.12
C ALA D 135 -1.56 1.01 31.09
N TYR D 136 -2.10 0.47 30.00
CA TYR D 136 -1.27 -0.09 28.95
C TYR D 136 -0.85 0.98 27.95
N ILE D 137 0.41 1.37 28.02
CA ILE D 137 0.91 2.50 27.26
C ILE D 137 1.34 2.09 25.85
N VAL D 138 0.77 2.76 24.85
CA VAL D 138 1.08 2.48 23.47
C VAL D 138 1.88 3.62 22.87
N ASP D 139 2.97 3.25 22.23
CA ASP D 139 3.75 4.18 21.46
C ASP D 139 3.06 4.48 20.10
N THR D 140 2.10 5.40 20.11
CA THR D 140 1.25 5.65 18.95
C THR D 140 2.01 5.90 17.63
N PRO D 141 3.02 6.79 17.61
CA PRO D 141 3.70 7.01 16.32
C PRO D 141 4.29 5.73 15.70
N ARG D 142 4.54 4.69 16.50
CA ARG D 142 5.16 3.47 16.00
C ARG D 142 4.14 2.42 15.59
N ASN D 143 2.87 2.69 15.84
CA ASN D 143 1.85 1.69 15.59
C ASN D 143 0.89 2.09 14.48
N SER D 144 1.42 2.65 13.39
CA SER D 144 0.58 3.09 12.28
C SER D 144 0.37 2.01 11.23
N SER D 145 1.30 1.06 11.19
CA SER D 145 1.10 -0.14 10.40
C SER D 145 -0.01 -1.00 11.06
N PRO D 146 -1.01 -1.42 10.28
CA PRO D 146 -2.13 -2.20 10.83
C PRO D 146 -1.69 -3.52 11.47
N THR D 147 -0.69 -4.18 10.90
CA THR D 147 -0.16 -5.43 11.48
C THR D 147 0.60 -5.20 12.79
N THR D 148 1.36 -4.12 12.86
CA THR D 148 2.05 -3.77 14.09
C THR D 148 1.04 -3.45 15.19
N PHE D 149 0.04 -2.66 14.81
CA PHE D 149 -1.02 -2.27 15.73
C PHE D 149 -1.72 -3.52 16.27
N MET D 150 -2.05 -4.42 15.37
CA MET D 150 -2.75 -5.63 15.80
C MET D 150 -1.90 -6.51 16.71
N SER D 151 -0.62 -6.67 16.36
CA SER D 151 0.27 -7.47 17.20
C SER D 151 0.33 -6.86 18.60
N ASN D 152 0.41 -5.55 18.64
CA ASN D 152 0.49 -4.83 19.89
C ASN D 152 -0.77 -5.10 20.71
N MET D 153 -1.90 -5.09 20.02
CA MET D 153 -3.20 -5.30 20.64
C MET D 153 -3.38 -6.74 21.16
N LEU D 154 -2.89 -7.72 20.41
CA LEU D 154 -2.87 -9.10 20.85
C LEU D 154 -2.03 -9.23 22.11
N TYR D 155 -0.91 -8.52 22.12
CA TYR D 155 -0.01 -8.54 23.27
C TYR D 155 -0.77 -8.01 24.48
N ALA D 156 -1.43 -6.86 24.29
CA ALA D 156 -2.21 -6.25 25.36
C ALA D 156 -3.29 -7.19 25.85
N CYS D 157 -3.88 -7.96 24.94
CA CYS D 157 -4.91 -8.94 25.32
C CYS D 157 -4.34 -10.06 26.19
N SER D 158 -3.22 -10.64 25.75
CA SER D 158 -2.52 -11.62 26.57
C SER D 158 -2.17 -11.07 27.97
N ILE D 159 -1.86 -9.77 28.06
CA ILE D 159 -1.58 -9.17 29.36
C ILE D 159 -2.85 -9.05 30.22
N LEU D 160 -3.94 -8.60 29.59
CA LEU D 160 -5.25 -8.53 30.22
C LEU D 160 -5.59 -9.87 30.86
N TYR D 161 -5.42 -10.95 30.10
CA TYR D 161 -5.69 -12.29 30.59
C TYR D 161 -4.75 -12.74 31.70
N LYS D 162 -3.45 -12.51 31.50
CA LYS D 162 -2.40 -12.89 32.45
C LYS D 162 -2.62 -12.24 33.82
N THR D 163 -2.97 -10.95 33.82
CA THR D 163 -3.05 -10.21 35.07
C THR D 163 -4.41 -10.27 35.74
N LYS D 164 -5.43 -10.55 34.93
CA LYS D 164 -6.84 -10.54 35.35
C LYS D 164 -7.21 -9.22 36.01
N LEU D 165 -6.74 -8.14 35.39
CA LEU D 165 -7.01 -6.79 35.87
C LEU D 165 -7.67 -5.96 34.79
N PRO D 166 -8.48 -4.97 35.18
CA PRO D 166 -9.04 -4.07 34.18
C PRO D 166 -7.95 -3.30 33.43
N MET D 167 -8.16 -3.08 32.14
CA MET D 167 -7.18 -2.42 31.30
C MET D 167 -7.69 -1.14 30.61
N ILE D 168 -6.85 -0.13 30.71
CA ILE D 168 -7.00 1.10 29.94
C ILE D 168 -5.89 1.18 28.91
N VAL D 169 -6.23 1.09 27.64
CA VAL D 169 -5.25 1.35 26.59
C VAL D 169 -5.06 2.84 26.40
N VAL D 170 -3.80 3.26 26.53
CA VAL D 170 -3.43 4.65 26.49
C VAL D 170 -2.55 4.93 25.29
N PHE D 171 -3.11 5.55 24.26
CA PHE D 171 -2.32 5.89 23.10
C PHE D 171 -1.57 7.16 23.40
N ASN D 172 -0.29 7.01 23.74
CA ASN D 172 0.55 8.10 24.19
C ASN D 172 1.14 8.88 22.99
N LYS D 173 1.74 10.05 23.27
CA LYS D 173 2.45 10.88 22.28
C LYS D 173 1.56 11.49 21.19
N THR D 174 0.29 11.80 21.51
CA THR D 174 -0.66 12.31 20.52
C THR D 174 -0.24 13.65 19.94
N ASP D 175 0.72 14.30 20.58
CA ASP D 175 1.28 15.53 20.05
C ASP D 175 2.15 15.25 18.79
N VAL D 176 2.63 14.01 18.66
CA VAL D 176 3.37 13.62 17.47
C VAL D 176 2.42 12.99 16.45
N CYS D 177 1.56 12.11 16.95
CA CYS D 177 0.66 11.35 16.11
C CYS D 177 -0.67 11.18 16.81
N LYS D 178 -1.74 11.76 16.25
CA LYS D 178 -3.05 11.63 16.87
C LYS D 178 -3.52 10.16 16.84
N ALA D 179 -4.41 9.81 17.77
CA ALA D 179 -4.84 8.43 17.95
C ALA D 179 -6.18 8.11 17.29
N ASP D 180 -6.69 9.04 16.48
CA ASP D 180 -7.94 8.86 15.77
C ASP D 180 -7.99 7.54 15.00
N PHE D 181 -6.95 7.28 14.21
CA PHE D 181 -6.90 6.09 13.38
C PHE D 181 -7.09 4.80 14.19
N ALA D 182 -6.49 4.76 15.38
CA ALA D 182 -6.54 3.55 16.19
C ALA D 182 -7.89 3.41 16.86
N LYS D 183 -8.41 4.51 17.39
CA LYS D 183 -9.75 4.51 17.95
C LYS D 183 -10.75 4.01 16.92
N GLU D 184 -10.58 4.44 15.68
CA GLU D 184 -11.45 4.01 14.59
C GLU D 184 -11.28 2.53 14.32
N TRP D 185 -10.03 2.08 14.27
CA TRP D 185 -9.75 0.66 14.05
C TRP D 185 -10.37 -0.24 15.12
N MET D 186 -10.46 0.25 16.36
CA MET D 186 -11.01 -0.54 17.45
C MET D 186 -12.53 -0.42 17.46
N THR D 187 -13.02 0.69 16.92
CA THR D 187 -14.46 0.97 16.96
C THR D 187 -15.17 0.42 15.73
N ASP D 188 -14.67 0.77 14.56
CA ASP D 188 -15.28 0.35 13.31
C ASP D 188 -14.37 -0.64 12.62
N PHE D 189 -14.63 -1.93 12.84
CA PHE D 189 -13.68 -2.95 12.44
C PHE D 189 -13.51 -3.05 10.94
N GLU D 190 -14.55 -2.70 10.18
CA GLU D 190 -14.43 -2.73 8.73
C GLU D 190 -13.32 -1.77 8.24
N SER D 191 -13.05 -0.71 9.00
CA SER D 191 -12.00 0.22 8.62
C SER D 191 -10.64 -0.45 8.80
N PHE D 192 -10.52 -1.25 9.84
CA PHE D 192 -9.31 -2.01 10.09
C PHE D 192 -9.13 -3.07 8.99
N GLN D 193 -10.23 -3.72 8.61
CA GLN D 193 -10.16 -4.71 7.54
C GLN D 193 -9.71 -4.06 6.25
N ALA D 194 -10.19 -2.85 5.98
CA ALA D 194 -9.76 -2.09 4.78
C ALA D 194 -8.26 -1.74 4.82
N ALA D 195 -7.82 -1.21 5.97
CA ALA D 195 -6.40 -0.91 6.15
C ALA D 195 -5.53 -2.15 5.93
N ILE D 196 -5.97 -3.30 6.47
CA ILE D 196 -5.22 -4.55 6.30
C ILE D 196 -5.19 -4.99 4.82
N LYS D 197 -6.33 -4.93 4.15
CA LYS D 197 -6.43 -5.37 2.76
C LYS D 197 -5.56 -4.54 1.85
N GLU D 198 -5.60 -3.23 2.04
CA GLU D 198 -4.67 -2.37 1.34
C GLU D 198 -3.18 -2.65 1.65
N ASP D 199 -2.83 -2.64 2.95
CA ASP D 199 -1.45 -2.82 3.39
C ASP D 199 -0.90 -4.21 3.06
N GLN D 200 -1.66 -5.24 3.42
CA GLN D 200 -1.17 -6.61 3.36
C GLN D 200 -1.95 -7.48 2.37
N ASP D 201 -1.27 -8.49 1.86
CA ASP D 201 -1.89 -9.44 0.95
C ASP D 201 -2.68 -10.52 1.61
N GLY D 202 -3.90 -10.71 1.09
CA GLY D 202 -4.50 -12.03 1.01
C GLY D 202 -4.81 -12.79 2.27
N TYR D 203 -3.97 -13.76 2.64
CA TYR D 203 -4.32 -14.60 3.78
C TYR D 203 -4.44 -13.75 5.00
N MET D 204 -3.54 -12.79 5.18
CA MET D 204 -3.65 -11.94 6.38
C MET D 204 -5.06 -11.36 6.44
N SER D 205 -5.57 -10.88 5.29
CA SER D 205 -6.88 -10.25 5.26
C SER D 205 -7.94 -11.24 5.77
N SER D 206 -7.95 -12.45 5.22
CA SER D 206 -8.82 -13.53 5.73
C SER D 206 -8.72 -13.74 7.25
N LEU D 207 -7.48 -13.85 7.77
CA LEU D 207 -7.34 -14.12 9.19
C LEU D 207 -8.01 -13.00 9.96
N VAL D 208 -7.71 -11.79 9.52
CA VAL D 208 -8.20 -10.63 10.23
C VAL D 208 -9.73 -10.63 10.20
N ASN D 209 -10.32 -11.19 9.14
CA ASN D 209 -11.79 -11.36 9.13
C ASN D 209 -12.33 -12.17 10.31
N SER D 210 -11.83 -13.39 10.51
CA SER D 210 -12.39 -14.20 11.59
C SER D 210 -12.14 -13.53 12.93
N MET D 211 -10.92 -13.04 13.04
CA MET D 211 -10.47 -12.40 14.27
C MET D 211 -11.34 -11.20 14.58
N SER D 212 -12.13 -10.74 13.60
CA SER D 212 -13.02 -9.59 13.83
C SER D 212 -13.81 -9.87 15.07
N LEU D 213 -14.52 -10.99 15.08
CA LEU D 213 -15.33 -11.27 16.26
C LEU D 213 -14.45 -11.34 17.53
N MET D 214 -13.37 -12.10 17.48
CA MET D 214 -12.52 -12.21 18.68
C MET D 214 -12.01 -10.82 19.15
N LEU D 215 -11.59 -9.99 18.20
CA LEU D 215 -10.99 -8.72 18.58
C LEU D 215 -12.03 -7.79 19.14
N GLU D 216 -13.26 -7.89 18.60
CA GLU D 216 -14.32 -7.02 19.08
C GLU D 216 -14.56 -7.37 20.55
N GLU D 217 -14.52 -8.67 20.83
CA GLU D 217 -14.76 -9.10 22.19
C GLU D 217 -13.68 -8.55 23.11
N PHE D 218 -12.44 -8.50 22.61
CA PHE D 218 -11.35 -7.92 23.41
C PHE D 218 -11.58 -6.44 23.63
N TYR D 219 -11.92 -5.71 22.55
CA TYR D 219 -11.98 -4.26 22.64
C TYR D 219 -13.10 -3.78 23.57
N SER D 220 -14.16 -4.56 23.66
CA SER D 220 -15.31 -4.17 24.48
C SER D 220 -14.95 -4.14 25.95
N GLN D 221 -13.87 -4.84 26.32
CA GLN D 221 -13.41 -4.87 27.70
C GLN D 221 -12.57 -3.66 28.07
N LEU D 222 -11.95 -3.06 27.07
CA LEU D 222 -10.99 -1.99 27.31
C LEU D 222 -11.62 -0.64 27.52
N ASP D 223 -10.96 0.23 28.26
CA ASP D 223 -11.25 1.63 28.04
C ASP D 223 -10.08 2.20 27.26
N VAL D 224 -10.31 3.24 26.48
CA VAL D 224 -9.33 3.73 25.52
C VAL D 224 -9.19 5.26 25.57
N VAL D 225 -7.96 5.75 25.69
CA VAL D 225 -7.75 7.20 25.71
C VAL D 225 -6.54 7.58 24.90
N GLY D 226 -6.54 8.79 24.36
CA GLY D 226 -5.36 9.34 23.74
C GLY D 226 -4.82 10.38 24.70
N VAL D 227 -3.50 10.37 24.91
CA VAL D 227 -2.88 11.42 25.72
C VAL D 227 -1.59 11.89 25.08
N SER D 228 -1.18 13.09 25.46
CA SER D 228 0.20 13.51 25.27
C SER D 228 0.78 13.72 26.64
N SER D 229 1.78 12.92 27.00
CA SER D 229 2.47 13.11 28.26
C SER D 229 3.34 14.37 28.24
N PHE D 230 3.62 14.91 27.04
CA PHE D 230 4.34 16.18 26.95
C PHE D 230 3.46 17.38 27.32
N THR D 231 2.22 17.40 26.83
CA THR D 231 1.35 18.55 26.98
C THR D 231 0.28 18.39 28.05
N GLY D 232 0.05 17.16 28.49
CA GLY D 232 -0.95 16.88 29.51
C GLY D 232 -2.34 16.69 28.91
N ASP D 233 -2.42 16.80 27.59
CA ASP D 233 -3.69 16.62 26.91
C ASP D 233 -4.18 15.21 27.12
N GLY D 234 -5.46 15.07 27.43
CA GLY D 234 -6.10 13.77 27.56
C GLY D 234 -6.13 13.15 28.95
N PHE D 235 -5.44 13.76 29.91
CA PHE D 235 -5.26 13.10 31.21
C PHE D 235 -6.51 13.14 32.09
N ASP D 236 -7.28 14.22 32.01
CA ASP D 236 -8.60 14.27 32.64
C ASP D 236 -9.42 13.06 32.23
N GLU D 237 -9.40 12.80 30.92
CA GLU D 237 -10.15 11.70 30.35
C GLU D 237 -9.62 10.37 30.84
N PHE D 238 -8.29 10.24 30.90
CA PHE D 238 -7.66 9.05 31.47
C PHE D 238 -8.13 8.79 32.90
N MET D 239 -8.18 9.83 33.73
CA MET D 239 -8.62 9.65 35.11
C MET D 239 -10.10 9.26 35.20
N GLN D 240 -10.92 9.76 34.27
CA GLN D 240 -12.30 9.28 34.18
C GLN D 240 -12.34 7.78 33.89
N CYS D 241 -11.48 7.34 32.97
CA CYS D 241 -11.38 5.90 32.69
C CYS D 241 -10.93 5.13 33.93
N VAL D 242 -10.04 5.74 34.71
CA VAL D 242 -9.59 5.11 35.94
C VAL D 242 -10.76 4.92 36.90
N ASP D 243 -11.55 5.97 37.13
CA ASP D 243 -12.69 5.84 38.03
C ASP D 243 -13.67 4.76 37.56
N LYS D 244 -13.98 4.76 36.26
CA LYS D 244 -14.83 3.72 35.69
C LYS D 244 -14.27 2.32 35.98
N LYS D 245 -12.98 2.15 35.73
CA LYS D 245 -12.35 0.85 35.93
C LYS D 245 -12.32 0.46 37.40
N VAL D 246 -12.23 1.43 38.30
CA VAL D 246 -12.26 1.14 39.73
C VAL D 246 -13.63 0.60 40.13
N ASP D 247 -14.69 1.18 39.54
CA ASP D 247 -16.04 0.63 39.70
C ASP D 247 -16.17 -0.81 39.20
N GLU D 248 -15.81 -1.00 37.92
CA GLU D 248 -15.83 -2.34 37.34
C GLU D 248 -15.05 -3.31 38.21
N TYR D 249 -13.83 -2.95 38.61
CA TYR D 249 -12.98 -3.76 39.48
C TYR D 249 -13.76 -4.30 40.65
N ASP D 250 -14.44 -3.39 41.34
CA ASP D 250 -15.24 -3.78 42.48
C ASP D 250 -16.12 -4.96 42.09
N GLN D 251 -17.05 -4.73 41.16
CA GLN D 251 -17.98 -5.77 40.73
C GLN D 251 -17.31 -7.02 40.15
N TYR D 252 -16.78 -6.86 38.94
CA TYR D 252 -16.28 -7.96 38.11
C TYR D 252 -14.94 -8.56 38.56
N TYR D 253 -13.98 -7.72 38.90
CA TYR D 253 -12.60 -8.18 39.04
C TYR D 253 -12.20 -8.58 40.46
N LYS D 254 -12.82 -8.01 41.48
CA LYS D 254 -12.38 -8.27 42.86
C LYS D 254 -12.42 -9.76 43.24
N LYS D 255 -13.28 -10.53 42.58
CA LYS D 255 -13.43 -11.95 42.88
C LYS D 255 -12.22 -12.79 42.46
N HIS D 256 -11.36 -12.24 41.61
CA HIS D 256 -10.22 -13.02 41.13
C HIS D 256 -8.94 -12.83 41.95
N HIS D 257 -9.04 -12.14 43.09
CA HIS D 257 -7.83 -11.78 43.82
C HIS D 257 -7.94 -11.91 45.34
N HIS D 258 -7.45 -13.04 45.83
CA HIS D 258 -7.54 -13.48 47.24
C HIS D 258 -8.99 -13.52 47.74
N SER E 1 -15.90 -44.20 27.74
CA SER E 1 -14.53 -44.42 27.34
C SER E 1 -14.13 -43.58 26.12
N LEU E 2 -15.10 -43.25 25.28
CA LEU E 2 -14.86 -42.44 24.08
C LEU E 2 -14.26 -41.02 24.36
N SER E 3 -13.36 -40.57 23.50
CA SER E 3 -12.94 -39.15 23.53
C SER E 3 -13.40 -38.40 22.29
N THR E 4 -13.68 -37.11 22.43
CA THR E 4 -14.15 -36.28 21.33
C THR E 4 -13.06 -35.36 20.74
N ILE E 5 -12.90 -35.40 19.42
CA ILE E 5 -11.98 -34.56 18.66
C ILE E 5 -12.79 -33.58 17.84
N ILE E 6 -12.71 -32.29 18.17
CA ILE E 6 -13.40 -31.27 17.39
C ILE E 6 -12.43 -30.57 16.44
N CYS E 7 -12.74 -30.62 15.15
CA CYS E 7 -11.91 -30.01 14.14
C CYS E 7 -12.31 -28.57 13.91
N ILE E 8 -11.34 -27.67 14.12
CA ILE E 8 -11.55 -26.24 14.06
C ILE E 8 -10.37 -25.60 13.34
N GLY E 9 -10.65 -24.64 12.48
CA GLY E 9 -9.63 -24.05 11.63
C GLY E 9 -10.23 -23.10 10.63
N MET E 10 -9.36 -22.35 9.97
CA MET E 10 -9.75 -21.37 8.97
C MET E 10 -10.48 -22.04 7.81
N ALA E 11 -11.38 -21.31 7.16
CA ALA E 11 -12.05 -21.83 5.97
C ALA E 11 -11.03 -22.23 4.92
N GLY E 12 -11.23 -23.40 4.31
CA GLY E 12 -10.27 -23.93 3.35
C GLY E 12 -8.96 -24.52 3.89
N SER E 13 -8.77 -24.53 5.21
CA SER E 13 -7.55 -25.12 5.78
C SER E 13 -7.55 -26.64 5.67
N GLY E 14 -8.73 -27.23 5.46
CA GLY E 14 -8.85 -28.65 5.19
C GLY E 14 -9.56 -29.46 6.28
N LYS E 15 -10.35 -28.81 7.14
CA LYS E 15 -11.07 -29.49 8.22
C LYS E 15 -11.79 -30.77 7.76
N THR E 16 -12.58 -30.65 6.68
CA THR E 16 -13.40 -31.74 6.18
C THR E 16 -12.59 -32.85 5.51
N THR E 17 -11.57 -32.47 4.74
CA THR E 17 -10.63 -33.46 4.18
C THR E 17 -9.85 -34.20 5.29
N PHE E 18 -9.44 -33.44 6.30
CA PHE E 18 -8.75 -34.00 7.46
C PHE E 18 -9.67 -35.00 8.16
N MET E 19 -10.94 -34.62 8.32
CA MET E 19 -11.97 -35.50 8.90
C MET E 19 -12.10 -36.77 8.09
N GLN E 20 -12.17 -36.64 6.77
CA GLN E 20 -12.26 -37.83 5.92
C GLN E 20 -11.10 -38.78 6.12
N ARG E 21 -9.89 -38.23 6.10
CA ARG E 21 -8.71 -39.07 6.22
C ARG E 21 -8.55 -39.65 7.64
N LEU E 22 -8.97 -38.91 8.65
CA LEU E 22 -8.91 -39.33 10.04
C LEU E 22 -9.89 -40.51 10.21
N ASN E 23 -11.05 -40.36 9.59
CA ASN E 23 -12.04 -41.42 9.60
C ASN E 23 -11.47 -42.68 8.96
N SER E 24 -10.85 -42.55 7.78
CA SER E 24 -10.32 -43.75 7.11
C SER E 24 -9.18 -44.40 7.89
N HIS E 25 -8.39 -43.56 8.53
CA HIS E 25 -7.24 -44.00 9.28
C HIS E 25 -7.67 -44.79 10.51
N LEU E 26 -8.66 -44.24 11.22
CA LEU E 26 -9.21 -44.92 12.38
C LEU E 26 -9.90 -46.24 11.98
N ARG E 27 -10.65 -46.26 10.88
CA ARG E 27 -11.31 -47.51 10.45
C ARG E 27 -10.29 -48.56 10.03
N ALA E 28 -9.16 -48.10 9.50
CA ALA E 28 -8.10 -49.03 9.15
C ALA E 28 -7.45 -49.62 10.41
N GLU E 29 -7.49 -48.87 11.51
CA GLU E 29 -6.96 -49.37 12.78
C GLU E 29 -8.02 -50.19 13.53
N LYS E 30 -9.10 -50.55 12.85
CA LYS E 30 -10.22 -51.27 13.45
C LYS E 30 -10.85 -50.50 14.63
N THR E 31 -10.77 -49.18 14.60
CA THR E 31 -11.37 -48.35 15.64
C THR E 31 -12.16 -47.21 15.01
N PRO E 32 -13.23 -47.56 14.28
CA PRO E 32 -14.02 -46.55 13.56
C PRO E 32 -14.70 -45.57 14.50
N PRO E 33 -14.60 -44.27 14.22
CA PRO E 33 -15.18 -43.28 15.11
C PRO E 33 -16.67 -43.09 14.93
N TYR E 34 -17.29 -42.39 15.86
CA TYR E 34 -18.64 -41.86 15.70
C TYR E 34 -18.53 -40.48 15.08
N VAL E 35 -19.12 -40.28 13.90
CA VAL E 35 -18.87 -39.08 13.12
C VAL E 35 -20.00 -38.05 13.18
N ILE E 36 -19.65 -36.81 13.49
CA ILE E 36 -20.62 -35.71 13.50
C ILE E 36 -20.22 -34.60 12.54
N ASN E 37 -21.18 -34.14 11.72
CA ASN E 37 -21.00 -32.94 10.91
C ASN E 37 -21.86 -31.78 11.42
N LEU E 38 -21.26 -30.61 11.60
CA LEU E 38 -21.96 -29.48 12.17
C LEU E 38 -21.89 -28.29 11.20
N ASP E 39 -21.38 -28.53 10.01
CA ASP E 39 -21.41 -27.53 8.94
C ASP E 39 -22.74 -27.66 8.16
N PRO E 40 -23.67 -26.72 8.39
CA PRO E 40 -24.99 -26.76 7.74
C PRO E 40 -24.94 -26.36 6.27
N ALA E 41 -23.87 -25.66 5.89
CA ALA E 41 -23.75 -25.12 4.54
C ALA E 41 -23.13 -26.09 3.54
N VAL E 42 -22.59 -27.21 4.01
CA VAL E 42 -21.77 -28.04 3.14
C VAL E 42 -22.67 -28.82 2.18
N LEU E 43 -22.22 -29.00 0.94
CA LEU E 43 -23.03 -29.55 -0.14
C LEU E 43 -23.06 -31.07 -0.09
N ARG E 44 -21.88 -31.67 -0.13
CA ARG E 44 -21.80 -33.10 0.14
C ARG E 44 -20.74 -33.34 1.20
N VAL E 45 -20.96 -34.37 2.00
CA VAL E 45 -19.98 -34.77 2.99
C VAL E 45 -19.28 -36.02 2.48
N PRO E 46 -17.94 -35.96 2.34
CA PRO E 46 -17.15 -37.03 1.72
C PRO E 46 -16.80 -38.16 2.69
N TYR E 47 -17.63 -38.33 3.71
CA TYR E 47 -17.55 -39.46 4.64
C TYR E 47 -18.94 -39.73 5.21
N GLY E 48 -19.10 -40.86 5.88
CA GLY E 48 -20.40 -41.20 6.43
C GLY E 48 -20.56 -40.59 7.81
N ALA E 49 -21.58 -39.75 7.99
CA ALA E 49 -21.81 -39.05 9.25
C ALA E 49 -22.98 -39.69 10.00
N ASN E 50 -22.76 -39.93 11.29
CA ASN E 50 -23.78 -40.50 12.16
C ASN E 50 -24.81 -39.46 12.59
N ILE E 51 -24.33 -38.22 12.74
CA ILE E 51 -25.20 -37.09 13.03
C ILE E 51 -24.78 -35.95 12.11
N ASP E 52 -25.73 -35.46 11.34
CA ASP E 52 -25.47 -34.38 10.41
C ASP E 52 -26.47 -33.28 10.69
N ILE E 53 -25.95 -32.08 10.94
CA ILE E 53 -26.81 -30.94 11.27
C ILE E 53 -27.82 -30.67 10.13
N ARG E 54 -27.43 -31.01 8.90
CA ARG E 54 -28.21 -30.72 7.70
C ARG E 54 -29.51 -31.53 7.67
N ASP E 55 -29.55 -32.62 8.41
CA ASP E 55 -30.75 -33.44 8.48
C ASP E 55 -31.90 -32.70 9.13
N SER E 56 -31.69 -32.30 10.37
CA SER E 56 -32.69 -31.57 11.14
C SER E 56 -32.93 -30.16 10.59
N ILE E 57 -31.92 -29.60 9.92
CA ILE E 57 -31.97 -28.21 9.48
C ILE E 57 -31.65 -28.07 8.01
N LYS E 58 -32.58 -27.50 7.25
CA LYS E 58 -32.34 -27.26 5.83
C LYS E 58 -31.81 -25.85 5.64
N TYR E 59 -30.56 -25.75 5.22
CA TYR E 59 -29.80 -24.49 5.29
C TYR E 59 -30.25 -23.39 4.30
N LYS E 60 -30.54 -23.74 3.04
CA LYS E 60 -31.07 -22.75 2.08
C LYS E 60 -32.43 -22.25 2.55
N LYS E 61 -33.22 -23.17 3.11
CA LYS E 61 -34.54 -22.87 3.65
C LYS E 61 -34.45 -21.94 4.85
N VAL E 62 -33.45 -22.16 5.72
CA VAL E 62 -33.21 -21.28 6.86
C VAL E 62 -32.77 -19.89 6.39
N MET E 63 -31.77 -19.90 5.50
CA MET E 63 -31.20 -18.69 4.91
C MET E 63 -32.26 -17.81 4.26
N GLU E 64 -33.21 -18.45 3.57
CA GLU E 64 -34.30 -17.74 2.90
C GLU E 64 -35.37 -17.29 3.89
N ASN E 65 -35.77 -18.19 4.79
CA ASN E 65 -36.83 -17.90 5.75
C ASN E 65 -36.50 -16.74 6.69
N TYR E 66 -35.23 -16.57 7.04
CA TYR E 66 -34.88 -15.52 8.00
C TYR E 66 -34.43 -14.22 7.32
N GLN E 67 -34.06 -14.32 6.05
CA GLN E 67 -33.52 -13.20 5.28
C GLN E 67 -32.34 -12.53 5.99
N LEU E 68 -31.19 -13.18 5.91
CA LEU E 68 -29.97 -12.68 6.52
C LEU E 68 -28.77 -13.23 5.79
N GLY E 69 -27.60 -12.64 6.04
CA GLY E 69 -26.37 -13.09 5.41
C GLY E 69 -26.11 -14.56 5.68
N PRO E 70 -25.31 -15.20 4.80
CA PRO E 70 -24.93 -16.60 4.94
C PRO E 70 -24.34 -16.96 6.31
N ASN E 71 -23.50 -16.08 6.86
CA ASN E 71 -22.95 -16.27 8.20
C ASN E 71 -24.06 -16.38 9.26
N GLY E 72 -25.10 -15.56 9.09
CA GLY E 72 -26.24 -15.57 9.98
C GLY E 72 -27.07 -16.85 9.81
N ALA E 73 -27.16 -17.37 8.58
CA ALA E 73 -27.85 -18.64 8.39
C ALA E 73 -27.08 -19.77 9.05
N ILE E 74 -25.75 -19.71 8.97
CA ILE E 74 -24.91 -20.71 9.63
C ILE E 74 -25.12 -20.68 11.16
N VAL E 75 -25.01 -19.49 11.74
CA VAL E 75 -25.22 -19.36 13.17
C VAL E 75 -26.64 -19.75 13.60
N THR E 76 -27.62 -19.49 12.73
CA THR E 76 -29.03 -19.82 13.01
C THR E 76 -29.25 -21.34 13.00
N SER E 77 -28.69 -22.00 12.00
CA SER E 77 -28.70 -23.46 11.96
C SER E 77 -28.06 -24.02 13.23
N LEU E 78 -26.92 -23.44 13.65
CA LEU E 78 -26.27 -23.88 14.87
C LEU E 78 -27.17 -23.68 16.08
N ASN E 79 -27.89 -22.57 16.15
CA ASN E 79 -28.81 -22.30 17.24
C ASN E 79 -29.85 -23.42 17.34
N LEU E 80 -30.52 -23.66 16.20
CA LEU E 80 -31.54 -24.68 16.11
C LEU E 80 -30.99 -26.02 16.56
N PHE E 81 -29.84 -26.39 16.04
CA PHE E 81 -29.21 -27.64 16.44
C PHE E 81 -28.96 -27.68 17.94
N SER E 82 -28.42 -26.59 18.49
CA SER E 82 -28.01 -26.52 19.90
C SER E 82 -29.21 -26.68 20.82
N THR E 83 -30.40 -26.40 20.28
CA THR E 83 -31.65 -26.72 21.00
C THR E 83 -31.75 -28.20 21.42
N LYS E 84 -31.17 -29.08 20.61
CA LYS E 84 -31.27 -30.54 20.85
C LYS E 84 -29.99 -31.14 21.45
N ILE E 85 -29.13 -30.27 21.99
CA ILE E 85 -27.80 -30.71 22.39
C ILE E 85 -27.79 -31.78 23.51
N ASP E 86 -28.71 -31.68 24.47
CA ASP E 86 -28.89 -32.76 25.46
C ASP E 86 -29.11 -34.15 24.85
N GLN E 87 -30.06 -34.23 23.92
CA GLN E 87 -30.33 -35.44 23.17
C GLN E 87 -29.07 -35.92 22.49
N VAL E 88 -28.40 -35.00 21.78
CA VAL E 88 -27.19 -35.39 21.03
C VAL E 88 -26.18 -36.03 21.96
N ILE E 89 -25.96 -35.37 23.10
CA ILE E 89 -24.96 -35.83 24.07
C ILE E 89 -25.33 -37.19 24.64
N ARG E 90 -26.61 -37.37 24.94
CA ARG E 90 -27.07 -38.67 25.38
C ARG E 90 -26.87 -39.77 24.35
N LEU E 91 -27.10 -39.43 23.08
CA LEU E 91 -26.88 -40.37 21.98
C LEU E 91 -25.41 -40.80 21.94
N VAL E 92 -24.50 -39.84 22.04
CA VAL E 92 -23.10 -40.21 22.01
C VAL E 92 -22.78 -41.05 23.25
N GLU E 93 -23.33 -40.65 24.37
CA GLU E 93 -23.14 -41.37 25.64
C GLU E 93 -23.52 -42.85 25.53
N GLN E 94 -24.65 -43.14 24.89
CA GLN E 94 -25.05 -44.51 24.59
C GLN E 94 -23.97 -45.28 23.83
N LYS E 95 -23.29 -44.60 22.92
CA LYS E 95 -22.30 -45.26 22.05
C LYS E 95 -20.90 -45.22 22.63
N LYS E 96 -20.75 -44.70 23.84
CA LYS E 96 -19.43 -44.33 24.35
C LYS E 96 -18.50 -45.52 24.58
N ASP E 97 -19.03 -46.73 24.55
CA ASP E 97 -18.16 -47.90 24.70
C ASP E 97 -18.12 -48.69 23.42
N LYS E 98 -18.71 -48.13 22.37
CA LYS E 98 -18.71 -48.83 21.09
C LYS E 98 -17.79 -48.17 20.08
N PHE E 99 -17.41 -46.94 20.38
CA PHE E 99 -16.52 -46.14 19.52
C PHE E 99 -15.39 -45.54 20.31
N GLN E 100 -14.17 -45.69 19.80
CA GLN E 100 -12.99 -45.15 20.47
C GLN E 100 -13.03 -43.62 20.52
N ASN E 101 -13.41 -43.03 19.38
CA ASN E 101 -13.54 -41.58 19.30
C ASN E 101 -14.84 -41.10 18.68
N CYS E 102 -15.32 -39.96 19.14
CA CYS E 102 -16.22 -39.11 18.39
C CYS E 102 -15.47 -37.97 17.66
N ILE E 103 -15.60 -37.86 16.33
CA ILE E 103 -14.94 -36.80 15.60
C ILE E 103 -15.97 -35.86 14.97
N ILE E 104 -15.71 -34.57 15.09
CA ILE E 104 -16.67 -33.54 14.76
C ILE E 104 -16.10 -32.52 13.76
N ASP E 105 -16.80 -32.36 12.63
CA ASP E 105 -16.53 -31.32 11.63
C ASP E 105 -17.40 -30.09 11.91
N THR E 106 -16.85 -28.91 11.66
CA THR E 106 -17.51 -27.67 12.04
C THR E 106 -17.81 -26.82 10.77
N PRO E 107 -18.57 -25.71 10.91
CA PRO E 107 -18.71 -24.75 9.81
C PRO E 107 -17.36 -24.30 9.21
N GLY E 108 -17.36 -23.96 7.93
CA GLY E 108 -16.17 -23.45 7.26
C GLY E 108 -15.48 -22.33 8.04
N GLN E 109 -16.28 -21.36 8.50
CA GLN E 109 -15.81 -20.18 9.20
C GLN E 109 -15.66 -20.46 10.68
N ILE E 110 -14.48 -20.15 11.19
CA ILE E 110 -14.12 -20.52 12.54
C ILE E 110 -14.95 -19.74 13.58
N GLU E 111 -15.18 -18.46 13.32
CA GLU E 111 -15.91 -17.63 14.28
C GLU E 111 -17.40 -17.94 14.39
N CYS E 112 -17.97 -18.53 13.34
CA CYS E 112 -19.36 -19.00 13.38
C CYS E 112 -19.50 -20.02 14.49
N PHE E 113 -18.45 -20.83 14.69
CA PHE E 113 -18.51 -21.90 15.67
C PHE E 113 -17.96 -21.52 17.05
N VAL E 114 -16.78 -20.88 17.14
CA VAL E 114 -16.29 -20.62 18.50
C VAL E 114 -16.74 -19.26 19.07
N TRP E 115 -17.10 -18.30 18.22
CA TRP E 115 -17.63 -17.04 18.78
C TRP E 115 -19.14 -16.84 18.54
N SER E 116 -19.88 -17.94 18.39
CA SER E 116 -21.32 -17.87 18.57
C SER E 116 -21.68 -18.51 19.92
N ALA E 117 -22.76 -18.03 20.52
CA ALA E 117 -23.23 -18.60 21.77
C ALA E 117 -23.58 -20.10 21.61
N SER E 118 -24.19 -20.46 20.48
CA SER E 118 -24.61 -21.83 20.25
C SER E 118 -23.44 -22.78 20.00
N GLY E 119 -22.45 -22.34 19.25
CA GLY E 119 -21.25 -23.13 19.07
C GLY E 119 -20.49 -23.36 20.37
N ALA E 120 -20.38 -22.32 21.18
CA ALA E 120 -19.78 -22.41 22.50
C ALA E 120 -20.58 -23.38 23.40
N ILE E 121 -21.91 -23.31 23.35
CA ILE E 121 -22.75 -24.27 24.09
C ILE E 121 -22.48 -25.72 23.63
N ILE E 122 -22.44 -25.95 22.32
CA ILE E 122 -22.19 -27.29 21.80
C ILE E 122 -20.83 -27.83 22.30
N THR E 123 -19.80 -26.99 22.18
CA THR E 123 -18.46 -27.35 22.62
C THR E 123 -18.36 -27.65 24.13
N GLU E 124 -18.90 -26.75 24.94
CA GLU E 124 -19.04 -26.94 26.37
C GLU E 124 -19.76 -28.25 26.73
N SER E 125 -20.80 -28.62 25.95
CA SER E 125 -21.60 -29.84 26.25
C SER E 125 -20.72 -31.06 26.04
N PHE E 126 -20.01 -31.06 24.91
CA PHE E 126 -19.11 -32.16 24.67
C PHE E 126 -17.98 -32.21 25.72
N ALA E 127 -17.39 -31.06 26.04
CA ALA E 127 -16.31 -30.98 27.00
C ALA E 127 -16.77 -31.44 28.39
N SER E 128 -18.05 -31.20 28.68
CA SER E 128 -18.57 -31.58 29.99
C SER E 128 -18.94 -33.05 30.07
N SER E 129 -19.05 -33.74 28.94
CA SER E 129 -19.38 -35.16 29.06
C SER E 129 -18.26 -36.13 28.68
N PHE E 130 -17.29 -35.69 27.89
CA PHE E 130 -16.21 -36.57 27.45
C PHE E 130 -14.88 -35.81 27.43
N PRO E 131 -13.77 -36.54 27.48
CA PRO E 131 -12.50 -35.84 27.19
C PRO E 131 -12.62 -35.29 25.79
N THR E 132 -12.38 -34.00 25.63
CA THR E 132 -12.53 -33.36 24.34
C THR E 132 -11.27 -32.54 23.95
N VAL E 133 -10.82 -32.76 22.72
CA VAL E 133 -9.61 -32.19 22.20
C VAL E 133 -9.88 -31.35 20.96
N ILE E 134 -9.33 -30.15 20.89
CA ILE E 134 -9.46 -29.32 19.68
C ILE E 134 -8.31 -29.58 18.72
N ALA E 135 -8.62 -30.12 17.54
CA ALA E 135 -7.64 -30.18 16.47
C ALA E 135 -7.72 -28.89 15.67
N TYR E 136 -6.76 -27.99 15.90
CA TYR E 136 -6.72 -26.71 15.21
C TYR E 136 -5.94 -26.82 13.90
N ILE E 137 -6.68 -26.74 12.81
CA ILE E 137 -6.17 -27.05 11.47
C ILE E 137 -5.58 -25.81 10.82
N VAL E 138 -4.30 -25.90 10.47
CA VAL E 138 -3.59 -24.80 9.84
C VAL E 138 -3.34 -25.09 8.39
N ASP E 139 -3.74 -24.13 7.55
CA ASP E 139 -3.43 -24.16 6.13
C ASP E 139 -1.97 -23.78 5.89
N THR E 140 -1.07 -24.77 5.96
CA THR E 140 0.37 -24.55 5.98
C THR E 140 0.89 -23.77 4.77
N PRO E 141 0.53 -24.19 3.52
CA PRO E 141 1.02 -23.38 2.37
C PRO E 141 0.71 -21.87 2.43
N ARG E 142 -0.28 -21.45 3.20
CA ARG E 142 -0.67 -20.05 3.31
C ARG E 142 -0.06 -19.32 4.48
N ASN E 143 0.74 -20.03 5.28
CA ASN E 143 1.24 -19.42 6.49
C ASN E 143 2.77 -19.35 6.52
N SER E 144 3.36 -19.05 5.37
CA SER E 144 4.81 -19.00 5.27
C SER E 144 5.39 -17.64 5.63
N SER E 145 4.61 -16.59 5.42
CA SER E 145 4.92 -15.29 5.97
C SER E 145 4.89 -15.34 7.52
N PRO E 146 5.97 -14.86 8.16
CA PRO E 146 6.11 -14.92 9.63
C PRO E 146 5.03 -14.14 10.35
N THR E 147 4.54 -13.06 9.77
CA THR E 147 3.46 -12.26 10.37
C THR E 147 2.09 -12.97 10.25
N THR E 148 1.84 -13.60 9.10
CA THR E 148 0.61 -14.39 8.90
C THR E 148 0.59 -15.58 9.87
N PHE E 149 1.70 -16.30 9.92
CA PHE E 149 1.89 -17.38 10.88
C PHE E 149 1.62 -16.90 12.29
N MET E 150 2.22 -15.78 12.68
CA MET E 150 2.04 -15.33 14.05
C MET E 150 0.62 -14.90 14.38
N SER E 151 -0.03 -14.21 13.45
CA SER E 151 -1.44 -13.85 13.61
C SER E 151 -2.30 -15.11 13.81
N ASN E 152 -2.04 -16.11 12.97
CA ASN E 152 -2.73 -17.37 13.04
C ASN E 152 -2.57 -18.00 14.42
N MET E 153 -1.33 -17.92 14.93
CA MET E 153 -1.00 -18.52 16.20
C MET E 153 -1.65 -17.80 17.35
N LEU E 154 -1.71 -16.48 17.27
CA LEU E 154 -2.44 -15.67 18.25
C LEU E 154 -3.92 -16.04 18.27
N TYR E 155 -4.43 -16.36 17.09
CA TYR E 155 -5.83 -16.67 16.95
C TYR E 155 -6.07 -18.01 17.66
N ALA E 156 -5.18 -18.95 17.39
CA ALA E 156 -5.25 -20.26 18.03
C ALA E 156 -5.16 -20.12 19.55
N CYS E 157 -4.36 -19.15 20.00
CA CYS E 157 -4.21 -18.95 21.43
C CYS E 157 -5.50 -18.43 22.04
N SER E 158 -6.12 -17.48 21.36
CA SER E 158 -7.41 -16.96 21.80
C SER E 158 -8.49 -18.07 21.84
N ILE E 159 -8.40 -19.03 20.92
CA ILE E 159 -9.34 -20.16 20.88
C ILE E 159 -9.10 -21.12 22.05
N LEU E 160 -7.84 -21.44 22.29
CA LEU E 160 -7.38 -22.22 23.45
C LEU E 160 -8.01 -21.65 24.71
N TYR E 161 -7.86 -20.34 24.91
CA TYR E 161 -8.41 -19.71 26.10
C TYR E 161 -9.94 -19.72 26.16
N LYS E 162 -10.57 -19.41 25.02
CA LYS E 162 -12.01 -19.34 24.91
C LYS E 162 -12.69 -20.67 25.25
N THR E 163 -12.11 -21.76 24.73
CA THR E 163 -12.69 -23.07 24.85
C THR E 163 -12.27 -23.84 26.13
N LYS E 164 -11.12 -23.47 26.69
CA LYS E 164 -10.52 -24.12 27.86
C LYS E 164 -10.35 -25.60 27.61
N LEU E 165 -9.92 -25.92 26.40
CA LEU E 165 -9.73 -27.30 25.98
C LEU E 165 -8.31 -27.52 25.49
N PRO E 166 -7.80 -28.75 25.64
CA PRO E 166 -6.45 -29.00 25.12
C PRO E 166 -6.38 -28.85 23.59
N MET E 167 -5.27 -28.30 23.10
CA MET E 167 -5.15 -28.06 21.69
C MET E 167 -3.99 -28.80 21.03
N ILE E 168 -4.33 -29.38 19.88
CA ILE E 168 -3.33 -29.90 18.97
C ILE E 168 -3.31 -29.02 17.71
N VAL E 169 -2.18 -28.39 17.43
CA VAL E 169 -2.03 -27.66 16.19
C VAL E 169 -1.60 -28.61 15.10
N VAL E 170 -2.36 -28.55 14.01
CA VAL E 170 -2.20 -29.50 12.93
C VAL E 170 -1.82 -28.77 11.68
N PHE E 171 -0.55 -28.83 11.29
CA PHE E 171 -0.17 -28.22 10.04
C PHE E 171 -0.52 -29.16 8.90
N ASN E 172 -1.61 -28.83 8.22
CA ASN E 172 -2.17 -29.69 7.19
C ASN E 172 -1.51 -29.38 5.83
N LYS E 173 -1.77 -30.22 4.82
CA LYS E 173 -1.26 -30.10 3.46
C LYS E 173 0.29 -30.14 3.32
N THR E 174 0.98 -30.86 4.19
CA THR E 174 2.42 -31.06 4.09
C THR E 174 2.88 -31.68 2.78
N ASP E 175 1.98 -32.19 1.98
CA ASP E 175 2.36 -32.71 0.68
C ASP E 175 2.60 -31.54 -0.27
N VAL E 176 2.03 -30.38 0.05
CA VAL E 176 2.29 -29.17 -0.73
C VAL E 176 3.45 -28.38 -0.12
N CYS E 177 3.38 -28.24 1.18
CA CYS E 177 4.36 -27.47 1.92
C CYS E 177 4.66 -28.17 3.26
N LYS E 178 5.90 -28.62 3.44
CA LYS E 178 6.33 -29.22 4.71
C LYS E 178 6.25 -28.21 5.85
N ALA E 179 6.09 -28.74 7.06
CA ALA E 179 5.82 -27.93 8.24
C ALA E 179 7.08 -27.71 9.12
N ASP E 180 8.22 -28.19 8.64
CA ASP E 180 9.51 -27.95 9.33
C ASP E 180 9.68 -26.49 9.77
N PHE E 181 9.48 -25.54 8.86
CA PHE E 181 9.71 -24.13 9.17
C PHE E 181 8.91 -23.66 10.37
N ALA E 182 7.68 -24.15 10.47
CA ALA E 182 6.77 -23.73 11.53
C ALA E 182 7.12 -24.40 12.87
N LYS E 183 7.40 -25.70 12.81
CA LYS E 183 7.89 -26.42 13.98
C LYS E 183 9.13 -25.73 14.56
N GLU E 184 10.05 -25.32 13.67
CA GLU E 184 11.24 -24.61 14.07
C GLU E 184 10.88 -23.27 14.70
N TRP E 185 9.97 -22.54 14.08
CA TRP E 185 9.57 -21.25 14.62
C TRP E 185 8.98 -21.36 16.02
N MET E 186 8.28 -22.45 16.27
CA MET E 186 7.66 -22.66 17.57
C MET E 186 8.67 -23.21 18.57
N THR E 187 9.71 -23.87 18.06
CA THR E 187 10.67 -24.55 18.91
C THR E 187 11.84 -23.67 19.23
N ASP E 188 12.43 -23.11 18.20
CA ASP E 188 13.58 -22.25 18.37
C ASP E 188 13.17 -20.82 18.02
N PHE E 189 12.87 -20.03 19.05
CA PHE E 189 12.25 -18.75 18.82
C PHE E 189 13.18 -17.75 18.13
N GLU E 190 14.48 -17.90 18.31
CA GLU E 190 15.42 -16.99 17.66
C GLU E 190 15.30 -17.11 16.15
N SER E 191 14.87 -18.28 15.66
CA SER E 191 14.73 -18.47 14.22
C SER E 191 13.55 -17.63 13.72
N PHE E 192 12.50 -17.57 14.53
CA PHE E 192 11.33 -16.76 14.26
C PHE E 192 11.68 -15.26 14.32
N GLN E 193 12.49 -14.88 15.29
CA GLN E 193 12.94 -13.49 15.38
C GLN E 193 13.74 -13.11 14.14
N ALA E 194 14.60 -14.02 13.67
CA ALA E 194 15.36 -13.78 12.44
C ALA E 194 14.45 -13.64 11.20
N ALA E 195 13.46 -14.54 11.08
CA ALA E 195 12.53 -14.49 9.96
C ALA E 195 11.76 -13.18 9.96
N ILE E 196 11.34 -12.75 11.15
CA ILE E 196 10.62 -11.49 11.29
C ILE E 196 11.51 -10.28 10.92
N LYS E 197 12.75 -10.27 11.40
CA LYS E 197 13.65 -9.15 11.18
C LYS E 197 13.94 -9.00 9.69
N GLU E 198 14.20 -10.12 9.04
CA GLU E 198 14.40 -10.10 7.61
C GLU E 198 13.13 -9.62 6.88
N ASP E 199 12.00 -10.26 7.15
CA ASP E 199 10.74 -9.96 6.46
C ASP E 199 10.24 -8.55 6.75
N GLN E 200 10.18 -8.20 8.02
CA GLN E 200 9.51 -6.98 8.45
C GLN E 200 10.46 -5.99 9.10
N ASP E 201 10.12 -4.72 9.02
CA ASP E 201 10.92 -3.66 9.61
C ASP E 201 10.62 -3.40 11.07
N GLY E 202 11.70 -3.32 11.85
CA GLY E 202 11.75 -2.53 13.07
C GLY E 202 10.82 -2.77 14.24
N TYR E 203 9.68 -2.07 14.25
CA TYR E 203 8.90 -2.09 15.46
C TYR E 203 8.20 -3.46 15.62
N MET E 204 7.85 -4.08 14.50
CA MET E 204 7.37 -5.45 14.52
C MET E 204 8.37 -6.35 15.25
N SER E 205 9.64 -6.27 14.86
CA SER E 205 10.72 -6.98 15.55
C SER E 205 10.76 -6.72 17.06
N SER E 206 10.63 -5.46 17.48
CA SER E 206 10.54 -5.20 18.93
C SER E 206 9.42 -6.02 19.62
N LEU E 207 8.21 -5.92 19.04
CA LEU E 207 7.04 -6.58 19.64
C LEU E 207 7.29 -8.07 19.75
N VAL E 208 7.64 -8.65 18.63
CA VAL E 208 8.00 -10.04 18.58
C VAL E 208 9.01 -10.41 19.65
N ASN E 209 10.01 -9.55 19.94
CA ASN E 209 10.94 -9.84 21.04
C ASN E 209 10.27 -10.04 22.39
N SER E 210 9.49 -9.06 22.88
CA SER E 210 8.80 -9.32 24.17
C SER E 210 7.82 -10.54 24.14
N MET E 211 7.13 -10.57 23.03
CA MET E 211 6.19 -11.64 22.82
C MET E 211 6.91 -12.97 22.87
N SER E 212 8.24 -12.98 22.80
CA SER E 212 8.96 -14.25 22.80
C SER E 212 8.54 -15.03 24.01
N LEU E 213 8.64 -14.42 25.18
CA LEU E 213 8.25 -15.13 26.40
C LEU E 213 6.77 -15.47 26.35
N MET E 214 5.95 -14.49 25.95
CA MET E 214 4.52 -14.89 25.96
C MET E 214 4.12 -16.10 25.00
N LEU E 215 4.72 -16.10 23.82
CA LEU E 215 4.48 -17.11 22.82
C LEU E 215 5.06 -18.44 23.25
N GLU E 216 6.23 -18.42 23.89
CA GLU E 216 6.81 -19.67 24.35
C GLU E 216 5.82 -20.33 25.32
N GLU E 217 5.26 -19.52 26.22
CA GLU E 217 4.31 -20.02 27.17
C GLU E 217 3.09 -20.63 26.47
N PHE E 218 2.61 -19.99 25.39
CA PHE E 218 1.54 -20.59 24.60
C PHE E 218 1.95 -21.92 23.95
N TYR E 219 3.07 -21.94 23.25
CA TYR E 219 3.51 -23.13 22.53
C TYR E 219 3.74 -24.32 23.45
N SER E 220 4.12 -24.08 24.70
CA SER E 220 4.44 -25.20 25.59
C SER E 220 3.16 -25.97 25.94
N GLN E 221 2.00 -25.33 25.81
CA GLN E 221 0.71 -25.95 26.00
C GLN E 221 0.27 -26.82 24.85
N LEU E 222 0.79 -26.55 23.66
CA LEU E 222 0.29 -27.23 22.48
C LEU E 222 0.89 -28.59 22.25
N ASP E 223 0.16 -29.47 21.60
CA ASP E 223 0.92 -30.47 20.84
C ASP E 223 0.88 -30.10 19.35
N VAL E 224 1.89 -30.53 18.58
CA VAL E 224 2.06 -30.06 17.21
C VAL E 224 2.36 -31.19 16.25
N VAL E 225 1.69 -31.22 15.10
CA VAL E 225 1.91 -32.30 14.14
C VAL E 225 1.76 -31.79 12.73
N GLY E 226 2.51 -32.40 11.81
CA GLY E 226 2.33 -32.15 10.41
C GLY E 226 1.57 -33.31 9.81
N VAL E 227 0.54 -33.03 9.00
CA VAL E 227 -0.14 -34.09 8.26
C VAL E 227 -0.42 -33.70 6.81
N SER E 228 -0.51 -34.71 5.96
CA SER E 228 -1.18 -34.52 4.69
C SER E 228 -2.50 -35.29 4.74
N SER E 229 -3.61 -34.58 4.65
CA SER E 229 -4.93 -35.23 4.59
C SER E 229 -5.10 -35.95 3.24
N PHE E 230 -4.31 -35.59 2.24
CA PHE E 230 -4.35 -36.30 0.96
C PHE E 230 -3.69 -37.67 1.01
N THR E 231 -2.55 -37.78 1.69
CA THR E 231 -1.75 -39.02 1.66
C THR E 231 -1.82 -39.83 2.94
N GLY E 232 -2.34 -39.22 4.00
CA GLY E 232 -2.49 -39.90 5.28
C GLY E 232 -1.24 -39.84 6.13
N ASP E 233 -0.22 -39.18 5.59
CA ASP E 233 1.04 -39.02 6.31
C ASP E 233 0.83 -38.21 7.59
N GLY E 234 1.43 -38.65 8.67
CA GLY E 234 1.35 -37.90 9.91
C GLY E 234 0.20 -38.27 10.85
N PHE E 235 -0.78 -39.05 10.37
CA PHE E 235 -1.99 -39.25 11.19
C PHE E 235 -1.78 -40.15 12.43
N ASP E 236 -0.91 -41.16 12.31
CA ASP E 236 -0.49 -41.96 13.48
C ASP E 236 0.00 -41.03 14.60
N GLU E 237 0.83 -40.08 14.21
CA GLU E 237 1.40 -39.12 15.14
C GLU E 237 0.31 -38.25 15.73
N PHE E 238 -0.61 -37.80 14.87
CA PHE E 238 -1.75 -37.04 15.37
C PHE E 238 -2.55 -37.81 16.44
N MET E 239 -2.79 -39.12 16.22
CA MET E 239 -3.53 -39.89 17.21
C MET E 239 -2.72 -40.08 18.50
N GLN E 240 -1.41 -40.23 18.39
CA GLN E 240 -0.59 -40.19 19.64
C GLN E 240 -0.78 -38.88 20.40
N CYS E 241 -0.88 -37.77 19.69
CA CYS E 241 -1.11 -36.50 20.39
C CYS E 241 -2.50 -36.50 20.98
N VAL E 242 -3.47 -37.03 20.24
CA VAL E 242 -4.84 -37.16 20.81
C VAL E 242 -4.78 -37.95 22.15
N ASP E 243 -4.11 -39.09 22.17
CA ASP E 243 -4.07 -39.86 23.43
C ASP E 243 -3.41 -39.06 24.57
N LYS E 244 -2.28 -38.41 24.25
CA LYS E 244 -1.61 -37.57 25.26
C LYS E 244 -2.58 -36.55 25.79
N LYS E 245 -3.26 -35.86 24.87
CA LYS E 245 -4.17 -34.79 25.28
C LYS E 245 -5.32 -35.33 26.12
N VAL E 246 -5.80 -36.55 25.84
CA VAL E 246 -6.87 -37.17 26.63
C VAL E 246 -6.42 -37.48 28.07
N ASP E 247 -5.16 -37.88 28.24
CA ASP E 247 -4.52 -37.89 29.58
C ASP E 247 -4.48 -36.52 30.30
N GLU E 248 -3.85 -35.55 29.65
CA GLU E 248 -3.79 -34.20 30.19
C GLU E 248 -5.20 -33.77 30.59
N TYR E 249 -6.16 -33.87 29.65
CA TYR E 249 -7.56 -33.50 29.86
C TYR E 249 -8.02 -34.01 31.20
N ASP E 250 -7.82 -35.31 31.40
CA ASP E 250 -8.24 -35.87 32.68
C ASP E 250 -7.73 -34.96 33.81
N GLN E 251 -6.40 -34.95 33.95
CA GLN E 251 -5.78 -34.17 35.05
C GLN E 251 -6.13 -32.68 35.08
N TYR E 252 -5.60 -31.95 34.11
CA TYR E 252 -5.65 -30.49 34.05
C TYR E 252 -6.97 -29.88 33.63
N TYR E 253 -7.61 -30.48 32.62
CA TYR E 253 -8.72 -29.78 31.99
C TYR E 253 -10.07 -30.18 32.56
N LYS E 254 -10.21 -31.40 33.12
CA LYS E 254 -11.57 -31.83 33.48
C LYS E 254 -12.26 -30.90 34.49
N LYS E 255 -11.47 -30.18 35.28
CA LYS E 255 -11.98 -29.33 36.36
C LYS E 255 -12.71 -28.08 35.84
N HIS E 256 -12.53 -27.76 34.57
CA HIS E 256 -13.13 -26.54 34.02
C HIS E 256 -14.48 -26.79 33.32
N HIS E 257 -15.01 -28.00 33.45
CA HIS E 257 -16.22 -28.37 32.71
C HIS E 257 -17.23 -29.22 33.54
N HIS E 258 -18.12 -28.56 34.27
CA HIS E 258 -19.03 -29.25 35.18
C HIS E 258 -20.27 -29.82 34.46
N HIS E 259 -20.96 -30.75 35.14
CA HIS E 259 -22.30 -31.27 34.83
C HIS E 259 -22.91 -30.86 33.49
N SER F 1 15.00 46.44 43.35
CA SER F 1 13.91 45.56 42.98
C SER F 1 13.69 45.50 41.47
N LEU F 2 14.07 46.56 40.77
CA LEU F 2 13.95 46.66 39.31
C LEU F 2 14.73 45.58 38.55
N SER F 3 14.15 45.06 37.46
CA SER F 3 14.89 44.20 36.54
C SER F 3 15.07 44.88 35.18
N THR F 4 16.17 44.56 34.49
CA THR F 4 16.47 45.18 33.20
C THR F 4 16.23 44.24 32.01
N ILE F 5 15.50 44.75 31.02
CA ILE F 5 15.21 44.04 29.79
C ILE F 5 15.95 44.73 28.64
N ILE F 6 16.93 44.04 28.05
CA ILE F 6 17.65 44.62 26.91
C ILE F 6 17.16 44.01 25.59
N CYS F 7 16.65 44.86 24.71
CA CYS F 7 16.13 44.41 23.43
C CYS F 7 17.22 44.34 22.38
N ILE F 8 17.40 43.15 21.83
CA ILE F 8 18.49 42.86 20.92
C ILE F 8 17.94 42.04 19.78
N GLY F 9 18.33 42.39 18.56
CA GLY F 9 17.81 41.72 17.40
C GLY F 9 18.32 42.31 16.11
N MET F 10 18.08 41.60 15.01
CA MET F 10 18.48 42.04 13.69
C MET F 10 17.86 43.41 13.37
N ALA F 11 18.53 44.17 12.50
CA ALA F 11 17.99 45.45 12.05
C ALA F 11 16.65 45.20 11.38
N GLY F 12 15.66 46.00 11.71
CA GLY F 12 14.32 45.86 11.15
C GLY F 12 13.43 44.80 11.77
N SER F 13 13.95 44.05 12.75
CA SER F 13 13.15 42.99 13.36
C SER F 13 12.06 43.57 14.25
N GLY F 14 12.23 44.83 14.64
CA GLY F 14 11.20 45.55 15.37
C GLY F 14 11.53 45.89 16.81
N LYS F 15 12.82 45.95 17.15
CA LYS F 15 13.26 46.26 18.51
C LYS F 15 12.58 47.52 19.06
N THR F 16 12.58 48.59 18.28
CA THR F 16 12.05 49.89 18.71
C THR F 16 10.52 49.88 18.83
N THR F 17 9.85 49.21 17.90
CA THR F 17 8.40 49.08 17.92
C THR F 17 7.97 48.22 19.11
N PHE F 18 8.74 47.16 19.34
CA PHE F 18 8.54 46.27 20.47
C PHE F 18 8.71 47.06 21.76
N MET F 19 9.71 47.93 21.81
CA MET F 19 9.95 48.79 22.97
C MET F 19 8.78 49.73 23.23
N GLN F 20 8.26 50.32 22.16
CA GLN F 20 7.09 51.21 22.26
C GLN F 20 5.89 50.47 22.85
N ARG F 21 5.59 49.30 22.30
CA ARG F 21 4.44 48.53 22.74
C ARG F 21 4.62 47.97 24.17
N LEU F 22 5.84 47.56 24.50
CA LEU F 22 6.15 47.08 25.84
C LEU F 22 5.97 48.20 26.85
N ASN F 23 6.40 49.39 26.47
CA ASN F 23 6.24 50.58 27.29
C ASN F 23 4.76 50.87 27.55
N SER F 24 3.95 50.88 26.49
CA SER F 24 2.52 51.16 26.66
C SER F 24 1.82 50.07 27.48
N HIS F 25 2.25 48.83 27.29
CA HIS F 25 1.68 47.69 27.99
C HIS F 25 1.97 47.77 29.48
N LEU F 26 3.21 48.12 29.82
CA LEU F 26 3.59 48.24 31.22
C LEU F 26 2.90 49.42 31.89
N ARG F 27 2.77 50.54 31.17
CA ARG F 27 2.07 51.69 31.73
C ARG F 27 0.58 51.38 31.95
N ALA F 28 0.01 50.57 31.07
CA ALA F 28 -1.39 50.17 31.23
C ALA F 28 -1.56 49.28 32.47
N GLU F 29 -0.51 48.56 32.84
CA GLU F 29 -0.52 47.72 34.05
C GLU F 29 -0.12 48.50 35.28
N LYS F 30 -0.10 49.82 35.15
CA LYS F 30 0.29 50.73 36.23
C LYS F 30 1.71 50.46 36.73
N THR F 31 2.55 49.91 35.86
CA THR F 31 3.95 49.64 36.21
C THR F 31 4.88 50.20 35.14
N PRO F 32 4.89 51.53 34.97
CA PRO F 32 5.67 52.15 33.90
C PRO F 32 7.17 51.95 34.10
N PRO F 33 7.88 51.58 33.03
CA PRO F 33 9.31 51.30 33.12
C PRO F 33 10.18 52.55 33.06
N TYR F 34 11.45 52.38 33.43
CA TYR F 34 12.46 53.38 33.18
C TYR F 34 13.04 53.09 31.81
N VAL F 35 13.00 54.07 30.92
CA VAL F 35 13.29 53.81 29.51
C VAL F 35 14.64 54.36 29.07
N ILE F 36 15.45 53.52 28.42
CA ILE F 36 16.74 53.93 27.89
C ILE F 36 16.86 53.63 26.39
N ASN F 37 17.33 54.61 25.62
CA ASN F 37 17.65 54.39 24.22
C ASN F 37 19.15 54.46 23.97
N LEU F 38 19.70 53.41 23.37
CA LEU F 38 21.13 53.37 23.11
C LEU F 38 21.45 53.37 21.62
N ASP F 39 20.44 53.60 20.79
CA ASP F 39 20.65 53.78 19.35
C ASP F 39 20.92 55.27 19.05
N PRO F 40 22.18 55.60 18.74
CA PRO F 40 22.58 56.98 18.49
C PRO F 40 22.14 57.47 17.11
N ALA F 41 21.82 56.51 16.26
CA ALA F 41 21.51 56.81 14.87
C ALA F 41 20.03 57.07 14.62
N VAL F 42 19.17 56.78 15.59
CA VAL F 42 17.73 56.84 15.32
C VAL F 42 17.27 58.30 15.22
N LEU F 43 16.30 58.55 14.34
CA LEU F 43 15.88 59.90 14.02
C LEU F 43 14.86 60.43 15.02
N ARG F 44 13.79 59.68 15.22
CA ARG F 44 12.89 59.99 16.31
C ARG F 44 12.62 58.72 17.09
N VAL F 45 12.42 58.89 18.39
CA VAL F 45 12.06 57.78 19.24
C VAL F 45 10.57 57.88 19.54
N PRO F 46 9.80 56.83 19.19
CA PRO F 46 8.34 56.82 19.30
C PRO F 46 7.83 56.47 20.71
N TYR F 47 8.65 56.77 21.71
CA TYR F 47 8.26 56.67 23.12
C TYR F 47 9.10 57.68 23.90
N GLY F 48 8.75 57.91 25.15
CA GLY F 48 9.53 58.80 25.99
C GLY F 48 10.69 58.07 26.64
N ALA F 49 11.91 58.54 26.37
CA ALA F 49 13.10 57.92 26.96
C ALA F 49 13.62 58.76 28.12
N ASN F 50 13.95 58.08 29.22
CA ASN F 50 14.54 58.72 30.39
C ASN F 50 16.02 59.02 30.19
N ILE F 51 16.68 58.13 29.47
CA ILE F 51 18.08 58.29 29.10
C ILE F 51 18.20 57.97 27.62
N ASP F 52 18.70 58.94 26.87
CA ASP F 52 18.86 58.80 25.43
C ASP F 52 20.31 59.10 25.09
N ILE F 53 20.96 58.17 24.41
CA ILE F 53 22.37 58.32 24.07
C ILE F 53 22.58 59.53 23.15
N ARG F 54 21.54 59.89 22.40
CA ARG F 54 21.61 61.01 21.45
C ARG F 54 21.75 62.37 22.13
N ASP F 55 21.36 62.44 23.40
CA ASP F 55 21.50 63.69 24.16
C ASP F 55 22.96 64.06 24.35
N SER F 56 23.72 63.17 24.99
CA SER F 56 25.13 63.41 25.25
C SER F 56 25.98 63.37 23.99
N ILE F 57 25.50 62.67 22.98
CA ILE F 57 26.27 62.43 21.77
C ILE F 57 25.49 62.80 20.52
N LYS F 58 26.05 63.71 19.72
CA LYS F 58 25.42 64.09 18.47
C LYS F 58 25.99 63.27 17.30
N LEU F 68 34.63 57.79 9.80
CA LEU F 68 34.41 56.50 9.18
C LEU F 68 33.03 56.49 8.51
N GLY F 69 32.27 55.43 8.75
CA GLY F 69 30.94 55.28 8.17
C GLY F 69 29.92 55.00 9.24
N PRO F 70 28.91 54.17 8.91
CA PRO F 70 27.75 53.91 9.78
C PRO F 70 28.12 53.20 11.11
N ASN F 71 28.71 52.02 10.99
CA ASN F 71 28.99 51.20 12.16
C ASN F 71 30.14 51.75 13.01
N GLY F 72 31.15 52.35 12.38
CA GLY F 72 32.07 53.20 13.08
C GLY F 72 31.49 54.27 13.98
N ALA F 73 30.61 55.11 13.43
CA ALA F 73 30.03 56.21 14.21
C ALA F 73 29.15 55.66 15.31
N ILE F 74 28.42 54.59 15.02
CA ILE F 74 27.59 53.97 16.03
C ILE F 74 28.44 53.45 17.20
N VAL F 75 29.48 52.69 16.88
CA VAL F 75 30.38 52.15 17.91
C VAL F 75 31.10 53.26 18.68
N THR F 76 31.43 54.36 17.99
CA THR F 76 32.09 55.49 18.62
C THR F 76 31.16 56.18 19.63
N SER F 77 29.91 56.39 19.21
CA SER F 77 28.89 56.92 20.11
C SER F 77 28.74 56.02 21.33
N LEU F 78 28.74 54.71 21.10
CA LEU F 78 28.65 53.76 22.21
C LEU F 78 29.86 53.86 23.15
N ASN F 79 31.06 54.04 22.59
CA ASN F 79 32.26 54.26 23.40
C ASN F 79 32.13 55.46 24.33
N LEU F 80 31.80 56.60 23.71
CA LEU F 80 31.60 57.84 24.46
C LEU F 80 30.57 57.64 25.58
N PHE F 81 29.43 57.04 25.24
CA PHE F 81 28.41 56.77 26.23
C PHE F 81 28.96 55.89 27.37
N SER F 82 29.68 54.83 26.99
CA SER F 82 30.16 53.85 27.96
C SER F 82 31.14 54.48 28.95
N THR F 83 31.74 55.59 28.55
CA THR F 83 32.55 56.40 29.47
C THR F 83 31.77 56.82 30.75
N LYS F 84 30.46 57.00 30.63
CA LYS F 84 29.63 57.51 31.73
C LYS F 84 28.77 56.40 32.37
N ILE F 85 29.16 55.16 32.13
CA ILE F 85 28.31 54.03 32.50
C ILE F 85 28.10 53.91 34.02
N ASP F 86 29.11 54.27 34.83
CA ASP F 86 28.96 54.27 36.29
C ASP F 86 27.83 55.19 36.74
N GLN F 87 27.86 56.42 36.22
CA GLN F 87 26.82 57.40 36.46
C GLN F 87 25.45 56.87 36.05
N VAL F 88 25.39 56.28 34.86
CA VAL F 88 24.12 55.74 34.36
C VAL F 88 23.54 54.69 35.30
N ILE F 89 24.39 53.74 35.68
CA ILE F 89 24.01 52.66 36.58
C ILE F 89 23.53 53.22 37.91
N ARG F 90 24.24 54.21 38.44
CA ARG F 90 23.82 54.83 39.68
C ARG F 90 22.47 55.52 39.56
N LEU F 91 22.23 56.15 38.41
CA LEU F 91 20.94 56.78 38.15
C LEU F 91 19.82 55.75 38.18
N VAL F 92 20.06 54.60 37.56
CA VAL F 92 19.02 53.57 37.55
C VAL F 92 18.83 53.03 38.97
N GLU F 93 19.95 52.88 39.69
CA GLU F 93 19.95 52.39 41.06
C GLU F 93 19.08 53.26 41.96
N GLN F 94 19.21 54.57 41.82
CA GLN F 94 18.35 55.52 42.53
C GLN F 94 16.87 55.25 42.28
N LYS F 95 16.53 54.86 41.06
CA LYS F 95 15.13 54.66 40.68
C LYS F 95 14.65 53.23 40.87
N LYS F 96 15.50 52.36 41.42
CA LYS F 96 15.26 50.92 41.38
C LYS F 96 14.04 50.45 42.18
N ASP F 97 13.49 51.31 43.02
CA ASP F 97 12.27 50.94 43.75
C ASP F 97 11.08 51.76 43.28
N LYS F 98 11.30 52.58 42.26
CA LYS F 98 10.21 53.40 41.73
C LYS F 98 9.71 52.86 40.41
N PHE F 99 10.51 51.98 39.81
CA PHE F 99 10.14 51.39 38.53
C PHE F 99 10.29 49.89 38.59
N GLN F 100 9.31 49.17 38.06
CA GLN F 100 9.36 47.71 38.06
C GLN F 100 10.45 47.21 37.11
N ASN F 101 10.52 47.82 35.93
CA ASN F 101 11.53 47.45 34.95
C ASN F 101 12.28 48.63 34.37
N CYS F 102 13.53 48.38 33.99
CA CYS F 102 14.26 49.24 33.07
C CYS F 102 14.31 48.55 31.71
N ILE F 103 13.81 49.21 30.67
CA ILE F 103 13.86 48.62 29.33
C ILE F 103 14.78 49.42 28.40
N ILE F 104 15.58 48.69 27.62
CA ILE F 104 16.66 49.28 26.84
C ILE F 104 16.57 48.92 25.35
N ASP F 105 16.54 49.96 24.53
CA ASP F 105 16.62 49.83 23.08
C ASP F 105 18.06 49.97 22.62
N THR F 106 18.46 49.21 21.61
CA THR F 106 19.85 49.16 21.17
C THR F 106 20.01 49.63 19.71
N PRO F 107 21.26 49.85 19.25
CA PRO F 107 21.46 50.16 17.82
C PRO F 107 20.77 49.17 16.88
N GLY F 108 20.44 49.62 15.68
CA GLY F 108 19.79 48.79 14.69
C GLY F 108 20.55 47.52 14.42
N GLN F 109 21.87 47.65 14.29
CA GLN F 109 22.76 46.52 14.00
C GLN F 109 23.18 45.81 15.28
N ILE F 110 23.01 44.50 15.31
CA ILE F 110 23.18 43.72 16.52
C ILE F 110 24.65 43.64 16.96
N GLU F 111 25.56 43.54 15.99
CA GLU F 111 26.98 43.39 16.28
C GLU F 111 27.63 44.68 16.77
N CYS F 112 27.04 45.82 16.40
CA CYS F 112 27.47 47.11 16.96
C CYS F 112 27.37 47.06 18.48
N PHE F 113 26.35 46.38 18.98
CA PHE F 113 26.10 46.37 20.41
C PHE F 113 26.73 45.17 21.14
N VAL F 114 26.58 43.95 20.63
CA VAL F 114 27.11 42.85 21.44
C VAL F 114 28.55 42.46 21.06
N TRP F 115 29.00 42.76 19.84
CA TRP F 115 30.42 42.54 19.55
C TRP F 115 31.27 43.80 19.48
N SER F 116 30.88 44.84 20.23
CA SER F 116 31.79 45.95 20.48
C SER F 116 32.19 45.88 21.94
N ALA F 117 33.38 46.36 22.25
CA ALA F 117 33.86 46.38 23.63
C ALA F 117 32.96 47.23 24.51
N SER F 118 32.50 48.36 23.96
CA SER F 118 31.70 49.29 24.75
C SER F 118 30.29 48.75 25.00
N GLY F 119 29.71 48.09 24.01
CA GLY F 119 28.41 47.48 24.16
C GLY F 119 28.43 46.37 25.20
N ALA F 120 29.48 45.57 25.14
CA ALA F 120 29.70 44.51 26.11
C ALA F 120 29.88 45.07 27.53
N ILE F 121 30.62 46.18 27.65
CA ILE F 121 30.78 46.85 28.94
C ILE F 121 29.44 47.34 29.48
N ILE F 122 28.62 47.93 28.60
CA ILE F 122 27.32 48.46 29.03
C ILE F 122 26.42 47.33 29.54
N THR F 123 26.38 46.26 28.76
CA THR F 123 25.60 45.08 29.13
C THR F 123 26.08 44.46 30.45
N GLU F 124 27.39 44.32 30.58
CA GLU F 124 28.01 43.78 31.80
C GLU F 124 27.69 44.64 33.02
N SER F 125 27.67 45.95 32.84
CA SER F 125 27.37 46.85 33.94
C SER F 125 25.94 46.62 34.42
N PHE F 126 25.01 46.56 33.47
CA PHE F 126 23.63 46.31 33.87
C PHE F 126 23.46 44.92 34.51
N ALA F 127 24.05 43.90 33.91
CA ALA F 127 24.00 42.53 34.44
C ALA F 127 24.59 42.44 35.83
N SER F 128 25.58 43.28 36.11
CA SER F 128 26.24 43.25 37.41
C SER F 128 25.44 44.01 38.46
N SER F 129 24.55 44.90 38.04
CA SER F 129 23.80 45.63 39.07
C SER F 129 22.34 45.22 39.24
N PHE F 130 21.73 44.61 38.24
CA PHE F 130 20.32 44.21 38.31
C PHE F 130 20.11 42.87 37.63
N PRO F 131 19.02 42.17 38.00
CA PRO F 131 18.63 41.07 37.13
C PRO F 131 18.42 41.60 35.73
N THR F 132 19.08 41.02 34.73
CA THR F 132 19.01 41.51 33.37
C THR F 132 18.69 40.38 32.38
N VAL F 133 17.72 40.65 31.50
CA VAL F 133 17.21 39.66 30.57
C VAL F 133 17.34 40.14 29.13
N ILE F 134 17.82 39.28 28.23
CA ILE F 134 17.89 39.65 26.82
C ILE F 134 16.62 39.25 26.08
N ALA F 135 15.91 40.24 25.55
CA ALA F 135 14.81 39.96 24.65
C ALA F 135 15.34 39.93 23.23
N TYR F 136 15.57 38.73 22.72
CA TYR F 136 16.08 38.58 21.37
C TYR F 136 14.95 38.61 20.36
N ILE F 137 14.89 39.70 19.61
CA ILE F 137 13.78 39.95 18.70
C ILE F 137 13.99 39.33 17.32
N VAL F 138 13.06 38.48 16.91
CA VAL F 138 13.14 37.80 15.63
C VAL F 138 12.11 38.35 14.66
N ASP F 139 12.58 38.70 13.47
CA ASP F 139 11.72 39.12 12.38
C ASP F 139 11.06 37.89 11.75
N THR F 140 9.94 37.47 12.33
CA THR F 140 9.28 36.20 11.96
C THR F 140 8.96 36.05 10.48
N PRO F 141 8.35 37.07 9.84
CA PRO F 141 8.07 36.89 8.41
C PRO F 141 9.31 36.58 7.55
N ARG F 142 10.50 36.94 8.02
CA ARG F 142 11.73 36.75 7.23
C ARG F 142 12.42 35.43 7.54
N ASN F 143 11.91 34.70 8.52
CA ASN F 143 12.58 33.48 8.96
C ASN F 143 11.78 32.22 8.69
N SER F 144 11.15 32.15 7.53
CA SER F 144 10.33 30.99 7.18
C SER F 144 11.13 29.90 6.50
N SER F 145 12.24 30.29 5.90
CA SER F 145 13.19 29.32 5.38
C SER F 145 13.87 28.62 6.57
N PRO F 146 13.90 27.28 6.57
CA PRO F 146 14.47 26.54 7.70
C PRO F 146 15.95 26.87 7.93
N THR F 147 16.72 27.07 6.86
CA THR F 147 18.13 27.42 6.98
C THR F 147 18.33 28.82 7.56
N THR F 148 17.50 29.77 7.12
CA THR F 148 17.56 31.13 7.65
C THR F 148 17.22 31.12 9.14
N PHE F 149 16.12 30.43 9.46
CA PHE F 149 15.72 30.27 10.85
C PHE F 149 16.86 29.69 11.70
N MET F 150 17.49 28.62 11.20
CA MET F 150 18.54 27.97 11.97
C MET F 150 19.76 28.87 12.17
N SER F 151 20.17 29.57 11.11
CA SER F 151 21.27 30.53 11.21
C SER F 151 20.97 31.59 12.26
N ASN F 152 19.75 32.12 12.21
CA ASN F 152 19.32 33.11 13.17
C ASN F 152 19.42 32.56 14.59
N MET F 153 19.02 31.29 14.75
CA MET F 153 19.03 30.66 16.06
C MET F 153 20.46 30.40 16.58
N LEU F 154 21.36 30.02 15.67
CA LEU F 154 22.77 29.88 16.00
C LEU F 154 23.32 31.21 16.47
N TYR F 155 22.90 32.26 15.80
CA TYR F 155 23.32 33.61 16.15
C TYR F 155 22.86 33.94 17.57
N ALA F 156 21.59 33.65 17.84
CA ALA F 156 21.04 33.88 19.17
C ALA F 156 21.80 33.07 20.22
N CYS F 157 22.23 31.88 19.85
CA CYS F 157 22.96 31.04 20.78
C CYS F 157 24.32 31.66 21.11
N SER F 158 25.02 32.11 20.07
CA SER F 158 26.29 32.79 20.25
C SER F 158 26.13 34.04 21.14
N ILE F 159 24.98 34.71 21.02
CA ILE F 159 24.70 35.87 21.87
C ILE F 159 24.46 35.46 23.31
N LEU F 160 23.68 34.39 23.48
CA LEU F 160 23.41 33.79 24.80
C LEU F 160 24.74 33.54 25.52
N TYR F 161 25.66 32.89 24.82
CA TYR F 161 26.98 32.58 25.37
C TYR F 161 27.85 33.81 25.65
N LYS F 162 27.89 34.72 24.69
CA LYS F 162 28.67 35.96 24.79
C LYS F 162 28.26 36.80 26.00
N THR F 163 26.95 36.92 26.22
CA THR F 163 26.43 37.83 27.24
C THR F 163 26.29 37.17 28.59
N LYS F 164 26.17 35.84 28.61
CA LYS F 164 25.93 35.05 29.81
C LYS F 164 24.72 35.57 30.56
N LEU F 165 23.66 35.86 29.79
CA LEU F 165 22.41 36.36 30.35
C LEU F 165 21.26 35.46 29.90
N PRO F 166 20.20 35.39 30.71
CA PRO F 166 19.01 34.64 30.29
C PRO F 166 18.40 35.23 29.01
N MET F 167 17.91 34.36 28.14
CA MET F 167 17.35 34.81 26.89
C MET F 167 15.89 34.40 26.65
N ILE F 168 15.13 35.41 26.21
CA ILE F 168 13.78 35.21 25.71
C ILE F 168 13.77 35.45 24.21
N VAL F 169 13.53 34.41 23.42
CA VAL F 169 13.33 34.60 22.00
C VAL F 169 11.91 35.08 21.75
N VAL F 170 11.82 36.21 21.06
CA VAL F 170 10.56 36.87 20.80
C VAL F 170 10.28 36.88 19.31
N PHE F 171 9.39 36.03 18.85
CA PHE F 171 9.01 36.06 17.45
C PHE F 171 8.01 37.19 17.21
N ASN F 172 8.54 38.28 16.67
CA ASN F 172 7.76 39.51 16.51
C ASN F 172 6.95 39.49 15.22
N LYS F 173 6.02 40.44 15.07
CA LYS F 173 5.20 40.62 13.86
C LYS F 173 4.22 39.46 13.56
N THR F 174 3.70 38.82 14.61
CA THR F 174 2.80 37.67 14.41
C THR F 174 1.49 38.05 13.71
N ASP F 175 1.23 39.34 13.62
CA ASP F 175 0.07 39.81 12.84
C ASP F 175 0.29 39.63 11.34
N VAL F 176 1.55 39.58 10.91
CA VAL F 176 1.88 39.30 9.52
C VAL F 176 2.08 37.79 9.33
N CYS F 177 2.82 37.18 10.24
CA CYS F 177 3.16 35.77 10.16
C CYS F 177 3.16 35.14 11.54
N LYS F 178 2.27 34.18 11.76
CA LYS F 178 2.20 33.51 13.05
C LYS F 178 3.47 32.71 13.30
N ALA F 179 3.78 32.49 14.57
CA ALA F 179 5.05 31.87 14.98
C ALA F 179 4.92 30.39 15.30
N ASP F 180 3.75 29.83 15.00
CA ASP F 180 3.50 28.40 15.23
C ASP F 180 4.60 27.53 14.65
N PHE F 181 4.93 27.74 13.37
CA PHE F 181 5.92 26.93 12.69
C PHE F 181 7.25 26.89 13.45
N ALA F 182 7.64 28.04 14.01
CA ALA F 182 8.95 28.14 14.67
C ALA F 182 8.90 27.45 16.02
N LYS F 183 7.83 27.70 16.77
CA LYS F 183 7.63 27.03 18.05
C LYS F 183 7.67 25.52 17.85
N GLU F 184 7.08 25.06 16.76
CA GLU F 184 7.08 23.65 16.44
C GLU F 184 8.48 23.17 16.15
N TRP F 185 9.20 23.91 15.32
CA TRP F 185 10.57 23.56 14.97
C TRP F 185 11.49 23.46 16.19
N MET F 186 11.23 24.29 17.21
CA MET F 186 12.05 24.30 18.41
C MET F 186 11.60 23.21 19.38
N THR F 187 10.33 22.84 19.26
CA THR F 187 9.73 21.88 20.18
C THR F 187 9.87 20.46 19.67
N ASP F 188 9.45 20.25 18.44
CA ASP F 188 9.47 18.92 17.85
C ASP F 188 10.50 18.91 16.74
N PHE F 189 11.69 18.41 17.06
CA PHE F 189 12.82 18.60 16.15
C PHE F 189 12.69 17.81 14.86
N GLU F 190 11.97 16.70 14.90
CA GLU F 190 11.75 15.91 13.68
C GLU F 190 10.99 16.72 12.62
N SER F 191 10.19 17.69 13.05
CA SER F 191 9.48 18.55 12.10
C SER F 191 10.47 19.46 11.39
N PHE F 192 11.46 19.94 12.16
CA PHE F 192 12.51 20.77 11.59
C PHE F 192 13.35 19.96 10.62
N GLN F 193 13.69 18.72 11.00
CA GLN F 193 14.43 17.83 10.09
C GLN F 193 13.65 17.61 8.81
N ALA F 194 12.34 17.42 8.91
CA ALA F 194 11.47 17.25 7.74
C ALA F 194 11.46 18.49 6.83
N ALA F 195 11.28 19.67 7.43
CA ALA F 195 11.38 20.94 6.70
C ALA F 195 12.73 21.12 6.01
N ILE F 196 13.82 20.78 6.69
CA ILE F 196 15.16 20.86 6.09
C ILE F 196 15.31 19.88 4.92
N LYS F 197 14.83 18.64 5.11
CA LYS F 197 15.00 17.59 4.08
C LYS F 197 14.25 17.95 2.82
N GLU F 198 13.05 18.49 2.99
CA GLU F 198 12.29 18.97 1.86
C GLU F 198 12.95 20.18 1.18
N ASP F 199 13.24 21.22 1.97
CA ASP F 199 13.83 22.46 1.46
C ASP F 199 15.23 22.27 0.86
N GLN F 200 16.11 21.59 1.60
CA GLN F 200 17.52 21.50 1.23
C GLN F 200 18.00 20.08 0.97
N ASP F 201 19.01 19.96 0.13
CA ASP F 201 19.62 18.67 -0.18
C ASP F 201 20.62 18.16 0.80
N GLY F 202 20.56 16.86 1.05
CA GLY F 202 21.76 16.12 1.37
C GLY F 202 22.53 16.60 2.58
N TYR F 203 23.72 17.16 2.36
CA TYR F 203 24.66 17.34 3.46
C TYR F 203 24.05 18.20 4.58
N MET F 204 23.26 19.20 4.20
CA MET F 204 22.60 20.07 5.17
C MET F 204 21.66 19.24 6.09
N SER F 205 20.86 18.33 5.52
CA SER F 205 20.02 17.44 6.32
C SER F 205 20.89 16.63 7.26
N SER F 206 21.95 16.04 6.70
CA SER F 206 22.84 15.24 7.54
C SER F 206 23.34 16.11 8.68
N LEU F 207 23.71 17.33 8.33
CA LEU F 207 24.29 18.25 9.31
C LEU F 207 23.30 18.41 10.46
N VAL F 208 22.10 18.83 10.07
CA VAL F 208 21.03 19.14 10.99
C VAL F 208 20.67 17.96 11.92
N ASN F 209 20.88 16.73 11.45
CA ASN F 209 20.69 15.59 12.33
C ASN F 209 21.54 15.63 13.61
N SER F 210 22.86 15.74 13.46
CA SER F 210 23.73 15.76 14.65
C SER F 210 23.42 16.95 15.55
N MET F 211 23.26 18.07 14.87
CA MET F 211 22.94 19.30 15.56
C MET F 211 21.68 19.17 16.38
N SER F 212 20.84 18.16 16.07
CA SER F 212 19.58 17.97 16.78
C SER F 212 19.89 18.03 18.24
N LEU F 213 20.80 17.17 18.69
CA LEU F 213 21.10 17.15 20.13
C LEU F 213 21.62 18.52 20.62
N MET F 214 22.58 19.08 19.90
CA MET F 214 23.11 20.40 20.29
C MET F 214 21.99 21.46 20.36
N LEU F 215 21.16 21.51 19.32
CA LEU F 215 20.12 22.55 19.27
C LEU F 215 19.08 22.34 20.38
N GLU F 216 18.81 21.07 20.71
CA GLU F 216 17.81 20.82 21.76
C GLU F 216 18.34 21.42 23.07
N GLU F 217 19.63 21.20 23.30
CA GLU F 217 20.27 21.77 24.47
C GLU F 217 20.20 23.30 24.50
N PHE F 218 20.32 23.94 23.34
CA PHE F 218 20.15 25.39 23.29
C PHE F 218 18.72 25.78 23.62
N TYR F 219 17.76 25.12 22.96
CA TYR F 219 16.36 25.56 23.07
C TYR F 219 15.83 25.41 24.49
N SER F 220 16.34 24.42 25.22
CA SER F 220 15.86 24.17 26.57
C SER F 220 16.19 25.33 27.51
N GLN F 221 17.18 26.14 27.12
CA GLN F 221 17.58 27.28 27.92
C GLN F 221 16.67 28.50 27.71
N LEU F 222 16.05 28.54 26.54
CA LEU F 222 15.32 29.73 26.13
C LEU F 222 13.92 29.77 26.69
N ASP F 223 13.38 30.97 26.85
CA ASP F 223 11.93 31.04 26.85
C ASP F 223 11.51 31.63 25.52
N VAL F 224 10.31 31.32 25.07
CA VAL F 224 9.89 31.63 23.71
C VAL F 224 8.47 32.22 23.68
N VAL F 225 8.31 33.35 23.01
CA VAL F 225 6.98 33.95 22.89
C VAL F 225 6.75 34.51 21.50
N GLY F 226 5.49 34.53 21.08
CA GLY F 226 5.13 35.22 19.86
C GLY F 226 4.42 36.49 20.24
N VAL F 227 4.79 37.60 19.62
CA VAL F 227 4.08 38.86 19.86
C VAL F 227 3.83 39.59 18.56
N SER F 228 2.84 40.47 18.59
CA SER F 228 2.73 41.52 17.60
C SER F 228 2.92 42.84 18.31
N SER F 229 3.97 43.56 17.94
CA SER F 229 4.19 44.87 18.51
C SER F 229 3.17 45.88 17.98
N PHE F 230 2.51 45.54 16.88
CA PHE F 230 1.44 46.39 16.35
C PHE F 230 0.16 46.31 17.17
N THR F 231 -0.23 45.10 17.56
CA THR F 231 -1.53 44.89 18.24
C THR F 231 -1.41 44.68 19.75
N GLY F 232 -0.20 44.40 20.24
CA GLY F 232 0.00 44.18 21.66
C GLY F 232 -0.26 42.74 22.05
N ASP F 233 -0.63 41.92 21.07
CA ASP F 233 -0.86 40.51 21.32
C ASP F 233 0.43 39.84 21.78
N GLY F 234 0.31 39.04 22.83
CA GLY F 234 1.42 38.23 23.32
C GLY F 234 2.27 38.86 24.41
N PHE F 235 2.03 40.12 24.74
CA PHE F 235 2.95 40.83 25.65
C PHE F 235 2.79 40.42 27.11
N ASP F 236 1.57 40.13 27.54
CA ASP F 236 1.33 39.53 28.86
C ASP F 236 2.21 38.29 29.04
N GLU F 237 2.19 37.44 28.03
CA GLU F 237 3.00 36.22 28.03
C GLU F 237 4.49 36.55 28.09
N PHE F 238 4.92 37.53 27.32
CA PHE F 238 6.31 37.98 27.36
C PHE F 238 6.71 38.40 28.76
N MET F 239 5.84 39.14 29.45
CA MET F 239 6.18 39.58 30.79
C MET F 239 6.22 38.41 31.77
N GLN F 240 5.40 37.39 31.54
CA GLN F 240 5.52 36.18 32.36
C GLN F 240 6.89 35.53 32.16
N CYS F 241 7.33 35.46 30.90
CA CYS F 241 8.68 34.96 30.62
C CYS F 241 9.75 35.82 31.29
N VAL F 242 9.53 37.14 31.35
CA VAL F 242 10.47 38.02 32.03
C VAL F 242 10.55 37.65 33.51
N ASP F 243 9.41 37.49 34.17
CA ASP F 243 9.44 37.15 35.60
C ASP F 243 10.16 35.82 35.83
N LYS F 244 9.85 34.82 35.00
CA LYS F 244 10.52 33.53 35.08
C LYS F 244 12.04 33.71 34.96
N LYS F 245 12.46 34.49 33.96
CA LYS F 245 13.88 34.69 33.72
C LYS F 245 14.55 35.47 34.85
N VAL F 246 13.81 36.35 35.51
CA VAL F 246 14.36 37.08 36.65
C VAL F 246 14.62 36.12 37.82
N ASP F 247 13.71 35.17 38.03
CA ASP F 247 13.96 34.08 38.98
C ASP F 247 15.21 33.24 38.66
N GLU F 248 15.24 32.71 37.44
CA GLU F 248 16.39 31.96 36.96
C GLU F 248 17.66 32.78 37.17
N TYR F 249 17.65 34.02 36.71
CA TYR F 249 18.79 34.94 36.85
C TYR F 249 19.33 34.90 38.25
N ASP F 250 18.44 35.10 39.23
CA ASP F 250 18.87 35.05 40.62
C ASP F 250 19.73 33.79 40.80
N GLN F 251 19.07 32.63 40.71
CA GLN F 251 19.77 31.36 40.97
C GLN F 251 21.01 31.11 40.09
N TYR F 252 20.78 30.86 38.82
CA TYR F 252 21.78 30.42 37.86
C TYR F 252 22.73 31.50 37.37
N TYR F 253 22.21 32.68 37.05
CA TYR F 253 23.01 33.64 36.32
C TYR F 253 23.72 34.65 37.22
N LYS F 254 23.22 34.92 38.44
CA LYS F 254 23.85 36.02 39.18
C LYS F 254 25.35 35.80 39.47
N LYS F 255 25.77 34.54 39.48
CA LYS F 255 27.15 34.18 39.82
C LYS F 255 28.17 34.58 38.76
N HIS F 256 27.69 34.90 37.56
CA HIS F 256 28.59 35.21 36.45
C HIS F 256 28.86 36.72 36.30
N HIS F 257 28.40 37.52 37.26
CA HIS F 257 28.47 38.97 37.09
C HIS F 257 28.82 39.78 38.35
N HIS F 258 30.07 40.21 38.45
CA HIS F 258 30.50 41.12 39.53
C HIS F 258 31.41 42.24 39.01
#